data_6FDI
#
_entry.id   6FDI
#
_cell.length_a   98.804
_cell.length_b   111.042
_cell.length_c   161.089
_cell.angle_alpha   90.00
_cell.angle_beta   90.00
_cell.angle_gamma   90.00
#
_symmetry.space_group_name_H-M   'P 21 21 21'
#
loop_
_entity.id
_entity.type
_entity.pdbx_description
1 polymer "cAMP-specific 3',5'-cyclic phosphodiesterase 4D"
2 non-polymer 'ZINC ION'
3 non-polymer 'MAGNESIUM ION'
4 non-polymer 1,2-ETHANEDIOL
5 non-polymer DI(HYDROXYETHYL)ETHER
6 non-polymer '1-[2-[4-[(4~{a}~{S},8~{a}~{R})-4-(3,4-dimethoxyphenyl)-1-oxidanylidene-4~{a},5,8,8~{a}-tetrahydrophthalazin-2-yl]piperi din-1-yl]-2-oxidanylidene-ethyl]-4,4-dimethyl-piperidine-2,6-dione'
7 non-polymer '4-(2-HYDROXYETHYL)-1-PIPERAZINE ETHANESULFONIC ACID'
8 non-polymer 'TETRAETHYLENE GLYCOL'
9 water water
#
_entity_poly.entity_id   1
_entity_poly.type   'polypeptide(L)'
_entity_poly.pdbx_seq_one_letter_code
;GSHMIPRFGVKTEQEDVLAKELEDVNKWGLHVFRIAELSGNRPLTVIMHTIFQERDLLKTFKIPVDTLITYLMTLEDHYH
ADVAYHNNIHAADVVQSTHVLLSTPALEAVFTDLEILAAIFASAIHDVDHPGVSNQFLINTNSELALMYNDSSVLENHHL
AVGFKLLQEENCDIFQNLTKKQRQSLRKMVIDIVLATDMSKHMNLLADLKTMVETKKVTSSGVLLLDNYSDRIQVLQNMV
HCADLSNPTKPLQLYRQWTDRIMEEFFRQGDRERERGMEISPMCDKHNASVEKSQVGFIDYIVHPLWETWADLVHPDAQD
ILDTLEDNREWYQSTIPQSPSPAPDDPEEGRQGQTEKFQFELTL
;
_entity_poly.pdbx_strand_id   A,B,C,D
#
loop_
_chem_comp.id
_chem_comp.type
_chem_comp.name
_chem_comp.formula
D5T non-polymer '1-[2-[4-[(4~{a}~{S},8~{a}~{R})-4-(3,4-dimethoxyphenyl)-1-oxidanylidene-4~{a},5,8,8~{a}-tetrahydrophthalazin-2-yl]piperi din-1-yl]-2-oxidanylidene-ethyl]-4,4-dimethyl-piperidine-2,6-dione' 'C30 H38 N4 O6'
EDO non-polymer 1,2-ETHANEDIOL 'C2 H6 O2'
EPE non-polymer '4-(2-HYDROXYETHYL)-1-PIPERAZINE ETHANESULFONIC ACID' 'C8 H18 N2 O4 S'
MG non-polymer 'MAGNESIUM ION' 'Mg 2'
PEG non-polymer DI(HYDROXYETHYL)ETHER 'C4 H10 O3'
PG4 non-polymer 'TETRAETHYLENE GLYCOL' 'C8 H18 O5'
ZN non-polymer 'ZINC ION' 'Zn 2'
#
# COMPACT_ATOMS: atom_id res chain seq x y z
N PHE A 8 -2.64 -45.18 -4.71
CA PHE A 8 -2.40 -45.64 -3.31
C PHE A 8 -2.86 -44.54 -2.32
N GLY A 9 -3.89 -44.81 -1.50
CA GLY A 9 -4.37 -43.84 -0.45
C GLY A 9 -3.63 -43.84 0.90
N VAL A 10 -2.34 -44.15 0.81
CA VAL A 10 -1.44 -44.49 1.91
C VAL A 10 -0.19 -43.61 1.73
N LYS A 11 0.43 -43.16 2.83
CA LYS A 11 1.60 -42.26 2.75
C LYS A 11 2.73 -42.85 1.87
N THR A 12 3.51 -41.95 1.25
CA THR A 12 4.79 -42.26 0.65
C THR A 12 5.75 -42.63 1.79
N GLU A 13 6.92 -43.18 1.47
CA GLU A 13 7.90 -43.50 2.53
C GLU A 13 8.47 -42.22 3.17
N GLN A 14 8.72 -41.19 2.36
CA GLN A 14 9.20 -39.91 2.93
C GLN A 14 8.14 -39.29 3.86
N GLU A 15 6.85 -39.34 3.49
CA GLU A 15 5.77 -38.91 4.37
C GLU A 15 5.65 -39.76 5.65
N ASP A 16 5.96 -41.05 5.59
CA ASP A 16 6.01 -41.90 6.77
C ASP A 16 7.15 -41.50 7.69
N VAL A 17 8.33 -41.22 7.11
CA VAL A 17 9.48 -40.82 7.93
C VAL A 17 9.18 -39.46 8.64
N LEU A 18 8.56 -38.56 7.90
CA LEU A 18 8.11 -37.27 8.45
C LEU A 18 7.10 -37.46 9.56
N ALA A 19 6.11 -38.31 9.37
CA ALA A 19 5.08 -38.57 10.38
C ALA A 19 5.68 -39.11 11.66
N LYS A 20 6.70 -39.97 11.53
CA LYS A 20 7.41 -40.48 12.70
C LYS A 20 8.19 -39.34 13.45
N GLU A 21 8.87 -38.46 12.73
CA GLU A 21 9.52 -37.30 13.38
C GLU A 21 8.50 -36.42 14.13
N LEU A 22 7.33 -36.26 13.52
CA LEU A 22 6.27 -35.41 14.07
C LEU A 22 5.63 -36.00 15.32
N GLU A 23 5.87 -37.28 15.63
CA GLU A 23 5.50 -37.82 16.95
C GLU A 23 6.18 -37.09 18.12
N ASP A 24 7.32 -36.44 17.87
CA ASP A 24 7.98 -35.62 18.89
C ASP A 24 7.42 -34.17 19.03
N VAL A 25 6.29 -33.87 18.40
CA VAL A 25 5.76 -32.47 18.36
C VAL A 25 5.47 -31.89 19.74
N ASN A 26 5.20 -32.77 20.73
CA ASN A 26 4.94 -32.27 22.08
C ASN A 26 6.21 -32.17 22.92
N LYS A 27 7.38 -32.42 22.32
CA LYS A 27 8.64 -32.43 23.06
C LYS A 27 9.57 -31.25 22.77
N TRP A 28 10.20 -30.71 23.80
CA TRP A 28 11.25 -29.71 23.63
C TRP A 28 12.41 -30.39 22.91
N GLY A 29 12.92 -29.82 21.84
CA GLY A 29 13.99 -30.49 21.13
C GLY A 29 13.60 -31.33 19.92
N LEU A 30 12.37 -31.14 19.45
CA LEU A 30 11.93 -31.67 18.16
C LEU A 30 13.02 -31.44 17.09
N HIS A 31 13.25 -32.42 16.22
N HIS A 31 13.27 -32.43 16.21
CA HIS A 31 14.19 -32.29 15.14
CA HIS A 31 14.29 -32.17 15.16
C HIS A 31 13.64 -31.43 13.98
C HIS A 31 13.66 -31.42 13.98
N VAL A 32 13.53 -30.13 14.23
CA VAL A 32 12.86 -29.24 13.30
C VAL A 32 13.58 -29.09 11.98
N PHE A 33 14.92 -29.14 11.97
CA PHE A 33 15.64 -29.06 10.70
C PHE A 33 15.40 -30.31 9.84
N ARG A 34 15.35 -31.46 10.47
CA ARG A 34 15.05 -32.71 9.78
C ARG A 34 13.61 -32.67 9.22
N ILE A 35 12.67 -32.13 10.01
CA ILE A 35 11.30 -31.95 9.52
C ILE A 35 11.25 -31.03 8.32
N ALA A 36 12.04 -29.97 8.35
CA ALA A 36 12.11 -29.07 7.19
C ALA A 36 12.57 -29.81 5.92
N GLU A 37 13.61 -30.62 6.06
CA GLU A 37 14.12 -31.41 4.91
C GLU A 37 13.09 -32.41 4.45
N LEU A 38 12.53 -33.17 5.36
CA LEU A 38 11.60 -34.27 5.03
C LEU A 38 10.29 -33.80 4.45
N SER A 39 9.86 -32.58 4.85
CA SER A 39 8.61 -32.04 4.34
C SER A 39 8.75 -31.25 3.03
N GLY A 40 9.94 -31.21 2.42
CA GLY A 40 10.17 -30.42 1.20
C GLY A 40 10.12 -28.92 1.49
N ASN A 41 10.72 -28.54 2.60
CA ASN A 41 10.74 -27.15 3.10
C ASN A 41 9.34 -26.63 3.44
N ARG A 42 8.54 -27.47 4.07
CA ARG A 42 7.26 -27.09 4.64
C ARG A 42 7.15 -27.33 6.14
N PRO A 43 8.21 -27.00 6.93
CA PRO A 43 8.10 -27.27 8.35
C PRO A 43 6.96 -26.49 9.03
N LEU A 44 6.73 -25.24 8.60
CA LEU A 44 5.69 -24.43 9.23
C LEU A 44 4.31 -25.02 8.94
N THR A 45 4.08 -25.41 7.70
CA THR A 45 2.77 -25.96 7.30
C THR A 45 2.51 -27.27 8.03
N VAL A 46 3.49 -28.20 8.03
CA VAL A 46 3.25 -29.50 8.65
C VAL A 46 3.19 -29.42 10.15
N ILE A 47 4.02 -28.61 10.78
CA ILE A 47 3.98 -28.46 12.23
C ILE A 47 2.67 -27.77 12.67
N MET A 48 2.28 -26.69 11.99
CA MET A 48 0.99 -26.05 12.31
C MET A 48 -0.18 -26.99 12.14
N HIS A 49 -0.22 -27.74 11.05
CA HIS A 49 -1.32 -28.65 10.84
C HIS A 49 -1.41 -29.71 11.94
N THR A 50 -0.27 -30.28 12.30
CA THR A 50 -0.21 -31.26 13.36
C THR A 50 -0.73 -30.70 14.68
N ILE A 51 -0.34 -29.49 15.00
CA ILE A 51 -0.74 -28.84 16.21
C ILE A 51 -2.22 -28.53 16.21
N PHE A 52 -2.72 -28.04 15.10
CA PHE A 52 -4.14 -27.73 14.99
C PHE A 52 -4.99 -29.00 15.18
N GLN A 53 -4.55 -30.08 14.58
CA GLN A 53 -5.25 -31.36 14.70
C GLN A 53 -5.18 -31.86 16.14
N GLU A 54 -3.99 -31.83 16.69
CA GLU A 54 -3.74 -32.30 18.04
C GLU A 54 -4.56 -31.53 19.08
N ARG A 55 -4.71 -30.24 18.91
CA ARG A 55 -5.48 -29.41 19.82
C ARG A 55 -6.93 -29.26 19.40
N ASP A 56 -7.34 -30.01 18.38
CA ASP A 56 -8.70 -30.02 17.85
C ASP A 56 -9.22 -28.62 17.45
N LEU A 57 -8.35 -27.78 16.97
CA LEU A 57 -8.70 -26.41 16.61
C LEU A 57 -9.56 -26.30 15.32
N LEU A 58 -9.47 -27.26 14.44
CA LEU A 58 -10.28 -27.22 13.23
C LEU A 58 -11.75 -27.37 13.58
N LYS A 59 -12.04 -28.35 14.38
CA LYS A 59 -13.41 -28.55 14.85
C LYS A 59 -13.89 -27.38 15.70
N THR A 60 -13.09 -26.97 16.66
CA THR A 60 -13.52 -25.90 17.59
C THR A 60 -13.86 -24.59 16.87
N PHE A 61 -13.04 -24.22 15.88
CA PHE A 61 -13.21 -22.94 15.19
C PHE A 61 -13.79 -23.11 13.79
N LYS A 62 -14.23 -24.34 13.47
CA LYS A 62 -14.90 -24.65 12.20
C LYS A 62 -14.05 -24.19 11.03
N ILE A 63 -12.78 -24.57 11.09
CA ILE A 63 -11.84 -24.17 10.05
C ILE A 63 -11.85 -25.27 8.98
N PRO A 64 -12.23 -24.93 7.73
CA PRO A 64 -12.13 -25.96 6.69
C PRO A 64 -10.67 -26.38 6.45
N VAL A 65 -10.43 -27.67 6.38
CA VAL A 65 -9.08 -28.18 6.25
C VAL A 65 -8.32 -27.65 5.04
N ASP A 66 -8.96 -27.62 3.90
CA ASP A 66 -8.32 -27.04 2.68
C ASP A 66 -7.95 -25.56 2.84
N THR A 67 -8.81 -24.80 3.49
CA THR A 67 -8.54 -23.41 3.77
C THR A 67 -7.31 -23.29 4.70
N LEU A 68 -7.25 -24.12 5.72
CA LEU A 68 -6.10 -24.13 6.66
C LEU A 68 -4.82 -24.40 5.90
N ILE A 69 -4.81 -25.45 5.09
CA ILE A 69 -3.60 -25.83 4.36
C ILE A 69 -3.21 -24.74 3.35
N THR A 70 -4.18 -24.17 2.66
CA THR A 70 -3.89 -23.09 1.70
C THR A 70 -3.28 -21.87 2.38
N TYR A 71 -3.90 -21.44 3.49
CA TYR A 71 -3.35 -20.35 4.26
C TYR A 71 -1.93 -20.64 4.77
N LEU A 72 -1.73 -21.83 5.33
CA LEU A 72 -0.43 -22.17 5.87
C LEU A 72 0.67 -22.15 4.81
N MET A 73 0.38 -22.74 3.66
CA MET A 73 1.36 -22.73 2.57
C MET A 73 1.65 -21.31 2.10
N THR A 74 0.59 -20.48 2.02
CA THR A 74 0.73 -19.09 1.66
C THR A 74 1.60 -18.32 2.65
N LEU A 75 1.30 -18.49 3.95
CA LEU A 75 2.08 -17.85 5.01
C LEU A 75 3.54 -18.30 4.91
N GLU A 76 3.74 -19.60 4.79
CA GLU A 76 5.12 -20.12 4.70
C GLU A 76 5.88 -19.58 3.49
N ASP A 77 5.18 -19.46 2.38
CA ASP A 77 5.68 -18.92 1.14
C ASP A 77 6.15 -17.45 1.31
N HIS A 78 5.63 -16.73 2.30
CA HIS A 78 6.01 -15.35 2.54
C HIS A 78 7.17 -15.16 3.50
N TYR A 79 7.69 -16.25 4.00
CA TYR A 79 8.92 -16.23 4.73
C TYR A 79 9.99 -16.35 3.61
N HIS A 80 11.09 -15.66 3.77
CA HIS A 80 12.15 -15.67 2.76
C HIS A 80 13.11 -16.80 2.95
N ALA A 81 13.24 -17.61 1.93
CA ALA A 81 14.13 -18.73 1.93
C ALA A 81 15.60 -18.31 1.81
N ASP A 82 15.88 -17.10 1.34
CA ASP A 82 17.21 -16.57 1.25
C ASP A 82 17.68 -15.81 2.49
N VAL A 83 16.98 -15.97 3.59
CA VAL A 83 17.30 -15.35 4.86
C VAL A 83 17.74 -16.48 5.79
N ALA A 84 18.93 -16.37 6.34
CA ALA A 84 19.46 -17.48 7.13
C ALA A 84 18.76 -17.88 8.41
N TYR A 85 18.34 -16.90 9.17
CA TYR A 85 17.69 -17.20 10.43
C TYR A 85 16.19 -16.94 10.40
N HIS A 86 15.80 -15.73 10.05
CA HIS A 86 14.38 -15.33 10.08
C HIS A 86 13.57 -15.83 8.87
N ASN A 87 13.44 -17.16 8.85
CA ASN A 87 12.79 -17.89 7.78
C ASN A 87 11.71 -18.80 8.37
N ASN A 88 11.11 -19.59 7.50
CA ASN A 88 10.04 -20.51 7.87
C ASN A 88 10.43 -21.55 8.92
N ILE A 89 11.71 -21.93 8.99
CA ILE A 89 12.13 -22.92 9.98
C ILE A 89 12.09 -22.27 11.35
N HIS A 90 12.56 -21.03 11.47
CA HIS A 90 12.42 -20.30 12.71
C HIS A 90 10.95 -20.14 13.12
N ALA A 91 10.09 -19.77 12.17
CA ALA A 91 8.65 -19.65 12.48
C ALA A 91 8.10 -20.99 13.02
N ALA A 92 8.42 -22.08 12.34
CA ALA A 92 7.97 -23.39 12.78
C ALA A 92 8.45 -23.74 14.19
N ASP A 93 9.71 -23.39 14.48
CA ASP A 93 10.32 -23.63 15.76
C ASP A 93 9.64 -22.84 16.88
N VAL A 94 9.33 -21.57 16.61
CA VAL A 94 8.63 -20.75 17.61
C VAL A 94 7.19 -21.26 17.86
N VAL A 95 6.50 -21.65 16.78
CA VAL A 95 5.21 -22.29 16.89
C VAL A 95 5.25 -23.50 17.83
N GLN A 96 6.18 -24.39 17.55
CA GLN A 96 6.24 -25.67 18.28
C GLN A 96 6.69 -25.45 19.73
N SER A 97 7.59 -24.49 19.95
CA SER A 97 8.04 -24.17 21.28
C SER A 97 6.91 -23.54 22.10
N THR A 98 6.14 -22.65 21.48
CA THR A 98 4.93 -22.11 22.12
C THR A 98 3.93 -23.22 22.47
N HIS A 99 3.73 -24.15 21.54
CA HIS A 99 2.86 -25.28 21.75
C HIS A 99 3.27 -26.11 23.01
N VAL A 100 4.57 -26.32 23.17
CA VAL A 100 5.06 -27.03 24.37
C VAL A 100 4.84 -26.20 25.63
N LEU A 101 5.14 -24.92 25.57
CA LEU A 101 4.97 -24.05 26.75
C LEU A 101 3.52 -23.93 27.18
N LEU A 102 2.60 -23.91 26.21
CA LEU A 102 1.17 -23.88 26.53
C LEU A 102 0.70 -25.13 27.28
N SER A 103 1.36 -26.26 27.06
CA SER A 103 1.05 -27.52 27.76
C SER A 103 1.72 -27.65 29.12
N THR A 104 2.42 -26.64 29.62
CA THR A 104 3.10 -26.76 30.92
C THR A 104 2.10 -27.05 32.06
N PRO A 105 2.43 -28.00 32.98
CA PRO A 105 1.46 -28.34 34.04
C PRO A 105 0.92 -27.15 34.81
N ALA A 106 1.75 -26.17 35.11
CA ALA A 106 1.29 -24.97 35.82
C ALA A 106 0.24 -24.11 35.12
N LEU A 107 0.04 -24.33 33.82
CA LEU A 107 -0.96 -23.56 33.07
C LEU A 107 -2.12 -24.42 32.64
N GLU A 108 -2.22 -25.64 33.17
CA GLU A 108 -3.27 -26.56 32.74
C GLU A 108 -4.62 -25.94 33.00
N ALA A 109 -5.46 -25.96 31.96
CA ALA A 109 -6.80 -25.35 31.98
C ALA A 109 -6.87 -23.85 32.26
N VAL A 110 -5.75 -23.12 32.21
CA VAL A 110 -5.80 -21.69 32.42
C VAL A 110 -6.38 -20.98 31.20
N PHE A 111 -5.92 -21.32 29.99
CA PHE A 111 -6.24 -20.50 28.80
C PHE A 111 -7.40 -21.04 28.00
N THR A 112 -8.20 -20.14 27.43
CA THR A 112 -9.31 -20.56 26.55
C THR A 112 -8.78 -21.04 25.21
N ASP A 113 -9.62 -21.76 24.46
CA ASP A 113 -9.27 -22.17 23.09
C ASP A 113 -8.91 -20.97 22.19
N LEU A 114 -9.61 -19.85 22.36
CA LEU A 114 -9.31 -18.63 21.58
C LEU A 114 -7.94 -18.04 21.92
N GLU A 115 -7.58 -18.05 23.19
CA GLU A 115 -6.26 -17.62 23.64
C GLU A 115 -5.13 -18.54 23.13
N ILE A 116 -5.41 -19.82 23.12
CA ILE A 116 -4.49 -20.82 22.58
C ILE A 116 -4.30 -20.57 21.07
N LEU A 117 -5.41 -20.45 20.35
CA LEU A 117 -5.36 -20.08 18.93
C LEU A 117 -4.54 -18.81 18.68
N ALA A 118 -4.77 -17.78 19.47
CA ALA A 118 -4.06 -16.55 19.36
C ALA A 118 -2.54 -16.71 19.54
N ALA A 119 -2.14 -17.46 20.57
CA ALA A 119 -0.73 -17.64 20.84
C ALA A 119 -0.03 -18.42 19.68
N ILE A 120 -0.69 -19.45 19.19
CA ILE A 120 -0.13 -20.28 18.14
C ILE A 120 -0.11 -19.52 16.78
N PHE A 121 -1.21 -18.82 16.45
CA PHE A 121 -1.27 -18.08 15.22
C PHE A 121 -0.25 -16.94 15.25
N ALA A 122 -0.19 -16.20 16.37
CA ALA A 122 0.86 -15.18 16.56
C ALA A 122 2.25 -15.70 16.33
N SER A 123 2.55 -16.87 16.90
CA SER A 123 3.85 -17.50 16.70
C SER A 123 4.13 -17.79 15.21
N ALA A 124 3.12 -18.29 14.49
CA ALA A 124 3.31 -18.64 13.11
C ALA A 124 3.59 -17.43 12.22
N ILE A 125 2.93 -16.30 12.50
CA ILE A 125 3.09 -15.10 11.65
C ILE A 125 4.17 -14.14 12.13
N HIS A 126 4.80 -14.41 13.29
CA HIS A 126 5.44 -13.32 14.03
C HIS A 126 6.68 -12.73 13.34
N ASP A 127 7.29 -13.44 12.39
CA ASP A 127 8.39 -12.93 11.56
C ASP A 127 8.17 -12.98 10.04
N VAL A 128 6.91 -13.06 9.59
CA VAL A 128 6.66 -13.27 8.17
C VAL A 128 7.15 -12.06 7.36
N ASP A 129 7.72 -12.36 6.21
CA ASP A 129 8.31 -11.38 5.28
C ASP A 129 9.47 -10.60 5.88
N HIS A 130 10.23 -11.24 6.78
CA HIS A 130 11.37 -10.57 7.40
C HIS A 130 12.46 -10.48 6.32
N PRO A 131 13.04 -9.28 6.11
CA PRO A 131 14.09 -9.09 5.11
C PRO A 131 15.52 -9.50 5.55
N GLY A 132 15.72 -9.94 6.79
CA GLY A 132 17.03 -10.30 7.29
C GLY A 132 17.89 -9.15 7.76
N VAL A 133 17.28 -7.99 8.00
CA VAL A 133 17.96 -6.86 8.62
C VAL A 133 17.12 -6.29 9.75
N SER A 134 17.77 -5.58 10.66
CA SER A 134 17.14 -5.10 11.89
C SER A 134 16.30 -3.85 11.66
N ASN A 135 15.47 -3.54 12.63
CA ASN A 135 14.70 -2.31 12.63
C ASN A 135 15.60 -1.08 12.47
N GLN A 136 16.72 -1.08 13.21
CA GLN A 136 17.60 0.09 13.14
C GLN A 136 18.19 0.26 11.75
N PHE A 137 18.54 -0.85 11.11
CA PHE A 137 19.05 -0.80 9.74
C PHE A 137 17.99 -0.23 8.81
N LEU A 138 16.73 -0.68 8.92
CA LEU A 138 15.66 -0.18 8.09
C LEU A 138 15.41 1.30 8.31
N ILE A 139 15.50 1.75 9.54
CA ILE A 139 15.32 3.15 9.88
C ILE A 139 16.48 3.99 9.27
N ASN A 140 17.70 3.54 9.50
CA ASN A 140 18.89 4.30 9.08
C ASN A 140 19.05 4.38 7.55
N THR A 141 18.49 3.43 6.84
CA THR A 141 18.55 3.38 5.40
C THR A 141 17.36 4.04 4.70
N ASN A 142 16.48 4.68 5.47
CA ASN A 142 15.30 5.34 4.96
C ASN A 142 14.47 4.35 4.13
N SER A 143 14.36 3.11 4.59
CA SER A 143 13.64 2.09 3.83
C SER A 143 12.16 2.43 3.87
N GLU A 144 11.49 1.96 2.83
CA GLU A 144 10.06 2.08 2.72
C GLU A 144 9.28 1.54 3.94
N LEU A 145 9.71 0.42 4.48
CA LEU A 145 9.04 -0.13 5.68
C LEU A 145 9.10 0.82 6.86
N ALA A 146 10.27 1.42 7.09
CA ALA A 146 10.41 2.34 8.19
C ALA A 146 9.52 3.59 8.02
N LEU A 147 9.41 4.05 6.78
CA LEU A 147 8.50 5.16 6.45
C LEU A 147 7.02 4.78 6.66
N MET A 148 6.64 3.58 6.28
CA MET A 148 5.25 3.12 6.45
C MET A 148 4.85 3.07 7.93
N TYR A 149 5.78 2.67 8.78
CA TYR A 149 5.49 2.46 10.19
C TYR A 149 6.02 3.50 11.14
N ASN A 150 6.46 4.63 10.59
CA ASN A 150 6.98 5.73 11.39
C ASN A 150 8.06 5.31 12.37
N ASP A 151 8.98 4.51 11.88
CA ASP A 151 10.14 4.04 12.65
C ASP A 151 9.80 3.26 13.94
N SER A 152 8.55 2.84 14.12
CA SER A 152 8.12 2.25 15.39
C SER A 152 7.76 0.79 15.25
N SER A 153 8.48 -0.10 15.94
CA SER A 153 8.40 -1.56 15.77
C SER A 153 8.12 -1.91 14.32
N VAL A 154 9.06 -1.45 13.46
CA VAL A 154 8.81 -1.50 12.01
C VAL A 154 8.56 -2.92 11.54
N LEU A 155 9.47 -3.82 11.86
CA LEU A 155 9.36 -5.19 11.39
C LEU A 155 8.10 -5.85 11.95
N GLU A 156 7.92 -5.69 13.25
CA GLU A 156 6.84 -6.33 13.96
C GLU A 156 5.45 -5.89 13.46
N ASN A 157 5.30 -4.62 13.10
CA ASN A 157 4.06 -4.12 12.54
C ASN A 157 3.87 -4.76 11.16
N HIS A 158 4.97 -4.85 10.43
CA HIS A 158 4.93 -5.45 9.14
C HIS A 158 4.53 -6.92 9.18
N HIS A 159 5.10 -7.68 10.10
CA HIS A 159 4.77 -9.11 10.21
C HIS A 159 3.26 -9.28 10.44
N LEU A 160 2.72 -8.48 11.36
CA LEU A 160 1.28 -8.52 11.61
C LEU A 160 0.46 -8.20 10.36
N ALA A 161 0.80 -7.11 9.71
CA ALA A 161 0.02 -6.66 8.53
C ALA A 161 0.03 -7.72 7.43
N VAL A 162 1.17 -8.35 7.20
CA VAL A 162 1.25 -9.41 6.19
C VAL A 162 0.48 -10.64 6.63
N GLY A 163 0.73 -11.10 7.87
CA GLY A 163 0.05 -12.29 8.38
C GLY A 163 -1.49 -12.17 8.24
N PHE A 164 -2.05 -11.01 8.59
CA PHE A 164 -3.48 -10.76 8.42
C PHE A 164 -3.92 -10.57 6.95
N LYS A 165 -3.14 -9.84 6.18
CA LYS A 165 -3.51 -9.58 4.77
C LYS A 165 -3.58 -10.87 3.97
N LEU A 166 -2.72 -11.84 4.30
CA LEU A 166 -2.72 -13.10 3.59
C LEU A 166 -4.00 -13.89 3.75
N LEU A 167 -4.78 -13.58 4.80
CA LEU A 167 -6.11 -14.21 4.98
C LEU A 167 -7.09 -13.89 3.81
N GLN A 168 -6.79 -12.83 3.07
CA GLN A 168 -7.63 -12.39 1.94
C GLN A 168 -7.30 -13.04 0.61
N GLU A 169 -6.25 -13.85 0.53
CA GLU A 169 -5.95 -14.58 -0.68
C GLU A 169 -6.98 -15.69 -0.87
N GLU A 170 -7.01 -16.26 -2.07
CA GLU A 170 -8.00 -17.23 -2.44
C GLU A 170 -8.05 -18.41 -1.48
N ASN A 171 -9.24 -18.67 -0.92
CA ASN A 171 -9.44 -19.77 0.04
C ASN A 171 -8.41 -19.79 1.22
N CYS A 172 -8.11 -18.60 1.74
CA CYS A 172 -7.13 -18.41 2.82
C CYS A 172 -7.76 -17.96 4.14
N ASP A 173 -9.06 -17.65 4.18
CA ASP A 173 -9.57 -17.05 5.44
C ASP A 173 -9.93 -18.14 6.46
N ILE A 174 -8.93 -18.53 7.23
CA ILE A 174 -9.10 -19.53 8.25
C ILE A 174 -10.05 -19.15 9.39
N PHE A 175 -10.33 -17.87 9.55
CA PHE A 175 -11.23 -17.36 10.57
C PHE A 175 -12.63 -17.07 10.05
N GLN A 176 -12.96 -17.57 8.86
CA GLN A 176 -14.22 -17.21 8.21
C GLN A 176 -15.48 -17.60 9.02
N ASN A 177 -15.39 -18.63 9.87
CA ASN A 177 -16.54 -19.05 10.70
C ASN A 177 -16.57 -18.53 12.13
N LEU A 178 -15.61 -17.68 12.50
CA LEU A 178 -15.60 -17.11 13.82
C LEU A 178 -16.60 -15.96 13.84
N THR A 179 -17.22 -15.70 15.00
CA THR A 179 -18.09 -14.55 15.12
C THR A 179 -17.23 -13.30 15.10
N LYS A 180 -17.85 -12.15 14.85
CA LYS A 180 -17.16 -10.89 14.96
C LYS A 180 -16.51 -10.69 16.35
N LYS A 181 -17.22 -11.09 17.40
CA LYS A 181 -16.69 -10.98 18.75
C LYS A 181 -15.41 -11.85 18.94
N GLN A 182 -15.45 -13.07 18.44
CA GLN A 182 -14.27 -13.96 18.48
C GLN A 182 -13.12 -13.33 17.67
N ARG A 183 -13.42 -12.84 16.49
CA ARG A 183 -12.41 -12.25 15.60
C ARG A 183 -11.74 -11.01 16.19
N GLN A 184 -12.53 -10.17 16.80
CA GLN A 184 -12.01 -8.96 17.40
C GLN A 184 -11.10 -9.28 18.57
N SER A 185 -11.51 -10.23 19.38
CA SER A 185 -10.71 -10.64 20.50
C SER A 185 -9.42 -11.31 20.04
N LEU A 186 -9.50 -12.25 19.11
CA LEU A 186 -8.34 -12.92 18.53
C LEU A 186 -7.33 -11.92 17.96
N ARG A 187 -7.86 -10.99 17.18
CA ARG A 187 -7.01 -10.00 16.53
C ARG A 187 -6.27 -9.16 17.53
N LYS A 188 -6.95 -8.67 18.55
CA LYS A 188 -6.29 -7.84 19.56
C LYS A 188 -5.17 -8.64 20.25
N MET A 189 -5.44 -9.88 20.63
CA MET A 189 -4.45 -10.69 21.30
C MET A 189 -3.22 -10.95 20.40
N VAL A 190 -3.49 -11.25 19.13
CA VAL A 190 -2.42 -11.50 18.19
C VAL A 190 -1.52 -10.29 18.03
N ILE A 191 -2.12 -9.13 17.90
CA ILE A 191 -1.39 -7.89 17.77
C ILE A 191 -0.54 -7.63 19.04
N ASP A 192 -1.15 -7.77 20.19
CA ASP A 192 -0.43 -7.58 21.46
C ASP A 192 0.74 -8.54 21.62
N ILE A 193 0.57 -9.77 21.17
CA ILE A 193 1.64 -10.76 21.28
C ILE A 193 2.81 -10.47 20.29
N VAL A 194 2.49 -10.23 19.02
CA VAL A 194 3.57 -9.98 18.06
C VAL A 194 4.35 -8.70 18.34
N LEU A 195 3.67 -7.63 18.74
CA LEU A 195 4.35 -6.39 19.07
C LEU A 195 5.32 -6.57 20.26
N ALA A 196 5.00 -7.50 21.15
CA ALA A 196 5.83 -7.82 22.29
C ALA A 196 7.12 -8.59 21.92
N THR A 197 7.23 -9.05 20.66
CA THR A 197 8.45 -9.71 20.20
C THR A 197 9.56 -8.76 19.79
N ASP A 198 9.27 -7.47 19.69
CA ASP A 198 10.29 -6.43 19.46
C ASP A 198 11.18 -6.40 20.68
N MET A 199 12.48 -6.64 20.51
CA MET A 199 13.39 -6.68 21.65
C MET A 199 13.46 -5.34 22.41
N SER A 200 13.06 -4.23 21.81
CA SER A 200 13.00 -2.97 22.55
C SER A 200 11.99 -3.04 23.70
N LYS A 201 11.07 -4.00 23.66
CA LYS A 201 10.10 -4.19 24.72
C LYS A 201 10.50 -5.19 25.80
N HIS A 202 11.64 -5.83 25.63
CA HIS A 202 12.02 -6.95 26.49
C HIS A 202 12.13 -6.58 27.98
N MET A 203 12.81 -5.48 28.27
CA MET A 203 13.04 -5.06 29.68
C MET A 203 11.74 -4.78 30.40
N ASN A 204 10.79 -4.09 29.75
CA ASN A 204 9.47 -3.88 30.36
C ASN A 204 8.63 -5.12 30.49
N LEU A 205 8.67 -6.01 29.49
CA LEU A 205 7.99 -7.30 29.61
C LEU A 205 8.54 -8.10 30.78
N LEU A 206 9.86 -8.11 30.92
CA LEU A 206 10.52 -8.89 31.98
C LEU A 206 10.19 -8.31 33.36
N ALA A 207 10.21 -7.00 33.48
CA ALA A 207 9.85 -6.29 34.74
C ALA A 207 8.47 -6.68 35.15
N ASP A 208 7.53 -6.66 34.22
CA ASP A 208 6.17 -7.08 34.52
C ASP A 208 6.04 -8.55 34.85
N LEU A 209 6.79 -9.41 34.17
CA LEU A 209 6.77 -10.82 34.50
C LEU A 209 7.30 -11.02 35.95
N LYS A 210 8.36 -10.31 36.33
CA LYS A 210 8.92 -10.40 37.70
C LYS A 210 7.88 -9.97 38.75
N THR A 211 7.17 -8.89 38.47
CA THR A 211 6.10 -8.41 39.36
C THR A 211 5.00 -9.44 39.54
N MET A 212 4.64 -10.11 38.46
CA MET A 212 3.67 -11.16 38.52
C MET A 212 4.17 -12.34 39.35
N VAL A 213 5.42 -12.74 39.19
CA VAL A 213 5.99 -13.82 40.01
C VAL A 213 5.97 -13.44 41.51
N GLU A 214 6.35 -12.20 41.81
CA GLU A 214 6.33 -11.69 43.19
C GLU A 214 4.93 -11.68 43.84
N THR A 215 3.86 -11.55 43.05
CA THR A 215 2.49 -11.49 43.58
C THR A 215 1.63 -12.66 43.06
N LYS A 216 2.31 -13.75 42.74
CA LYS A 216 1.73 -14.95 42.13
C LYS A 216 0.61 -15.52 43.00
N LYS A 217 -0.52 -15.82 42.40
CA LYS A 217 -1.59 -16.56 43.07
C LYS A 217 -1.81 -17.86 42.32
N VAL A 218 -2.01 -18.95 43.06
CA VAL A 218 -2.39 -20.22 42.45
C VAL A 218 -3.76 -20.67 42.96
N THR A 219 -4.47 -21.41 42.13
CA THR A 219 -5.78 -21.95 42.50
C THR A 219 -5.59 -23.17 43.42
N SER A 220 -6.70 -23.76 43.87
CA SER A 220 -6.68 -25.14 44.37
C SER A 220 -6.23 -26.09 43.22
N SER A 221 -5.22 -26.88 43.54
CA SER A 221 -4.53 -27.73 42.52
C SER A 221 -3.33 -27.03 41.87
N GLY A 222 -3.08 -25.74 42.16
CA GLY A 222 -1.70 -25.20 42.05
C GLY A 222 -1.33 -24.76 40.65
N VAL A 223 -2.36 -24.35 39.90
CA VAL A 223 -2.25 -23.78 38.57
C VAL A 223 -2.35 -22.24 38.73
N LEU A 224 -1.73 -21.48 37.84
CA LEU A 224 -1.73 -20.03 37.96
C LEU A 224 -3.14 -19.46 37.85
N LEU A 225 -3.43 -18.46 38.69
CA LEU A 225 -4.68 -17.71 38.65
C LEU A 225 -4.43 -16.42 37.85
N LEU A 226 -5.10 -16.25 36.71
CA LEU A 226 -4.97 -15.03 35.92
C LEU A 226 -6.37 -14.52 35.66
N ASP A 227 -6.82 -13.49 36.36
CA ASP A 227 -8.26 -13.16 36.30
C ASP A 227 -8.59 -11.84 35.62
N ASN A 228 -7.65 -11.27 34.88
CA ASN A 228 -7.90 -10.06 34.08
C ASN A 228 -7.08 -10.15 32.76
N TYR A 229 -7.51 -9.40 31.74
CA TYR A 229 -6.84 -9.39 30.43
C TYR A 229 -5.35 -9.03 30.55
N SER A 230 -5.05 -7.98 31.31
CA SER A 230 -3.68 -7.53 31.45
C SER A 230 -2.74 -8.64 31.85
N ASP A 231 -3.15 -9.46 32.82
CA ASP A 231 -2.31 -10.54 33.31
C ASP A 231 -2.29 -11.71 32.33
N ARG A 232 -3.44 -12.02 31.74
CA ARG A 232 -3.52 -13.12 30.81
C ARG A 232 -2.65 -12.85 29.57
N ILE A 233 -2.76 -11.66 29.03
CA ILE A 233 -1.99 -11.29 27.86
C ILE A 233 -0.52 -11.13 28.16
N GLN A 234 -0.20 -10.71 29.38
CA GLN A 234 1.19 -10.56 29.77
C GLN A 234 1.84 -11.93 29.75
N VAL A 235 1.17 -12.93 30.29
CA VAL A 235 1.68 -14.26 30.29
C VAL A 235 1.86 -14.81 28.86
N LEU A 236 0.89 -14.60 27.99
CA LEU A 236 1.01 -15.06 26.60
C LEU A 236 2.11 -14.34 25.85
N GLN A 237 2.23 -13.04 26.05
CA GLN A 237 3.30 -12.24 25.45
C GLN A 237 4.67 -12.78 25.87
N ASN A 238 4.85 -12.99 27.17
CA ASN A 238 6.11 -13.55 27.68
C ASN A 238 6.36 -14.98 27.20
N MET A 239 5.31 -15.76 27.08
CA MET A 239 5.41 -17.12 26.58
C MET A 239 5.97 -17.17 25.16
N VAL A 240 5.37 -16.38 24.25
CA VAL A 240 5.83 -16.37 22.87
C VAL A 240 7.23 -15.75 22.78
N HIS A 241 7.48 -14.74 23.59
CA HIS A 241 8.80 -14.12 23.69
C HIS A 241 9.88 -15.15 24.18
N CYS A 242 9.52 -15.98 25.17
CA CYS A 242 10.37 -17.10 25.58
C CYS A 242 10.63 -18.07 24.43
N ALA A 243 9.57 -18.39 23.67
CA ALA A 243 9.72 -19.25 22.51
C ALA A 243 10.67 -18.67 21.46
N ASP A 244 10.52 -17.38 21.22
CA ASP A 244 11.39 -16.65 20.29
C ASP A 244 12.87 -16.67 20.77
N LEU A 245 13.04 -16.63 22.09
CA LEU A 245 14.37 -16.65 22.74
C LEU A 245 14.72 -18.05 23.29
N SER A 246 14.21 -19.10 22.64
CA SER A 246 14.37 -20.46 23.17
C SER A 246 15.60 -21.19 22.64
N ASN A 247 16.28 -20.64 21.63
CA ASN A 247 17.36 -21.38 20.96
C ASN A 247 18.43 -21.90 21.98
N PRO A 248 18.87 -21.04 22.92
CA PRO A 248 19.94 -21.53 23.83
C PRO A 248 19.49 -22.55 24.86
N THR A 249 18.18 -22.78 24.96
CA THR A 249 17.61 -23.76 25.85
C THR A 249 17.39 -25.13 25.21
N LYS A 250 17.73 -25.25 23.95
CA LYS A 250 17.51 -26.50 23.24
C LYS A 250 18.78 -27.36 23.33
N PRO A 251 18.66 -28.68 23.06
CA PRO A 251 19.89 -29.47 22.90
C PRO A 251 20.90 -28.77 22.01
N LEU A 252 22.16 -28.91 22.39
CA LEU A 252 23.21 -28.21 21.75
C LEU A 252 23.32 -28.38 20.24
N GLN A 253 23.05 -29.56 19.71
CA GLN A 253 23.09 -29.77 18.24
C GLN A 253 22.10 -28.82 17.48
N LEU A 254 20.96 -28.56 18.11
CA LEU A 254 19.99 -27.58 17.55
C LEU A 254 20.46 -26.16 17.76
N TYR A 255 20.82 -25.85 19.00
CA TYR A 255 21.30 -24.51 19.37
C TYR A 255 22.39 -24.03 18.46
N ARG A 256 23.40 -24.88 18.21
CA ARG A 256 24.49 -24.42 17.35
C ARG A 256 24.10 -24.12 15.93
N GLN A 257 23.14 -24.85 15.39
CA GLN A 257 22.59 -24.51 14.07
C GLN A 257 21.90 -23.12 14.09
N TRP A 258 21.18 -22.83 15.17
CA TRP A 258 20.55 -21.50 15.31
C TRP A 258 21.59 -20.40 15.42
N THR A 259 22.65 -20.68 16.15
CA THR A 259 23.77 -19.75 16.26
C THR A 259 24.44 -19.51 14.92
N ASP A 260 24.74 -20.55 14.18
CA ASP A 260 25.30 -20.38 12.83
C ASP A 260 24.43 -19.50 11.96
N ARG A 261 23.11 -19.74 12.04
CA ARG A 261 22.16 -19.00 11.20
C ARG A 261 22.06 -17.52 11.57
N ILE A 262 21.90 -17.21 12.86
CA ILE A 262 21.79 -15.83 13.28
C ILE A 262 23.08 -15.07 12.97
N MET A 263 24.23 -15.73 13.08
CA MET A 263 25.50 -15.07 12.83
C MET A 263 25.64 -14.79 11.36
N GLU A 264 25.21 -15.71 10.50
CA GLU A 264 25.25 -15.50 9.08
C GLU A 264 24.39 -14.27 8.73
N GLU A 265 23.20 -14.22 9.30
CA GLU A 265 22.30 -13.11 9.09
C GLU A 265 22.91 -11.77 9.57
N PHE A 266 23.42 -11.77 10.79
CA PHE A 266 24.01 -10.58 11.37
C PHE A 266 25.23 -10.11 10.56
N PHE A 267 26.11 -11.05 10.23
CA PHE A 267 27.31 -10.73 9.46
C PHE A 267 26.94 -10.15 8.10
N ARG A 268 25.90 -10.66 7.48
CA ARG A 268 25.45 -10.12 6.20
C ARG A 268 25.00 -8.68 6.39
N GLN A 269 24.28 -8.41 7.46
CA GLN A 269 23.87 -7.07 7.70
C GLN A 269 25.10 -6.20 7.93
N GLY A 270 26.07 -6.69 8.66
CA GLY A 270 27.26 -5.94 8.93
C GLY A 270 28.04 -5.62 7.69
N ASP A 271 28.08 -6.53 6.74
CA ASP A 271 28.70 -6.33 5.46
C ASP A 271 28.00 -5.17 4.75
N ARG A 272 26.68 -5.12 4.78
CA ARG A 272 25.95 -4.03 4.18
C ARG A 272 26.25 -2.72 4.87
N GLU A 273 26.34 -2.74 6.18
CA GLU A 273 26.61 -1.54 6.93
C GLU A 273 28.01 -1.01 6.62
N ARG A 274 28.97 -1.92 6.56
CA ARG A 274 30.35 -1.57 6.23
C ARG A 274 30.48 -0.98 4.80
N GLU A 275 29.87 -1.63 3.80
CA GLU A 275 29.81 -1.15 2.39
C GLU A 275 29.32 0.28 2.30
N ARG A 276 28.34 0.59 3.15
N ARG A 276 28.34 0.59 3.15
CA ARG A 276 27.65 1.87 3.13
CA ARG A 276 27.64 1.87 3.13
C ARG A 276 28.29 2.92 4.02
C ARG A 276 28.28 2.91 4.03
N GLY A 277 29.36 2.57 4.74
CA GLY A 277 29.99 3.52 5.65
C GLY A 277 29.23 3.76 6.93
N MET A 278 28.33 2.85 7.30
CA MET A 278 27.52 3.01 8.51
C MET A 278 28.28 2.36 9.65
N GLU A 279 27.95 2.76 10.86
CA GLU A 279 28.41 2.04 12.04
C GLU A 279 27.90 0.58 11.98
N ILE A 280 28.77 -0.38 12.26
CA ILE A 280 28.38 -1.77 12.20
C ILE A 280 27.69 -2.12 13.50
N SER A 281 26.50 -2.76 13.41
CA SER A 281 25.70 -3.03 14.59
C SER A 281 26.39 -4.08 15.48
N PRO A 282 26.00 -4.11 16.77
CA PRO A 282 26.58 -5.13 17.66
C PRO A 282 26.44 -6.55 17.09
N MET A 283 27.54 -7.33 17.17
CA MET A 283 27.64 -8.71 16.72
C MET A 283 27.62 -8.90 15.22
N CYS A 284 27.64 -7.81 14.45
CA CYS A 284 27.47 -7.90 13.00
C CYS A 284 28.78 -7.76 12.21
N ASP A 285 29.88 -7.50 12.89
CA ASP A 285 31.15 -7.35 12.22
C ASP A 285 31.88 -8.67 12.22
N LYS A 286 31.98 -9.32 11.08
CA LYS A 286 32.66 -10.59 10.95
C LYS A 286 34.19 -10.59 11.18
N HIS A 287 34.81 -9.44 11.16
CA HIS A 287 36.21 -9.30 11.41
C HIS A 287 36.49 -9.03 12.85
N ASN A 288 35.49 -8.62 13.59
CA ASN A 288 35.66 -8.30 15.02
C ASN A 288 34.54 -8.96 15.81
N ALA A 289 34.39 -10.26 15.65
CA ALA A 289 33.36 -11.02 16.30
C ALA A 289 34.04 -12.02 17.18
N SER A 290 33.37 -12.34 18.27
CA SER A 290 33.53 -13.60 18.91
C SER A 290 32.11 -14.12 19.04
N VAL A 291 31.87 -15.12 18.22
CA VAL A 291 30.61 -15.84 18.24
C VAL A 291 30.31 -16.37 19.64
N GLU A 292 31.31 -16.96 20.29
CA GLU A 292 31.14 -17.59 21.59
C GLU A 292 30.90 -16.58 22.69
N LYS A 293 31.67 -15.52 22.72
CA LYS A 293 31.47 -14.47 23.72
C LYS A 293 30.07 -13.82 23.55
N SER A 294 29.68 -13.62 22.30
CA SER A 294 28.35 -13.10 21.98
C SER A 294 27.22 -14.02 22.50
N GLN A 295 27.37 -15.35 22.33
CA GLN A 295 26.38 -16.26 22.90
C GLN A 295 26.33 -16.19 24.40
N VAL A 296 27.50 -16.14 25.05
CA VAL A 296 27.52 -16.08 26.50
C VAL A 296 26.88 -14.80 26.96
N GLY A 297 27.18 -13.70 26.30
CA GLY A 297 26.52 -12.42 26.63
C GLY A 297 25.01 -12.39 26.41
N PHE A 298 24.57 -12.98 25.31
CA PHE A 298 23.14 -13.12 25.00
C PHE A 298 22.43 -13.92 26.11
N ILE A 299 23.05 -15.01 26.53
CA ILE A 299 22.49 -15.80 27.64
C ILE A 299 22.49 -15.01 28.94
N ASP A 300 23.64 -14.52 29.35
CA ASP A 300 23.74 -13.80 30.60
C ASP A 300 22.86 -12.54 30.70
N TYR A 301 22.79 -11.77 29.65
CA TYR A 301 22.05 -10.55 29.73
C TYR A 301 20.58 -10.59 29.32
N ILE A 302 20.22 -11.53 28.46
CA ILE A 302 18.86 -11.63 27.98
C ILE A 302 18.09 -12.92 28.24
N VAL A 303 18.67 -14.02 27.83
CA VAL A 303 17.95 -15.29 27.80
C VAL A 303 17.83 -15.89 29.20
N HIS A 304 18.91 -15.87 29.98
CA HIS A 304 18.84 -16.45 31.34
C HIS A 304 17.97 -15.64 32.29
N PRO A 305 18.07 -14.31 32.28
CA PRO A 305 17.13 -13.58 33.16
C PRO A 305 15.66 -13.85 32.82
N LEU A 306 15.33 -13.94 31.53
CA LEU A 306 13.95 -14.23 31.16
C LEU A 306 13.54 -15.63 31.59
N TRP A 307 14.32 -16.63 31.20
CA TRP A 307 13.94 -18.02 31.48
C TRP A 307 13.97 -18.38 32.97
N GLU A 308 14.85 -17.74 33.73
CA GLU A 308 14.84 -17.89 35.19
C GLU A 308 13.56 -17.38 35.76
N THR A 309 13.06 -16.27 35.23
CA THR A 309 11.81 -15.71 35.72
C THR A 309 10.61 -16.52 35.27
N TRP A 310 10.59 -16.96 34.00
CA TRP A 310 9.55 -17.89 33.55
C TRP A 310 9.52 -19.15 34.43
N ALA A 311 10.71 -19.72 34.69
CA ALA A 311 10.83 -20.95 35.50
C ALA A 311 10.23 -20.76 36.90
N ASP A 312 10.45 -19.59 37.49
CA ASP A 312 9.79 -19.25 38.77
C ASP A 312 8.28 -19.23 38.63
N LEU A 313 7.77 -18.60 37.56
CA LEU A 313 6.34 -18.57 37.34
C LEU A 313 5.70 -19.96 37.29
N VAL A 314 6.34 -20.89 36.59
CA VAL A 314 5.76 -22.22 36.36
C VAL A 314 6.44 -23.30 37.22
N HIS A 315 7.11 -22.89 38.30
CA HIS A 315 7.96 -23.78 39.12
C HIS A 315 7.23 -25.06 39.51
N PRO A 316 7.80 -26.27 39.34
CA PRO A 316 9.16 -26.52 38.82
C PRO A 316 9.18 -26.97 37.35
N ASP A 317 8.14 -26.66 36.59
CA ASP A 317 7.97 -27.26 35.26
C ASP A 317 9.13 -27.03 34.29
N ALA A 318 9.80 -25.91 34.40
CA ALA A 318 10.85 -25.52 33.43
C ALA A 318 12.28 -25.81 33.93
N GLN A 319 12.42 -26.59 35.00
CA GLN A 319 13.75 -26.92 35.53
C GLN A 319 14.70 -27.54 34.51
N ASP A 320 14.21 -28.50 33.72
CA ASP A 320 15.10 -29.16 32.75
C ASP A 320 15.52 -28.20 31.62
N ILE A 321 14.62 -27.27 31.28
CA ILE A 321 14.93 -26.26 30.26
C ILE A 321 16.00 -25.34 30.79
N LEU A 322 15.84 -24.86 32.00
CA LEU A 322 16.85 -23.99 32.64
C LEU A 322 18.19 -24.69 32.81
N ASP A 323 18.18 -25.98 33.17
CA ASP A 323 19.44 -26.76 33.28
C ASP A 323 20.13 -26.88 31.94
N THR A 324 19.37 -27.11 30.86
CA THR A 324 19.97 -27.22 29.53
C THR A 324 20.60 -25.89 29.14
N LEU A 325 19.88 -24.80 29.43
CA LEU A 325 20.40 -23.43 29.15
C LEU A 325 21.75 -23.20 29.87
N GLU A 326 21.79 -23.57 31.12
CA GLU A 326 23.01 -23.39 31.97
C GLU A 326 24.13 -24.28 31.47
N ASP A 327 23.85 -25.52 31.07
CA ASP A 327 24.86 -26.37 30.45
C ASP A 327 25.39 -25.80 29.14
N ASN A 328 24.50 -25.26 28.29
CA ASN A 328 24.93 -24.70 27.03
C ASN A 328 25.78 -23.46 27.24
N ARG A 329 25.41 -22.66 28.22
CA ARG A 329 26.16 -21.45 28.52
C ARG A 329 27.62 -21.82 28.90
N GLU A 330 27.75 -22.84 29.74
CA GLU A 330 29.09 -23.35 30.13
C GLU A 330 29.84 -23.90 28.96
N TRP A 331 29.16 -24.59 28.06
CA TRP A 331 29.81 -25.08 26.88
C TRP A 331 30.38 -23.94 26.06
N TYR A 332 29.58 -22.88 25.77
CA TYR A 332 30.07 -21.78 24.95
C TYR A 332 31.23 -21.04 25.71
N GLN A 333 31.05 -20.80 27.01
CA GLN A 333 32.11 -20.18 27.82
C GLN A 333 33.46 -20.96 27.70
N SER A 334 33.38 -22.27 27.70
CA SER A 334 34.58 -23.12 27.64
C SER A 334 35.29 -23.08 26.30
N THR A 335 34.62 -22.58 25.25
CA THR A 335 35.23 -22.47 23.93
C THR A 335 35.71 -21.07 23.60
N ILE A 336 35.60 -20.11 24.53
CA ILE A 336 36.16 -18.76 24.32
C ILE A 336 37.69 -18.84 24.41
N PRO A 337 38.46 -18.46 23.32
CA PRO A 337 39.93 -18.44 23.47
C PRO A 337 40.47 -17.33 24.40
N GLU B 15 -6.53 41.57 0.59
CA GLU B 15 -7.62 42.12 1.41
C GLU B 15 -7.06 42.82 2.67
N ASP B 16 -7.52 44.05 2.80
CA ASP B 16 -7.22 44.88 3.97
C ASP B 16 -7.88 44.31 5.21
N VAL B 17 -9.14 43.87 5.10
CA VAL B 17 -9.81 43.31 6.27
C VAL B 17 -9.12 42.02 6.74
N LEU B 18 -8.68 41.20 5.80
CA LEU B 18 -7.91 39.98 6.12
C LEU B 18 -6.61 40.32 6.81
N ALA B 19 -5.88 41.29 6.26
CA ALA B 19 -4.60 41.70 6.85
C ALA B 19 -4.75 42.20 8.27
N LYS B 20 -5.85 42.91 8.52
CA LYS B 20 -6.15 43.40 9.87
C LYS B 20 -6.47 42.26 10.84
N GLU B 21 -7.25 41.25 10.41
CA GLU B 21 -7.50 40.09 11.27
C GLU B 21 -6.20 39.36 11.60
N LEU B 22 -5.30 39.27 10.61
CA LEU B 22 -4.04 38.56 10.78
C LEU B 22 -3.06 39.26 11.71
N GLU B 23 -3.29 40.53 12.03
CA GLU B 23 -2.53 41.18 13.11
C GLU B 23 -2.75 40.54 14.47
N ASP B 24 -3.86 39.83 14.66
CA ASP B 24 -4.10 39.08 15.91
C ASP B 24 -3.44 37.68 15.92
N VAL B 25 -2.55 37.36 14.98
CA VAL B 25 -1.96 36.02 14.87
C VAL B 25 -1.21 35.57 16.12
N ASN B 26 -0.69 36.50 16.90
CA ASN B 26 0.02 36.14 18.12
C ASN B 26 -0.91 36.10 19.33
N LYS B 27 -2.21 36.27 19.13
CA LYS B 27 -3.15 36.31 20.25
C LYS B 27 -4.07 35.07 20.38
N TRP B 28 -4.30 34.64 21.61
CA TRP B 28 -5.29 33.61 21.88
C TRP B 28 -6.64 34.18 21.53
N GLY B 29 -7.45 33.50 20.73
CA GLY B 29 -8.74 34.08 20.37
C GLY B 29 -8.79 34.79 19.02
N LEU B 30 -7.77 34.55 18.19
CA LEU B 30 -7.82 34.93 16.79
C LEU B 30 -9.16 34.56 16.17
N HIS B 31 -9.73 35.44 15.33
CA HIS B 31 -11.02 35.15 14.68
C HIS B 31 -10.80 34.23 13.46
N VAL B 32 -10.53 32.97 13.77
CA VAL B 32 -10.10 32.00 12.75
C VAL B 32 -11.22 31.68 11.75
N PHE B 33 -12.48 31.70 12.19
CA PHE B 33 -13.59 31.46 11.25
C PHE B 33 -13.73 32.60 10.25
N ARG B 34 -13.54 33.84 10.74
CA ARG B 34 -13.57 35.02 9.88
C ARG B 34 -12.40 34.96 8.88
N ILE B 35 -11.23 34.55 9.34
CA ILE B 35 -10.09 34.35 8.43
C ILE B 35 -10.39 33.32 7.37
N ALA B 36 -11.04 32.24 7.75
CA ALA B 36 -11.42 31.22 6.77
C ALA B 36 -12.33 31.81 5.66
N GLU B 37 -13.33 32.60 6.07
CA GLU B 37 -14.24 33.25 5.11
C GLU B 37 -13.48 34.23 4.22
N LEU B 38 -12.72 35.12 4.85
CA LEU B 38 -12.00 36.18 4.13
C LEU B 38 -10.94 35.68 3.18
N SER B 39 -10.33 34.55 3.50
CA SER B 39 -9.25 33.99 2.70
C SER B 39 -9.74 33.06 1.57
N GLY B 40 -11.07 32.94 1.36
CA GLY B 40 -11.61 32.00 0.37
C GLY B 40 -11.38 30.54 0.78
N ASN B 41 -11.56 30.27 2.07
CA ASN B 41 -11.32 28.94 2.67
C ASN B 41 -9.87 28.49 2.57
N ARG B 42 -8.95 29.43 2.82
CA ARG B 42 -7.54 29.14 2.95
C ARG B 42 -6.96 29.55 4.31
N PRO B 43 -7.68 29.28 5.41
CA PRO B 43 -7.12 29.68 6.71
C PRO B 43 -5.78 29.02 7.02
N LEU B 44 -5.63 27.74 6.66
CA LEU B 44 -4.38 27.05 6.99
C LEU B 44 -3.20 27.67 6.20
N THR B 45 -3.42 27.93 4.93
CA THR B 45 -2.36 28.48 4.08
C THR B 45 -1.97 29.88 4.56
N VAL B 46 -2.95 30.76 4.77
CA VAL B 46 -2.62 32.14 5.14
C VAL B 46 -2.09 32.24 6.56
N ILE B 47 -2.62 31.46 7.50
CA ILE B 47 -2.08 31.48 8.86
C ILE B 47 -0.67 30.89 8.91
N MET B 48 -0.44 29.77 8.25
CA MET B 48 0.92 29.21 8.21
C MET B 48 1.92 30.18 7.55
N HIS B 49 1.52 30.79 6.45
CA HIS B 49 2.44 31.67 5.74
C HIS B 49 2.78 32.87 6.66
N THR B 50 1.75 33.46 7.31
CA THR B 50 1.98 34.56 8.23
C THR B 50 2.94 34.17 9.36
N ILE B 51 2.74 32.99 9.94
CA ILE B 51 3.58 32.51 11.02
C ILE B 51 5.00 32.25 10.55
N PHE B 52 5.15 31.63 9.38
CA PHE B 52 6.50 31.39 8.88
C PHE B 52 7.27 32.72 8.63
N GLN B 53 6.59 33.73 8.09
CA GLN B 53 7.20 35.05 7.88
C GLN B 53 7.52 35.69 9.23
N GLU B 54 6.57 35.66 10.16
CA GLU B 54 6.75 36.24 11.52
C GLU B 54 7.95 35.64 12.25
N ARG B 55 8.16 34.32 12.14
CA ARG B 55 9.26 33.64 12.82
C ARG B 55 10.51 33.55 11.96
N ASP B 56 10.48 34.18 10.78
CA ASP B 56 11.60 34.20 9.82
C ASP B 56 12.06 32.80 9.40
N LEU B 57 11.12 31.84 9.34
CA LEU B 57 11.49 30.47 9.05
C LEU B 57 11.91 30.22 7.59
N LEU B 58 11.42 31.02 6.67
CA LEU B 58 11.81 30.90 5.27
C LEU B 58 13.31 31.18 5.09
N LYS B 59 13.78 32.27 5.69
CA LYS B 59 15.21 32.59 5.66
C LYS B 59 16.03 31.57 6.43
N THR B 60 15.62 31.23 7.64
CA THR B 60 16.41 30.30 8.45
C THR B 60 16.61 28.95 7.81
N PHE B 61 15.56 28.42 7.17
CA PHE B 61 15.63 27.09 6.59
C PHE B 61 15.68 27.12 5.07
N LYS B 62 15.87 28.30 4.50
CA LYS B 62 16.04 28.49 3.06
C LYS B 62 14.87 27.86 2.30
N ILE B 63 13.68 28.17 2.75
CA ILE B 63 12.48 27.66 2.13
C ILE B 63 12.04 28.60 1.04
N PRO B 64 11.96 28.13 -0.20
CA PRO B 64 11.48 28.98 -1.27
C PRO B 64 10.04 29.38 -1.02
N VAL B 65 9.67 30.61 -1.23
CA VAL B 65 8.33 31.07 -0.88
C VAL B 65 7.25 30.38 -1.74
N ASP B 66 7.57 30.10 -3.00
CA ASP B 66 6.64 29.45 -3.88
C ASP B 66 6.43 28.01 -3.47
N THR B 67 7.47 27.37 -3.00
CA THR B 67 7.40 26.01 -2.56
C THR B 67 6.52 25.98 -1.32
N LEU B 68 6.73 26.90 -0.39
CA LEU B 68 5.92 26.95 0.81
C LEU B 68 4.45 27.09 0.49
N ILE B 69 4.11 28.03 -0.36
CA ILE B 69 2.72 28.28 -0.71
C ILE B 69 2.10 27.07 -1.43
N THR B 70 2.86 26.43 -2.33
CA THR B 70 2.37 25.26 -3.04
C THR B 70 2.10 24.10 -2.07
N TYR B 71 3.05 23.83 -1.19
CA TYR B 71 2.86 22.80 -0.17
C TYR B 71 1.65 23.10 0.72
N LEU B 72 1.54 24.33 1.19
CA LEU B 72 0.45 24.68 2.09
C LEU B 72 -0.92 24.51 1.44
N MET B 73 -1.05 24.98 0.20
CA MET B 73 -2.30 24.81 -0.52
C MET B 73 -2.63 23.32 -0.72
N THR B 74 -1.61 22.54 -1.07
CA THR B 74 -1.74 21.10 -1.24
C THR B 74 -2.21 20.44 0.06
N LEU B 75 -1.53 20.75 1.17
CA LEU B 75 -1.90 20.21 2.47
C LEU B 75 -3.33 20.57 2.80
N GLU B 76 -3.67 21.85 2.65
CA GLU B 76 -5.00 22.30 2.97
C GLU B 76 -6.08 21.60 2.11
N ASP B 77 -5.77 21.39 0.83
CA ASP B 77 -6.63 20.67 -0.10
C ASP B 77 -6.92 19.21 0.34
N HIS B 78 -6.04 18.60 1.13
CA HIS B 78 -6.24 17.25 1.62
C HIS B 78 -6.95 17.12 2.98
N TYR B 79 -7.37 18.28 3.52
CA TYR B 79 -8.37 18.28 4.57
C TYR B 79 -9.73 18.29 3.87
N HIS B 80 -10.70 17.57 4.44
CA HIS B 80 -12.00 17.41 3.80
C HIS B 80 -12.94 18.52 4.17
N ALA B 81 -13.47 19.24 3.17
CA ALA B 81 -14.39 20.35 3.42
C ALA B 81 -15.75 19.87 3.90
N ASP B 82 -16.10 18.60 3.67
CA ASP B 82 -17.39 18.11 4.13
C ASP B 82 -17.36 17.56 5.58
N VAL B 83 -16.22 17.63 6.27
CA VAL B 83 -16.12 17.12 7.63
C VAL B 83 -16.25 18.34 8.54
N ALA B 84 -17.20 18.33 9.49
CA ALA B 84 -17.60 19.57 10.17
C ALA B 84 -16.53 20.11 11.13
N TYR B 85 -15.82 19.20 11.79
CA TYR B 85 -14.80 19.61 12.76
C TYR B 85 -13.37 19.39 12.26
N HIS B 86 -13.03 18.15 11.90
CA HIS B 86 -11.69 17.77 11.49
C HIS B 86 -11.36 18.18 10.04
N ASN B 87 -11.32 19.49 9.84
CA ASN B 87 -11.09 20.12 8.55
C ASN B 87 -9.94 21.13 8.65
N ASN B 88 -9.72 21.84 7.56
CA ASN B 88 -8.65 22.83 7.46
C ASN B 88 -8.75 23.98 8.51
N ILE B 89 -9.94 24.31 8.97
CA ILE B 89 -10.12 25.37 9.97
C ILE B 89 -9.58 24.86 11.30
N HIS B 90 -9.89 23.62 11.67
CA HIS B 90 -9.30 23.01 12.84
C HIS B 90 -7.78 22.95 12.74
N ALA B 91 -7.24 22.56 11.59
CA ALA B 91 -5.78 22.51 11.41
C ALA B 91 -5.18 23.91 11.61
N ALA B 92 -5.79 24.91 10.99
CA ALA B 92 -5.30 26.30 11.13
C ALA B 92 -5.34 26.76 12.61
N ASP B 93 -6.40 26.39 13.31
CA ASP B 93 -6.59 26.72 14.71
C ASP B 93 -5.53 26.08 15.57
N VAL B 94 -5.22 24.80 15.35
CA VAL B 94 -4.19 24.14 16.13
C VAL B 94 -2.79 24.71 15.83
N VAL B 95 -2.52 24.99 14.57
CA VAL B 95 -1.28 25.67 14.18
C VAL B 95 -1.12 26.99 14.95
N GLN B 96 -2.14 27.82 14.92
CA GLN B 96 -2.05 29.17 15.50
C GLN B 96 -1.96 29.09 17.03
N SER B 97 -2.69 28.12 17.64
CA SER B 97 -2.66 27.93 19.06
C SER B 97 -1.28 27.43 19.51
N THR B 98 -0.69 26.50 18.77
CA THR B 98 0.68 26.08 19.01
C THR B 98 1.67 27.26 18.90
N HIS B 99 1.49 28.08 17.87
CA HIS B 99 2.33 29.27 17.67
C HIS B 99 2.27 30.22 18.90
N VAL B 100 1.09 30.41 19.48
CA VAL B 100 0.94 31.24 20.69
C VAL B 100 1.62 30.57 21.87
N LEU B 101 1.42 29.26 22.04
CA LEU B 101 2.01 28.57 23.16
C LEU B 101 3.54 28.57 23.10
N LEU B 102 4.10 28.42 21.90
CA LEU B 102 5.54 28.46 21.72
C LEU B 102 6.15 29.82 22.11
N SER B 103 5.37 30.90 21.98
CA SER B 103 5.81 32.23 22.32
C SER B 103 5.65 32.56 23.81
N THR B 104 5.21 31.62 24.64
CA THR B 104 4.90 31.94 26.02
C THR B 104 6.18 32.42 26.77
N PRO B 105 6.06 33.49 27.61
CA PRO B 105 7.27 34.01 28.27
C PRO B 105 8.09 32.96 28.98
N ALA B 106 7.44 32.02 29.68
CA ALA B 106 8.17 30.97 30.40
C ALA B 106 8.96 29.99 29.55
N LEU B 107 8.77 30.00 28.23
CA LEU B 107 9.55 29.10 27.36
C LEU B 107 10.51 29.85 26.49
N GLU B 108 10.71 31.15 26.78
CA GLU B 108 11.66 31.96 26.01
C GLU B 108 13.02 31.30 26.03
N ALA B 109 13.60 31.21 24.84
CA ALA B 109 14.90 30.62 24.60
C ALA B 109 15.01 29.13 24.89
N VAL B 110 13.91 28.44 25.14
CA VAL B 110 14.01 27.00 25.40
C VAL B 110 14.28 26.24 24.08
N PHE B 111 13.46 26.50 23.07
CA PHE B 111 13.45 25.60 21.88
C PHE B 111 14.25 26.13 20.71
N THR B 112 14.89 25.24 19.98
CA THR B 112 15.60 25.61 18.75
C THR B 112 14.63 25.95 17.62
N ASP B 113 15.13 26.64 16.61
CA ASP B 113 14.37 26.90 15.39
C ASP B 113 13.82 25.59 14.73
N LEU B 114 14.62 24.54 14.76
CA LEU B 114 14.19 23.25 14.19
C LEU B 114 13.02 22.63 14.99
N GLU B 115 13.10 22.72 16.32
CA GLU B 115 12.01 22.28 17.18
C GLU B 115 10.73 23.09 16.98
N ILE B 116 10.88 24.38 16.79
CA ILE B 116 9.77 25.27 16.50
C ILE B 116 9.12 24.88 15.15
N LEU B 117 9.95 24.73 14.13
CA LEU B 117 9.50 24.25 12.83
C LEU B 117 8.74 22.91 12.94
N ALA B 118 9.29 21.97 13.68
CA ALA B 118 8.69 20.68 13.89
C ALA B 118 7.31 20.80 14.54
N ALA B 119 7.19 21.63 15.59
CA ALA B 119 5.93 21.74 16.30
C ALA B 119 4.86 22.36 15.41
N ILE B 120 5.23 23.38 14.65
CA ILE B 120 4.28 24.07 13.78
C ILE B 120 3.88 23.15 12.57
N PHE B 121 4.86 22.48 11.96
CA PHE B 121 4.59 21.58 10.86
C PHE B 121 3.69 20.41 11.34
N ALA B 122 4.05 19.80 12.47
CA ALA B 122 3.23 18.74 13.07
C ALA B 122 1.79 19.20 13.29
N SER B 123 1.61 20.42 13.82
CA SER B 123 0.28 20.96 13.99
C SER B 123 -0.48 21.07 12.68
N ALA B 124 0.18 21.54 11.62
CA ALA B 124 -0.47 21.74 10.34
C ALA B 124 -0.96 20.40 9.73
N ILE B 125 -0.17 19.36 9.86
CA ILE B 125 -0.50 18.05 9.25
C ILE B 125 -1.28 17.10 10.16
N HIS B 126 -1.49 17.46 11.43
CA HIS B 126 -1.79 16.45 12.43
C HIS B 126 -3.15 15.72 12.26
N ASP B 127 -4.07 16.30 11.51
CA ASP B 127 -5.35 15.66 11.16
C ASP B 127 -5.65 15.56 9.64
N VAL B 128 -4.62 15.64 8.80
CA VAL B 128 -4.85 15.72 7.37
C VAL B 128 -5.51 14.41 6.85
N ASP B 129 -6.46 14.61 5.95
CA ASP B 129 -7.26 13.53 5.37
C ASP B 129 -8.09 12.76 6.39
N HIS B 130 -8.56 13.48 7.42
CA HIS B 130 -9.39 12.85 8.45
C HIS B 130 -10.75 12.58 7.80
N PRO B 131 -11.27 11.35 7.93
CA PRO B 131 -12.57 11.01 7.34
C PRO B 131 -13.81 11.42 8.17
N GLY B 132 -13.63 12.00 9.36
CA GLY B 132 -14.72 12.36 10.20
C GLY B 132 -15.30 11.24 11.05
N VAL B 133 -14.58 10.13 11.16
CA VAL B 133 -14.94 9.02 12.01
C VAL B 133 -13.73 8.58 12.84
N SER B 134 -14.02 7.91 13.94
CA SER B 134 -13.03 7.61 14.97
C SER B 134 -12.20 6.37 14.58
N ASN B 135 -11.10 6.21 15.28
CA ASN B 135 -10.29 5.00 15.14
C ASN B 135 -11.13 3.76 15.34
N GLN B 136 -11.98 3.75 16.37
CA GLN B 136 -12.77 2.54 16.64
C GLN B 136 -13.70 2.19 15.48
N PHE B 137 -14.29 3.21 14.84
CA PHE B 137 -15.13 2.96 13.68
C PHE B 137 -14.29 2.28 12.53
N LEU B 138 -13.10 2.81 12.29
CA LEU B 138 -12.20 2.25 11.25
C LEU B 138 -11.77 0.81 11.57
N ILE B 139 -11.56 0.55 12.87
CA ILE B 139 -11.18 -0.78 13.34
C ILE B 139 -12.36 -1.74 13.15
N ASN B 140 -13.55 -1.33 13.60
CA ASN B 140 -14.71 -2.21 13.60
C ASN B 140 -15.18 -2.59 12.18
N THR B 141 -14.92 -1.72 11.20
CA THR B 141 -15.33 -2.01 9.84
C THR B 141 -14.23 -2.79 9.06
N ASN B 142 -13.08 -3.09 9.68
CA ASN B 142 -11.98 -3.75 8.98
C ASN B 142 -11.51 -2.91 7.80
N SER B 143 -11.42 -1.59 8.01
CA SER B 143 -10.96 -0.70 6.98
C SER B 143 -9.52 -1.01 6.62
N GLU B 144 -9.15 -0.68 5.41
CA GLU B 144 -7.77 -0.87 4.94
C GLU B 144 -6.74 -0.16 5.85
N LEU B 145 -7.06 1.04 6.31
CA LEU B 145 -6.16 1.76 7.22
C LEU B 145 -5.92 0.99 8.52
N ALA B 146 -6.98 0.43 9.11
CA ALA B 146 -6.84 -0.29 10.35
C ALA B 146 -6.01 -1.59 10.15
N LEU B 147 -6.19 -2.23 9.01
CA LEU B 147 -5.34 -3.40 8.65
C LEU B 147 -3.87 -3.00 8.46
N MET B 148 -3.61 -1.89 7.81
CA MET B 148 -2.24 -1.42 7.58
C MET B 148 -1.50 -1.16 8.89
N TYR B 149 -2.23 -0.55 9.86
CA TYR B 149 -1.59 -0.07 11.07
C TYR B 149 -1.91 -0.89 12.30
N ASN B 150 -2.44 -2.11 12.11
CA ASN B 150 -2.69 -3.02 13.20
C ASN B 150 -3.53 -2.39 14.31
N ASP B 151 -4.58 -1.70 13.92
CA ASP B 151 -5.56 -1.07 14.82
C ASP B 151 -4.97 -0.09 15.84
N SER B 152 -3.74 0.33 15.62
CA SER B 152 -3.02 1.19 16.54
C SER B 152 -2.76 2.58 15.98
N SER B 153 -3.33 3.58 16.64
CA SER B 153 -3.28 4.98 16.28
C SER B 153 -3.50 5.07 14.78
N VAL B 154 -4.58 4.47 14.32
CA VAL B 154 -4.80 4.31 12.88
C VAL B 154 -4.82 5.66 12.17
N LEU B 155 -5.66 6.56 12.63
CA LEU B 155 -5.78 7.87 12.02
C LEU B 155 -4.47 8.64 12.07
N GLU B 156 -3.85 8.62 13.23
CA GLU B 156 -2.62 9.36 13.51
C GLU B 156 -1.45 8.90 12.62
N ASN B 157 -1.31 7.61 12.42
CA ASN B 157 -0.32 7.07 11.50
C ASN B 157 -0.68 7.58 10.09
N HIS B 158 -1.95 7.56 9.73
CA HIS B 158 -2.38 8.05 8.46
C HIS B 158 -2.08 9.54 8.21
N HIS B 159 -2.37 10.39 9.18
CA HIS B 159 -2.12 11.82 9.04
C HIS B 159 -0.62 12.08 8.77
N LEU B 160 0.23 11.36 9.48
CA LEU B 160 1.67 11.46 9.24
C LEU B 160 2.04 11.05 7.81
N ALA B 161 1.56 9.89 7.39
CA ALA B 161 1.88 9.38 6.05
C ALA B 161 1.46 10.38 4.95
N VAL B 162 0.28 10.94 5.07
CA VAL B 162 -0.20 11.89 4.08
C VAL B 162 0.60 13.22 4.17
N GLY B 163 0.75 13.75 5.37
CA GLY B 163 1.49 15.02 5.53
C GLY B 163 2.91 14.95 4.97
N PHE B 164 3.60 13.85 5.19
CA PHE B 164 4.94 13.65 4.62
C PHE B 164 4.91 13.36 3.11
N LYS B 165 3.96 12.53 2.66
CA LYS B 165 3.92 12.18 1.25
C LYS B 165 3.66 13.39 0.39
N LEU B 166 2.87 14.35 0.89
CA LEU B 166 2.56 15.51 0.11
C LEU B 166 3.79 16.37 -0.19
N LEU B 167 4.86 16.22 0.58
CA LEU B 167 6.13 16.93 0.30
C LEU B 167 6.73 16.55 -1.08
N GLN B 168 6.32 15.39 -1.60
CA GLN B 168 6.84 14.85 -2.87
C GLN B 168 6.07 15.32 -4.09
N GLU B 169 4.97 16.04 -3.91
CA GLU B 169 4.24 16.60 -5.03
C GLU B 169 5.05 17.73 -5.66
N GLU B 170 4.61 18.15 -6.84
CA GLU B 170 5.39 19.12 -7.63
C GLU B 170 5.60 20.42 -6.84
N ASN B 171 6.88 20.78 -6.67
CA ASN B 171 7.32 21.97 -5.97
C ASN B 171 6.71 22.09 -4.58
N CYS B 172 6.71 20.99 -3.86
CA CYS B 172 6.11 20.90 -2.50
C CYS B 172 7.15 20.63 -1.41
N ASP B 173 8.41 20.37 -1.75
CA ASP B 173 9.34 19.95 -0.73
C ASP B 173 9.94 21.16 0.02
N ILE B 174 9.20 21.57 1.05
CA ILE B 174 9.61 22.72 1.86
C ILE B 174 10.90 22.48 2.66
N PHE B 175 11.30 21.23 2.82
CA PHE B 175 12.50 20.87 3.52
C PHE B 175 13.70 20.57 2.62
N GLN B 176 13.62 20.96 1.37
CA GLN B 176 14.67 20.64 0.39
C GLN B 176 16.05 21.14 0.73
N ASN B 177 16.10 22.25 1.43
CA ASN B 177 17.40 22.85 1.83
C ASN B 177 17.81 22.61 3.27
N LEU B 178 17.12 21.71 3.98
CA LEU B 178 17.60 21.26 5.27
C LEU B 178 18.71 20.25 5.06
N THR B 179 19.66 20.20 5.99
CA THR B 179 20.68 19.16 5.94
C THR B 179 20.04 17.82 6.27
N LYS B 180 20.73 16.74 5.94
CA LYS B 180 20.30 15.41 6.35
C LYS B 180 20.04 15.32 7.86
N LYS B 181 20.95 15.91 8.64
CA LYS B 181 20.84 15.85 10.08
C LYS B 181 19.57 16.61 10.57
N GLN B 182 19.31 17.77 9.99
CA GLN B 182 18.13 18.54 10.29
C GLN B 182 16.86 17.75 9.91
N ARG B 183 16.87 17.14 8.73
CA ARG B 183 15.70 16.38 8.24
C ARG B 183 15.41 15.17 9.09
N GLN B 184 16.44 14.44 9.53
CA GLN B 184 16.20 13.27 10.36
C GLN B 184 15.64 13.65 11.73
N SER B 185 16.17 14.73 12.31
CA SER B 185 15.70 15.18 13.59
C SER B 185 14.24 15.71 13.47
N LEU B 186 13.96 16.51 12.47
CA LEU B 186 12.62 17.06 12.23
C LEU B 186 11.59 15.94 12.04
N ARG B 187 11.95 14.96 11.21
CA ARG B 187 11.07 13.84 10.98
C ARG B 187 10.71 13.09 12.27
N LYS B 188 11.72 12.77 13.06
CA LYS B 188 11.47 12.06 14.29
C LYS B 188 10.54 12.86 15.23
N MET B 189 10.82 14.15 15.36
CA MET B 189 10.03 14.98 16.25
C MET B 189 8.58 15.08 15.78
N VAL B 190 8.39 15.24 14.47
CA VAL B 190 7.06 15.35 13.89
C VAL B 190 6.27 14.07 14.16
N ILE B 191 6.89 12.91 13.96
CA ILE B 191 6.24 11.65 14.25
C ILE B 191 5.82 11.55 15.73
N ASP B 192 6.76 11.89 16.61
CA ASP B 192 6.48 11.82 18.03
C ASP B 192 5.36 12.77 18.44
N ILE B 193 5.30 13.94 17.84
CA ILE B 193 4.26 14.90 18.18
C ILE B 193 2.86 14.45 17.65
N VAL B 194 2.77 14.06 16.38
CA VAL B 194 1.48 13.66 15.82
C VAL B 194 0.91 12.40 16.51
N LEU B 195 1.75 11.42 16.79
CA LEU B 195 1.28 10.21 17.46
C LEU B 195 0.73 10.51 18.87
N ALA B 196 1.25 11.56 19.50
CA ALA B 196 0.81 12.00 20.80
C ALA B 196 -0.55 12.68 20.78
N THR B 197 -1.10 12.98 19.59
CA THR B 197 -2.44 13.55 19.48
C THR B 197 -3.56 12.50 19.57
N ASP B 198 -3.23 11.23 19.54
CA ASP B 198 -4.20 10.15 19.77
C ASP B 198 -4.61 10.22 21.24
N MET B 199 -5.90 10.40 21.49
CA MET B 199 -6.39 10.48 22.86
C MET B 199 -6.09 9.25 23.71
N SER B 200 -5.81 8.09 23.11
CA SER B 200 -5.43 6.93 23.89
C SER B 200 -4.10 7.18 24.62
N LYS B 201 -3.32 8.15 24.19
CA LYS B 201 -2.05 8.50 24.85
C LYS B 201 -2.18 9.58 25.95
N HIS B 202 -3.37 10.15 26.11
CA HIS B 202 -3.52 11.33 26.93
C HIS B 202 -3.11 11.13 28.39
N MET B 203 -3.59 10.06 29.01
CA MET B 203 -3.32 9.83 30.44
C MET B 203 -1.84 9.70 30.74
N ASN B 204 -1.11 8.97 29.91
CA ASN B 204 0.34 8.82 30.08
C ASN B 204 1.10 10.10 29.80
N LEU B 205 0.70 10.85 28.77
CA LEU B 205 1.28 12.16 28.53
C LEU B 205 1.09 13.08 29.72
N LEU B 206 -0.12 13.08 30.28
CA LEU B 206 -0.44 13.97 31.39
C LEU B 206 0.37 13.59 32.65
N ALA B 207 0.46 12.28 32.92
CA ALA B 207 1.24 11.77 34.05
C ALA B 207 2.67 12.26 33.96
N ASP B 208 3.26 12.14 32.76
CA ASP B 208 4.60 12.63 32.56
C ASP B 208 4.75 14.12 32.65
N LEU B 209 3.76 14.88 32.17
CA LEU B 209 3.81 16.31 32.29
C LEU B 209 3.79 16.70 33.80
N LYS B 210 2.94 16.02 34.60
CA LYS B 210 2.86 16.29 36.03
C LYS B 210 4.22 16.05 36.74
N THR B 211 4.85 14.93 36.38
CA THR B 211 6.16 14.57 36.94
C THR B 211 7.19 15.61 36.61
N MET B 212 7.17 16.11 35.38
CA MET B 212 8.08 17.16 35.00
C MET B 212 7.85 18.44 35.77
N VAL B 213 6.58 18.84 35.97
CA VAL B 213 6.29 20.04 36.76
C VAL B 213 6.84 19.87 38.21
N GLU B 214 6.59 18.69 38.79
CA GLU B 214 7.07 18.39 40.14
C GLU B 214 8.59 18.42 40.31
N THR B 215 9.36 18.16 39.26
CA THR B 215 10.82 18.11 39.32
C THR B 215 11.47 19.15 38.41
N LYS B 216 10.71 20.23 38.16
CA LYS B 216 11.06 21.30 37.23
C LYS B 216 12.42 21.91 37.57
N LYS B 217 13.28 22.04 36.57
CA LYS B 217 14.55 22.77 36.70
C LYS B 217 14.54 24.00 35.81
N VAL B 218 15.09 25.10 36.27
CA VAL B 218 15.31 26.28 35.46
C VAL B 218 16.78 26.69 35.48
N THR B 219 17.22 27.50 34.53
CA THR B 219 18.49 28.22 34.59
C THR B 219 18.45 29.35 35.63
N SER B 220 19.57 30.05 35.80
CA SER B 220 19.63 31.18 36.72
C SER B 220 18.73 32.37 36.30
N SER B 221 18.43 32.50 35.01
CA SER B 221 17.47 33.47 34.50
C SER B 221 15.98 33.03 34.58
N GLY B 222 15.71 31.81 35.04
CA GLY B 222 14.37 31.27 35.14
C GLY B 222 13.81 30.71 33.84
N VAL B 223 14.67 30.40 32.89
CA VAL B 223 14.31 29.73 31.63
C VAL B 223 14.22 28.22 31.88
N LEU B 224 13.16 27.57 31.44
CA LEU B 224 12.97 26.15 31.75
C LEU B 224 14.08 25.30 31.09
N LEU B 225 14.58 24.34 31.83
CA LEU B 225 15.82 23.62 31.47
C LEU B 225 15.34 22.24 31.08
N LEU B 226 15.57 21.90 29.82
CA LEU B 226 15.20 20.56 29.29
C LEU B 226 16.44 20.08 28.60
N ASP B 227 17.19 19.17 29.19
CA ASP B 227 18.53 18.84 28.69
C ASP B 227 18.65 17.44 28.08
N ASN B 228 17.53 16.80 27.79
CA ASN B 228 17.50 15.52 27.09
C ASN B 228 16.27 15.52 26.13
N TYR B 229 16.35 14.66 25.11
CA TYR B 229 15.30 14.54 24.13
C TYR B 229 13.95 14.18 24.76
N SER B 230 13.96 13.21 25.66
CA SER B 230 12.73 12.77 26.29
C SER B 230 11.93 13.93 26.87
N ASP B 231 12.61 14.85 27.57
CA ASP B 231 11.94 15.98 28.19
C ASP B 231 11.53 17.03 27.17
N ARG B 232 12.41 17.28 26.20
CA ARG B 232 12.14 18.27 25.20
C ARG B 232 10.90 17.87 24.36
N ILE B 233 10.86 16.63 23.92
CA ILE B 233 9.76 16.13 23.11
C ILE B 233 8.46 15.99 23.90
N GLN B 234 8.53 15.64 25.16
CA GLN B 234 7.33 15.53 26.00
C GLN B 234 6.64 16.89 26.14
N VAL B 235 7.41 17.95 26.26
CA VAL B 235 6.88 19.28 26.34
C VAL B 235 6.26 19.67 25.01
N LEU B 236 6.93 19.39 23.91
CA LEU B 236 6.34 19.69 22.59
C LEU B 236 5.07 18.87 22.32
N GLN B 237 5.11 17.60 22.68
CA GLN B 237 3.94 16.72 22.57
C GLN B 237 2.76 17.26 23.36
N ASN B 238 3.01 17.64 24.61
CA ASN B 238 1.95 18.22 25.43
C ASN B 238 1.47 19.56 24.94
N MET B 239 2.40 20.35 24.40
CA MET B 239 2.05 21.63 23.83
C MET B 239 1.03 21.51 22.68
N VAL B 240 1.35 20.64 21.72
CA VAL B 240 0.46 20.46 20.57
C VAL B 240 -0.84 19.79 21.01
N HIS B 241 -0.74 18.87 21.95
CA HIS B 241 -1.93 18.23 22.55
C HIS B 241 -2.84 19.25 23.26
N CYS B 242 -2.24 20.21 23.99
CA CYS B 242 -2.99 21.34 24.55
C CYS B 242 -3.68 22.15 23.46
N ALA B 243 -2.95 22.42 22.36
CA ALA B 243 -3.51 23.15 21.26
C ALA B 243 -4.73 22.41 20.62
N ASP B 244 -4.57 21.12 20.49
CA ASP B 244 -5.64 20.25 19.98
C ASP B 244 -6.88 20.26 20.91
N LEU B 245 -6.60 20.37 22.22
CA LEU B 245 -7.64 20.43 23.25
C LEU B 245 -7.92 21.87 23.72
N SER B 246 -7.74 22.85 22.85
CA SER B 246 -7.81 24.26 23.28
C SER B 246 -9.18 24.88 23.13
N ASN B 247 -10.13 24.21 22.45
CA ASN B 247 -11.40 24.87 22.14
C ASN B 247 -12.11 25.44 23.39
N PRO B 248 -12.17 24.67 24.49
CA PRO B 248 -12.92 25.20 25.66
C PRO B 248 -12.23 26.36 26.39
N THR B 249 -10.97 26.63 26.02
CA THR B 249 -10.20 27.72 26.60
C THR B 249 -10.28 29.01 25.80
N LYS B 250 -11.00 29.00 24.69
CA LYS B 250 -11.10 30.16 23.84
C LYS B 250 -12.31 31.01 24.25
N PRO B 251 -12.35 32.29 23.82
CA PRO B 251 -13.58 33.07 24.02
C PRO B 251 -14.82 32.25 23.62
N LEU B 252 -15.89 32.43 24.37
CA LEU B 252 -17.05 31.60 24.23
C LEU B 252 -17.66 31.60 22.84
N GLN B 253 -17.65 32.73 22.11
CA GLN B 253 -18.24 32.74 20.75
C GLN B 253 -17.50 31.74 19.81
N LEU B 254 -16.18 31.58 20.01
CA LEU B 254 -15.39 30.61 19.27
C LEU B 254 -15.68 29.18 19.76
N TYR B 255 -15.60 28.99 21.06
CA TYR B 255 -15.84 27.70 21.68
C TYR B 255 -17.17 27.08 21.24
N ARG B 256 -18.23 27.87 21.30
CA ARG B 256 -19.54 27.38 20.92
C ARG B 256 -19.59 26.88 19.46
N GLN B 257 -18.87 27.54 18.59
CA GLN B 257 -18.80 27.12 17.21
C GLN B 257 -18.08 25.75 17.12
N TRP B 258 -17.00 25.59 17.87
CA TRP B 258 -16.26 24.30 17.89
C TRP B 258 -17.14 23.18 18.43
N THR B 259 -17.93 23.49 19.44
CA THR B 259 -18.86 22.52 19.99
C THR B 259 -19.91 22.12 18.96
N ASP B 260 -20.53 23.09 18.29
CA ASP B 260 -21.48 22.77 17.22
C ASP B 260 -20.85 21.84 16.17
N ARG B 261 -19.61 22.14 15.80
CA ARG B 261 -18.91 21.37 14.78
C ARG B 261 -18.59 19.92 15.20
N ILE B 262 -18.02 19.73 16.38
CA ILE B 262 -17.69 18.38 16.84
C ILE B 262 -18.97 17.54 16.99
N MET B 263 -20.04 18.17 17.47
CA MET B 263 -21.30 17.46 17.65
C MET B 263 -21.94 17.05 16.31
N GLU B 264 -21.86 17.91 15.31
CA GLU B 264 -22.33 17.58 13.98
C GLU B 264 -21.52 16.37 13.45
N GLU B 265 -20.21 16.39 13.64
CA GLU B 265 -19.37 15.31 13.17
C GLU B 265 -19.66 13.99 13.91
N PHE B 266 -19.76 14.07 15.23
CA PHE B 266 -20.09 12.91 16.05
C PHE B 266 -21.47 12.35 15.68
N PHE B 267 -22.47 13.23 15.54
CA PHE B 267 -23.81 12.76 15.20
C PHE B 267 -23.83 12.07 13.82
N ARG B 268 -23.05 12.58 12.88
CA ARG B 268 -22.95 11.93 11.57
C ARG B 268 -22.33 10.55 11.70
N GLN B 269 -21.33 10.41 12.54
CA GLN B 269 -20.76 9.10 12.79
C GLN B 269 -21.82 8.18 13.40
N GLY B 270 -22.58 8.70 14.36
CA GLY B 270 -23.62 7.90 14.98
C GLY B 270 -24.72 7.46 14.01
N ASP B 271 -25.07 8.33 13.08
CA ASP B 271 -26.02 7.99 12.00
C ASP B 271 -25.49 6.85 11.14
N ARG B 272 -24.19 6.85 10.92
CA ARG B 272 -23.54 5.82 10.15
C ARG B 272 -23.53 4.52 10.94
N GLU B 273 -23.20 4.59 12.22
CA GLU B 273 -23.23 3.43 13.08
C GLU B 273 -24.64 2.81 13.16
N ARG B 274 -25.64 3.67 13.36
CA ARG B 274 -27.04 3.23 13.45
C ARG B 274 -27.49 2.52 12.13
N GLU B 275 -27.23 3.13 10.98
CA GLU B 275 -27.62 2.51 9.70
C GLU B 275 -26.95 1.18 9.44
N ARG B 276 -25.78 0.98 10.02
CA ARG B 276 -25.01 -0.24 9.88
C ARG B 276 -25.29 -1.26 10.96
N GLY B 277 -26.17 -0.93 11.92
CA GLY B 277 -26.45 -1.88 13.00
C GLY B 277 -25.38 -1.96 14.06
N MET B 278 -24.48 -0.97 14.12
CA MET B 278 -23.37 -0.99 15.07
C MET B 278 -23.84 -0.31 16.34
N GLU B 279 -23.17 -0.60 17.43
CA GLU B 279 -23.37 0.17 18.65
C GLU B 279 -22.99 1.64 18.40
N ILE B 280 -23.83 2.58 18.85
CA ILE B 280 -23.54 3.98 18.63
C ILE B 280 -22.51 4.46 19.66
N SER B 281 -21.46 5.12 19.20
CA SER B 281 -20.35 5.51 20.08
C SER B 281 -20.81 6.61 21.07
N PRO B 282 -20.09 6.75 22.19
CA PRO B 282 -20.46 7.82 23.12
C PRO B 282 -20.53 9.20 22.45
N MET B 283 -21.57 9.96 22.80
CA MET B 283 -21.87 11.30 22.31
C MET B 283 -22.32 11.36 20.87
N CYS B 284 -22.51 10.21 20.20
CA CYS B 284 -22.78 10.18 18.77
C CYS B 284 -24.25 9.94 18.43
N ASP B 285 -25.12 9.74 19.43
CA ASP B 285 -26.53 9.47 19.16
C ASP B 285 -27.32 10.76 19.28
N LYS B 286 -27.71 11.32 18.15
CA LYS B 286 -28.48 12.56 18.15
C LYS B 286 -29.85 12.45 18.83
N HIS B 287 -30.36 11.23 19.01
CA HIS B 287 -31.64 11.02 19.69
C HIS B 287 -31.49 10.85 21.20
N ASN B 288 -30.26 10.68 21.70
CA ASN B 288 -29.99 10.46 23.11
C ASN B 288 -28.70 11.20 23.50
N ALA B 289 -28.66 12.49 23.29
CA ALA B 289 -27.45 13.28 23.52
C ALA B 289 -27.69 14.29 24.59
N SER B 290 -26.64 14.65 25.28
CA SER B 290 -26.63 15.89 26.07
C SER B 290 -25.35 16.61 25.72
N VAL B 291 -25.45 17.50 24.74
CA VAL B 291 -24.33 18.27 24.28
C VAL B 291 -23.65 19.02 25.43
N GLU B 292 -24.44 19.65 26.30
CA GLU B 292 -23.91 20.54 27.31
C GLU B 292 -23.26 19.72 28.43
N LYS B 293 -23.92 18.64 28.85
CA LYS B 293 -23.34 17.77 29.86
C LYS B 293 -22.02 17.16 29.38
N SER B 294 -22.01 16.80 28.12
CA SER B 294 -20.81 16.27 27.47
C SER B 294 -19.67 17.30 27.47
N GLN B 295 -19.96 18.57 27.17
CA GLN B 295 -18.91 19.59 27.29
C GLN B 295 -18.37 19.73 28.69
N VAL B 296 -19.27 19.72 29.68
CA VAL B 296 -18.82 19.88 31.05
C VAL B 296 -17.98 18.67 31.43
N GLY B 297 -18.40 17.47 31.03
CA GLY B 297 -17.57 16.27 31.26
C GLY B 297 -16.21 16.26 30.57
N PHE B 298 -16.19 16.74 29.33
CA PHE B 298 -14.95 16.86 28.56
C PHE B 298 -13.98 17.82 29.29
N ILE B 299 -14.51 18.94 29.77
CA ILE B 299 -13.70 19.87 30.55
C ILE B 299 -13.21 19.24 31.84
N ASP B 300 -14.13 18.69 32.63
CA ASP B 300 -13.76 18.18 33.94
C ASP B 300 -12.79 17.01 33.89
N TYR B 301 -12.95 16.11 32.92
CA TYR B 301 -12.16 14.87 32.91
C TYR B 301 -10.92 14.92 32.05
N ILE B 302 -10.89 15.80 31.03
CA ILE B 302 -9.80 15.84 30.07
C ILE B 302 -9.11 17.21 29.99
N VAL B 303 -9.87 18.25 29.66
CA VAL B 303 -9.29 19.51 29.25
C VAL B 303 -8.75 20.28 30.47
N HIS B 304 -9.52 20.33 31.56
CA HIS B 304 -9.06 21.09 32.75
C HIS B 304 -7.86 20.43 33.45
N PRO B 305 -7.88 19.10 33.61
CA PRO B 305 -6.67 18.51 34.19
C PRO B 305 -5.39 18.76 33.39
N LEU B 306 -5.50 18.71 32.05
CA LEU B 306 -4.36 18.98 31.22
C LEU B 306 -3.91 20.44 31.33
N TRP B 307 -4.84 21.36 31.12
CA TRP B 307 -4.50 22.77 31.09
C TRP B 307 -4.05 23.32 32.46
N GLU B 308 -4.59 22.77 33.54
CA GLU B 308 -4.13 23.11 34.89
C GLU B 308 -2.68 22.72 35.05
N THR B 309 -2.30 21.55 34.50
CA THR B 309 -0.93 21.10 34.60
C THR B 309 0.01 21.93 33.68
N TRP B 310 -0.43 22.19 32.45
CA TRP B 310 0.31 23.08 31.56
C TRP B 310 0.53 24.47 32.22
N ALA B 311 -0.55 25.00 32.80
CA ALA B 311 -0.52 26.33 33.46
C ALA B 311 0.49 26.36 34.59
N ASP B 312 0.62 25.28 35.35
CA ASP B 312 1.70 25.16 36.35
C ASP B 312 3.07 25.23 35.70
N LEU B 313 3.25 24.47 34.61
CA LEU B 313 4.54 24.50 33.93
C LEU B 313 4.95 25.93 33.48
N VAL B 314 4.02 26.69 32.93
CA VAL B 314 4.35 28.02 32.39
C VAL B 314 3.83 29.17 33.25
N HIS B 315 3.62 28.89 34.53
CA HIS B 315 3.00 29.84 35.47
C HIS B 315 3.75 31.20 35.43
N PRO B 316 3.06 32.35 35.39
CA PRO B 316 1.59 32.49 35.36
C PRO B 316 1.05 32.78 33.93
N ASP B 317 1.79 32.41 32.91
CA ASP B 317 1.46 32.86 31.53
C ASP B 317 0.09 32.38 31.05
N ALA B 318 -0.36 31.23 31.55
CA ALA B 318 -1.64 30.66 31.12
C ALA B 318 -2.83 30.96 32.04
N GLN B 319 -2.67 31.89 32.97
CA GLN B 319 -3.74 32.21 33.92
C GLN B 319 -5.02 32.68 33.24
N ASP B 320 -4.93 33.54 32.23
CA ASP B 320 -6.15 34.01 31.56
C ASP B 320 -6.83 32.89 30.77
N ILE B 321 -6.03 31.98 30.24
CA ILE B 321 -6.55 30.82 29.49
C ILE B 321 -7.33 29.92 30.46
N LEU B 322 -6.73 29.64 31.60
CA LEU B 322 -7.38 28.82 32.64
C LEU B 322 -8.65 29.46 33.18
N ASP B 323 -8.62 30.78 33.37
CA ASP B 323 -9.82 31.51 33.81
C ASP B 323 -10.92 31.44 32.80
N THR B 324 -10.58 31.57 31.52
CA THR B 324 -11.58 31.48 30.45
C THR B 324 -12.20 30.09 30.44
N LEU B 325 -11.36 29.07 30.58
CA LEU B 325 -11.82 27.68 30.64
C LEU B 325 -12.86 27.49 31.76
N GLU B 326 -12.52 27.99 32.93
CA GLU B 326 -13.40 27.88 34.12
C GLU B 326 -14.71 28.65 33.91
N ASP B 327 -14.64 29.85 33.33
CA ASP B 327 -15.85 30.59 32.97
C ASP B 327 -16.72 29.87 31.94
N ASN B 328 -16.09 29.28 30.94
CA ASN B 328 -16.83 28.58 29.89
C ASN B 328 -17.52 27.34 30.45
N ARG B 329 -16.83 26.66 31.35
CA ARG B 329 -17.39 25.48 31.99
C ARG B 329 -18.68 25.85 32.75
N GLU B 330 -18.64 26.96 33.48
CA GLU B 330 -19.83 27.47 34.19
C GLU B 330 -20.94 27.85 33.26
N TRP B 331 -20.58 28.46 32.14
CA TRP B 331 -21.61 28.77 31.17
C TRP B 331 -22.32 27.49 30.67
N TYR B 332 -21.55 26.47 30.27
CA TYR B 332 -22.18 25.24 29.79
C TYR B 332 -22.95 24.52 30.91
N GLN B 333 -22.40 24.47 32.11
CA GLN B 333 -23.09 23.89 33.29
C GLN B 333 -24.49 24.54 33.47
N SER B 334 -24.56 25.86 33.31
CA SER B 334 -25.80 26.59 33.47
C SER B 334 -26.85 26.29 32.41
N THR B 335 -26.46 25.69 31.28
CA THR B 335 -27.39 25.32 30.22
C THR B 335 -27.79 23.82 30.26
N ILE B 336 -27.29 23.04 31.20
CA ILE B 336 -27.70 21.63 31.32
C ILE B 336 -29.11 21.55 31.92
N PRO B 337 -30.05 20.81 31.30
CA PRO B 337 -31.43 20.62 31.86
C PRO B 337 -31.53 20.11 33.27
N THR C 12 45.41 -9.59 -5.86
CA THR C 12 44.87 -10.93 -5.48
C THR C 12 44.47 -11.66 -6.74
N GLU C 13 44.71 -12.97 -6.77
CA GLU C 13 44.41 -13.78 -7.97
C GLU C 13 42.92 -13.79 -8.29
N GLN C 14 42.04 -13.96 -7.30
CA GLN C 14 40.59 -14.01 -7.60
C GLN C 14 40.10 -12.67 -8.19
N GLU C 15 40.57 -11.53 -7.65
CA GLU C 15 40.24 -10.23 -8.22
C GLU C 15 40.81 -10.02 -9.62
N ASP C 16 41.99 -10.60 -9.89
CA ASP C 16 42.56 -10.56 -11.22
C ASP C 16 41.74 -11.39 -12.19
N VAL C 17 41.29 -12.57 -11.77
CA VAL C 17 40.49 -13.44 -12.63
C VAL C 17 39.15 -12.74 -12.96
N LEU C 18 38.55 -12.09 -11.98
CA LEU C 18 37.32 -11.32 -12.16
C LEU C 18 37.52 -10.20 -13.15
N ALA C 19 38.61 -9.44 -12.97
CA ALA C 19 38.91 -8.32 -13.88
C ALA C 19 39.08 -8.77 -15.31
N LYS C 20 39.71 -9.92 -15.49
CA LYS C 20 39.89 -10.50 -16.82
C LYS C 20 38.55 -10.92 -17.45
N GLU C 21 37.66 -11.55 -16.69
CA GLU C 21 36.33 -11.88 -17.23
C GLU C 21 35.57 -10.62 -17.62
N LEU C 22 35.71 -9.55 -16.85
CA LEU C 22 34.99 -8.30 -17.12
C LEU C 22 35.49 -7.56 -18.38
N GLU C 23 36.69 -7.93 -18.87
CA GLU C 23 37.14 -7.43 -20.15
C GLU C 23 36.26 -7.88 -21.31
N ASP C 24 35.49 -8.96 -21.14
CA ASP C 24 34.54 -9.40 -22.18
C ASP C 24 33.18 -8.65 -22.15
N VAL C 25 33.08 -7.55 -21.39
CA VAL C 25 31.79 -6.87 -21.19
C VAL C 25 31.11 -6.39 -22.46
N ASN C 26 31.90 -6.12 -23.50
CA ASN C 26 31.31 -5.67 -24.77
C ASN C 26 31.00 -6.83 -25.71
N LYS C 27 31.17 -8.06 -25.26
CA LYS C 27 30.98 -9.23 -26.12
C LYS C 27 29.71 -10.03 -25.79
N TRP C 28 29.00 -10.46 -26.84
CA TRP C 28 27.91 -11.39 -26.67
C TRP C 28 28.53 -12.69 -26.15
N GLY C 29 28.04 -13.27 -25.10
CA GLY C 29 28.77 -14.44 -24.58
C GLY C 29 29.72 -14.27 -23.43
N LEU C 30 29.68 -13.10 -22.81
CA LEU C 30 30.28 -12.87 -21.50
C LEU C 30 30.02 -14.04 -20.56
N HIS C 31 31.00 -14.42 -19.78
CA HIS C 31 30.85 -15.52 -18.86
C HIS C 31 30.19 -15.01 -17.58
N VAL C 32 28.92 -14.70 -17.69
CA VAL C 32 28.19 -14.14 -16.58
C VAL C 32 28.06 -15.01 -15.35
N PHE C 33 27.92 -16.30 -15.51
CA PHE C 33 27.83 -17.16 -14.37
C PHE C 33 29.15 -17.19 -13.60
N ARG C 34 30.26 -17.18 -14.32
CA ARG C 34 31.58 -17.16 -13.72
C ARG C 34 31.74 -15.86 -12.95
N ILE C 35 31.34 -14.75 -13.55
CA ILE C 35 31.37 -13.45 -12.88
C ILE C 35 30.57 -13.47 -11.59
N ALA C 36 29.39 -14.10 -11.62
CA ALA C 36 28.58 -14.22 -10.41
C ALA C 36 29.34 -14.95 -9.29
N GLU C 37 30.03 -16.03 -9.64
CA GLU C 37 30.80 -16.81 -8.70
C GLU C 37 31.95 -15.98 -8.14
N LEU C 38 32.74 -15.40 -9.02
CA LEU C 38 33.95 -14.65 -8.67
C LEU C 38 33.68 -13.38 -7.87
N SER C 39 32.51 -12.76 -8.09
CA SER C 39 32.16 -11.52 -7.43
C SER C 39 31.43 -11.74 -6.05
N GLY C 40 31.30 -12.98 -5.59
CA GLY C 40 30.58 -13.27 -4.36
C GLY C 40 29.08 -13.04 -4.53
N ASN C 41 28.55 -13.44 -5.67
CA ASN C 41 27.13 -13.20 -6.06
C ASN C 41 26.78 -11.72 -6.15
N ARG C 42 27.67 -10.94 -6.75
CA ARG C 42 27.42 -9.54 -7.10
C ARG C 42 27.55 -9.24 -8.60
N PRO C 43 27.03 -10.13 -9.46
CA PRO C 43 27.20 -9.88 -10.88
C PRO C 43 26.50 -8.61 -11.36
N LEU C 44 25.33 -8.29 -10.80
CA LEU C 44 24.63 -7.09 -11.24
C LEU C 44 25.41 -5.83 -10.87
N THR C 45 25.94 -5.79 -9.64
CA THR C 45 26.68 -4.61 -9.18
C THR C 45 27.96 -4.44 -10.03
N VAL C 46 28.75 -5.50 -10.18
CA VAL C 46 30.01 -5.37 -10.90
C VAL C 46 29.83 -5.15 -12.40
N ILE C 47 28.85 -5.83 -13.01
CA ILE C 47 28.59 -5.63 -14.43
C ILE C 47 28.01 -4.25 -14.69
N MET C 48 27.06 -3.80 -13.89
CA MET C 48 26.52 -2.42 -14.06
C MET C 48 27.61 -1.37 -13.88
N HIS C 49 28.44 -1.53 -12.85
CA HIS C 49 29.47 -0.54 -12.60
C HIS C 49 30.45 -0.50 -13.81
N THR C 50 30.86 -1.68 -14.28
CA THR C 50 31.73 -1.77 -15.46
C THR C 50 31.13 -1.10 -16.70
N ILE C 51 29.85 -1.34 -16.94
CA ILE C 51 29.13 -0.72 -18.08
C ILE C 51 29.01 0.77 -17.91
N PHE C 52 28.69 1.23 -16.71
CA PHE C 52 28.62 2.67 -16.48
C PHE C 52 29.99 3.36 -16.75
N GLN C 53 31.08 2.74 -16.30
CA GLN C 53 32.42 3.27 -16.57
C GLN C 53 32.72 3.23 -18.07
N GLU C 54 32.44 2.10 -18.71
CA GLU C 54 32.67 1.92 -20.16
C GLU C 54 31.94 2.96 -21.01
N ARG C 55 30.70 3.30 -20.63
CA ARG C 55 29.92 4.29 -21.38
C ARG C 55 30.06 5.70 -20.84
N ASP C 56 30.94 5.87 -19.87
CA ASP C 56 31.21 7.15 -19.23
C ASP C 56 29.99 7.81 -18.60
N LEU C 57 29.07 6.99 -18.10
CA LEU C 57 27.81 7.52 -17.56
C LEU C 57 27.96 8.21 -16.22
N LEU C 58 28.97 7.85 -15.41
CA LEU C 58 29.14 8.53 -14.10
C LEU C 58 29.50 9.99 -14.35
N LYS C 59 30.45 10.23 -15.28
CA LYS C 59 30.81 11.60 -15.64
C LYS C 59 29.67 12.35 -16.32
N THR C 60 29.04 11.73 -17.30
CA THR C 60 27.97 12.41 -18.06
C THR C 60 26.80 12.84 -17.19
N PHE C 61 26.41 11.98 -16.24
CA PHE C 61 25.23 12.27 -15.40
C PHE C 61 25.62 12.63 -13.99
N LYS C 62 26.91 12.84 -13.76
CA LYS C 62 27.44 13.33 -12.48
C LYS C 62 26.96 12.43 -11.34
N ILE C 63 27.12 11.13 -11.55
CA ILE C 63 26.70 10.15 -10.57
C ILE C 63 27.84 9.89 -9.61
N PRO C 64 27.64 10.20 -8.30
CA PRO C 64 28.71 9.88 -7.37
C PRO C 64 28.95 8.39 -7.28
N VAL C 65 30.22 7.97 -7.26
CA VAL C 65 30.51 6.53 -7.37
C VAL C 65 29.99 5.77 -6.13
N ASP C 66 30.10 6.35 -4.94
CA ASP C 66 29.53 5.71 -3.74
C ASP C 66 27.99 5.54 -3.81
N THR C 67 27.31 6.54 -4.35
CA THR C 67 25.89 6.46 -4.54
C THR C 67 25.53 5.34 -5.53
N LEU C 68 26.29 5.26 -6.64
CA LEU C 68 26.06 4.20 -7.63
C LEU C 68 26.20 2.84 -6.98
N ILE C 69 27.30 2.64 -6.25
CA ILE C 69 27.56 1.33 -5.65
C ILE C 69 26.51 1.00 -4.57
N THR C 70 26.11 1.98 -3.77
CA THR C 70 25.09 1.77 -2.74
C THR C 70 23.73 1.38 -3.39
N TYR C 71 23.32 2.12 -4.41
CA TYR C 71 22.10 1.79 -5.13
C TYR C 71 22.18 0.39 -5.76
N LEU C 72 23.30 0.08 -6.42
CA LEU C 72 23.41 -1.20 -7.08
C LEU C 72 23.36 -2.36 -6.10
N MET C 73 24.06 -2.26 -5.00
CA MET C 73 24.02 -3.31 -3.99
C MET C 73 22.59 -3.47 -3.42
N THR C 74 21.93 -2.34 -3.19
CA THR C 74 20.55 -2.36 -2.75
C THR C 74 19.62 -3.05 -3.75
N LEU C 75 19.73 -2.65 -5.00
CA LEU C 75 18.93 -3.24 -6.11
C LEU C 75 19.21 -4.73 -6.15
N GLU C 76 20.47 -5.11 -6.16
CA GLU C 76 20.84 -6.51 -6.24
C GLU C 76 20.28 -7.32 -5.07
N ASP C 77 20.33 -6.74 -3.88
CA ASP C 77 19.77 -7.34 -2.65
C ASP C 77 18.25 -7.61 -2.77
N HIS C 78 17.53 -6.87 -3.60
CA HIS C 78 16.09 -7.08 -3.79
C HIS C 78 15.71 -8.05 -4.92
N TYR C 79 16.73 -8.63 -5.57
CA TYR C 79 16.53 -9.83 -6.37
C TYR C 79 16.68 -11.02 -5.43
N HIS C 80 15.85 -12.05 -5.61
CA HIS C 80 15.83 -13.16 -4.66
C HIS C 80 16.84 -14.25 -5.09
N ALA C 81 17.78 -14.59 -4.23
CA ALA C 81 18.77 -15.63 -4.52
C ALA C 81 18.17 -17.04 -4.56
N ASP C 82 17.01 -17.24 -3.95
CA ASP C 82 16.35 -18.54 -3.98
C ASP C 82 15.45 -18.76 -5.21
N VAL C 83 15.36 -17.80 -6.13
CA VAL C 83 14.58 -17.94 -7.36
C VAL C 83 15.57 -18.34 -8.44
N ALA C 84 15.34 -19.46 -9.12
CA ALA C 84 16.41 -20.07 -9.97
C ALA C 84 16.75 -19.26 -11.20
N TYR C 85 15.74 -18.64 -11.83
CA TYR C 85 15.95 -17.89 -13.05
C TYR C 85 15.88 -16.39 -12.85
N HIS C 86 14.74 -15.89 -12.35
CA HIS C 86 14.48 -14.46 -12.18
C HIS C 86 15.18 -13.86 -10.96
N ASN C 87 16.51 -13.87 -11.05
CA ASN C 87 17.40 -13.41 -9.99
C ASN C 87 18.37 -12.39 -10.53
N ASN C 88 19.31 -11.99 -9.69
CA ASN C 88 20.32 -11.00 -10.02
C ASN C 88 21.21 -11.37 -11.20
N ILE C 89 21.42 -12.65 -11.47
CA ILE C 89 22.25 -13.08 -12.58
C ILE C 89 21.51 -12.81 -13.86
N HIS C 90 20.21 -13.12 -13.90
CA HIS C 90 19.39 -12.74 -15.06
C HIS C 90 19.37 -11.26 -15.29
N ALA C 91 19.22 -10.46 -14.22
CA ALA C 91 19.24 -9.01 -14.36
C ALA C 91 20.57 -8.54 -14.97
N ALA C 92 21.68 -9.06 -14.43
CA ALA C 92 23.00 -8.71 -14.97
C ALA C 92 23.15 -9.06 -16.45
N ASP C 93 22.62 -10.22 -16.82
CA ASP C 93 22.64 -10.72 -18.18
C ASP C 93 21.86 -9.83 -19.12
N VAL C 94 20.66 -9.41 -18.70
CA VAL C 94 19.86 -8.53 -19.54
C VAL C 94 20.49 -7.15 -19.70
N VAL C 95 21.05 -6.62 -18.61
CA VAL C 95 21.82 -5.39 -18.66
C VAL C 95 22.93 -5.47 -19.72
N GLN C 96 23.74 -6.51 -19.62
CA GLN C 96 24.93 -6.64 -20.48
C GLN C 96 24.54 -6.90 -21.93
N SER C 97 23.47 -7.66 -22.14
CA SER C 97 22.96 -7.95 -23.48
C SER C 97 22.40 -6.68 -24.11
N THR C 98 21.65 -5.88 -23.34
CA THR C 98 21.21 -4.57 -23.80
C THR C 98 22.41 -3.66 -24.19
N HIS C 99 23.43 -3.67 -23.33
CA HIS C 99 24.64 -2.89 -23.58
C HIS C 99 25.29 -3.27 -24.94
N VAL C 100 25.34 -4.57 -25.25
CA VAL C 100 25.89 -5.02 -26.54
C VAL C 100 24.99 -4.60 -27.69
N LEU C 101 23.68 -4.76 -27.54
CA LEU C 101 22.75 -4.37 -28.60
C LEU C 101 22.78 -2.89 -28.90
N LEU C 102 22.94 -2.07 -27.86
CA LEU C 102 23.04 -0.63 -28.04
C LEU C 102 24.27 -0.22 -28.88
N SER C 103 25.33 -1.03 -28.84
CA SER C 103 26.53 -0.79 -29.64
C SER C 103 26.46 -1.30 -31.07
N THR C 104 25.32 -1.82 -31.52
CA THR C 104 25.24 -2.34 -32.89
C THR C 104 25.55 -1.25 -33.97
N PRO C 105 26.36 -1.59 -35.00
CA PRO C 105 26.72 -0.55 -35.97
C PRO C 105 25.56 0.21 -36.57
N ALA C 106 24.46 -0.48 -36.87
CA ALA C 106 23.27 0.18 -37.42
C ALA C 106 22.59 1.22 -36.53
N LEU C 107 22.94 1.26 -35.24
CA LEU C 107 22.35 2.25 -34.33
C LEU C 107 23.37 3.28 -33.88
N GLU C 108 24.54 3.31 -34.53
CA GLU C 108 25.59 4.24 -34.12
C GLU C 108 25.07 5.67 -34.20
N ALA C 109 25.29 6.39 -33.10
CA ALA C 109 24.83 7.77 -32.92
C ALA C 109 23.33 8.01 -33.01
N VAL C 110 22.50 6.96 -33.00
CA VAL C 110 21.06 7.15 -33.02
C VAL C 110 20.56 7.63 -31.65
N PHE C 111 20.99 7.01 -30.55
CA PHE C 111 20.35 7.28 -29.25
C PHE C 111 21.10 8.30 -28.41
N THR C 112 20.38 9.12 -27.67
CA THR C 112 21.00 10.08 -26.75
C THR C 112 21.55 9.35 -25.51
N ASP C 113 22.43 10.04 -24.79
CA ASP C 113 22.95 9.51 -23.53
C ASP C 113 21.83 9.16 -22.52
N LEU C 114 20.79 9.99 -22.49
CA LEU C 114 19.66 9.76 -21.61
C LEU C 114 18.87 8.50 -21.99
N GLU C 115 18.68 8.28 -23.29
CA GLU C 115 18.05 7.07 -23.79
C GLU C 115 18.87 5.82 -23.48
N ILE C 116 20.18 5.93 -23.62
CA ILE C 116 21.10 4.85 -23.26
C ILE C 116 20.98 4.51 -21.76
N LEU C 117 21.07 5.55 -20.94
CA LEU C 117 20.88 5.39 -19.49
C LEU C 117 19.53 4.72 -19.16
N ALA C 118 18.46 5.16 -19.81
CA ALA C 118 17.16 4.59 -19.62
C ALA C 118 17.10 3.11 -19.96
N ALA C 119 17.67 2.73 -21.09
CA ALA C 119 17.63 1.34 -21.52
C ALA C 119 18.42 0.44 -20.54
N ILE C 120 19.58 0.90 -20.11
CA ILE C 120 20.41 0.14 -19.20
C ILE C 120 19.78 0.06 -17.77
N PHE C 121 19.26 1.17 -17.27
CA PHE C 121 18.60 1.21 -15.97
C PHE C 121 17.35 0.32 -15.99
N ALA C 122 16.53 0.47 -17.04
CA ALA C 122 15.36 -0.40 -17.21
C ALA C 122 15.72 -1.88 -17.18
N SER C 123 16.79 -2.26 -17.89
CA SER C 123 17.26 -3.61 -17.87
C SER C 123 17.66 -4.09 -16.46
N ALA C 124 18.32 -3.24 -15.70
CA ALA C 124 18.78 -3.59 -14.38
C ALA C 124 17.62 -3.86 -13.41
N ILE C 125 16.56 -3.04 -13.51
CA ILE C 125 15.42 -3.14 -12.57
C ILE C 125 14.29 -4.04 -13.07
N HIS C 126 14.38 -4.57 -14.31
CA HIS C 126 13.17 -5.01 -15.00
C HIS C 126 12.47 -6.23 -14.37
N ASP C 127 13.20 -7.01 -13.56
CA ASP C 127 12.62 -8.14 -12.81
C ASP C 127 12.84 -8.09 -11.28
N VAL C 128 13.12 -6.92 -10.72
CA VAL C 128 13.47 -6.82 -9.32
C VAL C 128 12.30 -7.28 -8.42
N ASP C 129 12.68 -8.03 -7.38
CA ASP C 129 11.72 -8.61 -6.43
C ASP C 129 10.75 -9.60 -7.07
N HIS C 130 11.22 -10.31 -8.11
CA HIS C 130 10.36 -11.30 -8.78
C HIS C 130 10.23 -12.48 -7.81
N PRO C 131 8.98 -12.93 -7.58
CA PRO C 131 8.75 -14.05 -6.65
C PRO C 131 8.97 -15.44 -7.24
N GLY C 132 9.28 -15.57 -8.54
CA GLY C 132 9.41 -16.85 -9.18
C GLY C 132 8.12 -17.51 -9.60
N VAL C 133 7.03 -16.75 -9.64
CA VAL C 133 5.76 -17.22 -10.19
C VAL C 133 5.18 -16.20 -11.15
N SER C 134 4.31 -16.66 -12.03
CA SER C 134 3.80 -15.88 -13.15
C SER C 134 2.69 -14.91 -12.71
N ASN C 135 2.44 -13.97 -13.61
CA ASN C 135 1.30 -13.06 -13.41
C ASN C 135 0.00 -13.82 -13.16
N GLN C 136 -0.24 -14.85 -13.96
CA GLN C 136 -1.49 -15.60 -13.80
C GLN C 136 -1.60 -16.25 -12.43
N PHE C 137 -0.50 -16.75 -11.89
CA PHE C 137 -0.50 -17.28 -10.54
C PHE C 137 -0.89 -16.21 -9.50
N LEU C 138 -0.31 -15.01 -9.64
CA LEU C 138 -0.63 -13.89 -8.73
C LEU C 138 -2.09 -13.44 -8.84
N ILE C 139 -2.61 -13.49 -10.06
CA ILE C 139 -4.01 -13.16 -10.31
C ILE C 139 -4.93 -14.22 -9.70
N ASN C 140 -4.63 -15.48 -9.95
CA ASN C 140 -5.46 -16.60 -9.50
C ASN C 140 -5.52 -16.76 -7.98
N THR C 141 -4.47 -16.34 -7.29
CA THR C 141 -4.45 -16.41 -5.82
C THR C 141 -5.05 -15.16 -5.17
N ASN C 142 -5.50 -14.17 -5.95
CA ASN C 142 -6.03 -12.94 -5.40
C ASN C 142 -4.97 -12.20 -4.59
N SER C 143 -3.75 -12.20 -5.07
CA SER C 143 -2.68 -11.51 -4.38
C SER C 143 -2.93 -10.02 -4.32
N GLU C 144 -2.38 -9.41 -3.31
CA GLU C 144 -2.47 -7.97 -3.12
C GLU C 144 -1.92 -7.19 -4.35
N LEU C 145 -0.82 -7.67 -4.93
CA LEU C 145 -0.28 -7.00 -6.12
C LEU C 145 -1.26 -7.03 -7.28
N ALA C 146 -1.92 -8.15 -7.51
CA ALA C 146 -2.87 -8.25 -8.60
C ALA C 146 -4.07 -7.28 -8.37
N LEU C 147 -4.52 -7.18 -7.14
CA LEU C 147 -5.56 -6.20 -6.77
C LEU C 147 -5.11 -4.75 -7.01
N MET C 148 -3.88 -4.43 -6.63
CA MET C 148 -3.39 -3.07 -6.81
C MET C 148 -3.33 -2.65 -8.27
N TYR C 149 -2.94 -3.61 -9.15
CA TYR C 149 -2.69 -3.28 -10.53
C TYR C 149 -3.78 -3.76 -11.51
N ASN C 150 -4.95 -4.15 -10.97
CA ASN C 150 -6.03 -4.60 -11.77
C ASN C 150 -5.66 -5.70 -12.76
N ASP C 151 -4.91 -6.68 -12.25
CA ASP C 151 -4.54 -7.86 -13.01
C ASP C 151 -3.74 -7.59 -14.29
N SER C 152 -3.21 -6.39 -14.46
CA SER C 152 -2.54 -5.98 -15.69
C SER C 152 -1.07 -5.74 -15.47
N SER C 153 -0.23 -6.49 -16.19
CA SER C 153 1.22 -6.45 -16.04
C SER C 153 1.58 -6.35 -14.57
N VAL C 154 1.07 -7.28 -13.78
CA VAL C 154 1.18 -7.18 -12.31
C VAL C 154 2.65 -7.15 -11.89
N LEU C 155 3.40 -8.14 -12.31
CA LEU C 155 4.81 -8.21 -11.97
C LEU C 155 5.60 -7.01 -12.48
N GLU C 156 5.35 -6.65 -13.74
CA GLU C 156 6.13 -5.58 -14.40
C GLU C 156 5.89 -4.21 -13.74
N ASN C 157 4.64 -3.94 -13.37
CA ASN C 157 4.34 -2.77 -12.52
C ASN C 157 5.09 -2.82 -11.18
N HIS C 158 5.13 -3.99 -10.56
CA HIS C 158 5.84 -4.12 -9.31
C HIS C 158 7.35 -3.91 -9.47
N HIS C 159 7.94 -4.47 -10.53
CA HIS C 159 9.39 -4.29 -10.74
C HIS C 159 9.73 -2.79 -10.87
N LEU C 160 8.91 -2.07 -11.61
CA LEU C 160 9.08 -0.62 -11.74
C LEU C 160 9.00 0.08 -10.38
N ALA C 161 7.94 -0.21 -9.64
CA ALA C 161 7.75 0.44 -8.33
C ALA C 161 8.93 0.21 -7.40
N VAL C 162 9.42 -1.01 -7.33
CA VAL C 162 10.55 -1.31 -6.44
C VAL C 162 11.84 -0.65 -6.97
N GLY C 163 12.12 -0.82 -8.26
CA GLY C 163 13.35 -0.23 -8.81
C GLY C 163 13.47 1.26 -8.60
N PHE C 164 12.35 1.99 -8.77
CA PHE C 164 12.32 3.42 -8.47
C PHE C 164 12.33 3.73 -7.00
N LYS C 165 11.57 2.98 -6.20
CA LYS C 165 11.49 3.27 -4.76
C LYS C 165 12.83 3.14 -4.11
N LEU C 166 13.65 2.18 -4.57
CA LEU C 166 14.94 1.99 -3.94
C LEU C 166 15.88 3.20 -4.12
N LEU C 167 15.60 4.06 -5.10
CA LEU C 167 16.39 5.30 -5.26
C LEU C 167 16.29 6.24 -4.06
N GLN C 168 15.24 6.07 -3.25
CA GLN C 168 14.96 6.93 -2.11
C GLN C 168 15.64 6.47 -0.83
N GLU C 169 16.25 5.31 -0.81
CA GLU C 169 16.97 4.87 0.37
C GLU C 169 18.24 5.73 0.53
N GLU C 170 18.82 5.72 1.70
CA GLU C 170 19.98 6.52 2.00
C GLU C 170 21.13 6.39 1.00
N ASN C 171 21.55 7.52 0.45
CA ASN C 171 22.62 7.56 -0.54
C ASN C 171 22.43 6.61 -1.73
N CYS C 172 21.22 6.50 -2.21
CA CYS C 172 20.85 5.63 -3.33
C CYS C 172 20.38 6.40 -4.56
N ASP C 173 20.24 7.73 -4.47
CA ASP C 173 19.67 8.43 -5.61
C ASP C 173 20.71 8.72 -6.69
N ILE C 174 20.88 7.74 -7.58
CA ILE C 174 21.84 7.86 -8.65
C ILE C 174 21.49 8.96 -9.68
N PHE C 175 20.25 9.42 -9.69
CA PHE C 175 19.82 10.48 -10.56
C PHE C 175 19.75 11.84 -9.90
N GLN C 176 20.41 12.00 -8.76
CA GLN C 176 20.32 13.24 -7.97
C GLN C 176 20.79 14.48 -8.72
N ASN C 177 21.73 14.31 -9.67
CA ASN C 177 22.23 15.47 -10.45
C ASN C 177 21.63 15.61 -11.84
N LEU C 178 20.61 14.82 -12.17
CA LEU C 178 19.82 15.01 -13.36
C LEU C 178 18.85 16.14 -13.10
N THR C 179 18.49 16.87 -14.12
CA THR C 179 17.51 17.91 -13.97
C THR C 179 16.13 17.30 -13.94
N LYS C 180 15.16 18.08 -13.54
CA LYS C 180 13.79 17.63 -13.54
C LYS C 180 13.36 17.13 -14.91
N LYS C 181 13.74 17.84 -15.93
CA LYS C 181 13.38 17.47 -17.29
C LYS C 181 14.02 16.12 -17.70
N GLN C 182 15.28 15.94 -17.37
CA GLN C 182 15.96 14.66 -17.62
C GLN C 182 15.28 13.50 -16.84
N ARG C 183 14.97 13.75 -15.60
CA ARG C 183 14.32 12.74 -14.80
C ARG C 183 12.96 12.34 -15.31
N GLN C 184 12.14 13.30 -15.66
CA GLN C 184 10.82 12.99 -16.16
C GLN C 184 10.87 12.20 -17.46
N SER C 185 11.78 12.57 -18.35
CA SER C 185 11.94 11.84 -19.59
C SER C 185 12.46 10.41 -19.33
N LEU C 186 13.47 10.27 -18.47
CA LEU C 186 14.01 8.95 -18.10
C LEU C 186 12.93 8.08 -17.49
N ARG C 187 12.15 8.61 -16.57
CA ARG C 187 11.07 7.87 -15.93
C ARG C 187 10.08 7.33 -16.98
N LYS C 188 9.63 8.19 -17.90
CA LYS C 188 8.70 7.74 -18.89
C LYS C 188 9.28 6.60 -19.75
N MET C 189 10.51 6.79 -20.19
CA MET C 189 11.14 5.79 -21.04
C MET C 189 11.31 4.44 -20.31
N VAL C 190 11.73 4.52 -19.05
CA VAL C 190 11.94 3.30 -18.26
C VAL C 190 10.62 2.57 -18.06
N ILE C 191 9.55 3.28 -17.77
CA ILE C 191 8.23 2.66 -17.68
C ILE C 191 7.83 1.97 -18.97
N ASP C 192 7.98 2.68 -20.10
CA ASP C 192 7.64 2.12 -21.39
C ASP C 192 8.44 0.86 -21.70
N ILE C 193 9.72 0.88 -21.35
CA ILE C 193 10.59 -0.28 -21.62
C ILE C 193 10.23 -1.50 -20.71
N VAL C 194 10.12 -1.28 -19.40
CA VAL C 194 9.82 -2.41 -18.49
C VAL C 194 8.44 -3.03 -18.77
N LEU C 195 7.43 -2.21 -19.04
CA LEU C 195 6.10 -2.75 -19.33
C LEU C 195 6.11 -3.60 -20.61
N ALA C 196 7.00 -3.29 -21.54
CA ALA C 196 7.15 -4.04 -22.76
C ALA C 196 7.79 -5.42 -22.57
N THR C 197 8.33 -5.70 -21.37
CA THR C 197 8.88 -7.03 -21.04
C THR C 197 7.82 -8.06 -20.66
N ASP C 198 6.57 -7.63 -20.45
CA ASP C 198 5.46 -8.54 -20.20
C ASP C 198 5.19 -9.29 -21.50
N MET C 199 5.26 -10.61 -21.43
CA MET C 199 5.09 -11.43 -22.65
C MET C 199 3.68 -11.28 -23.26
N SER C 200 2.69 -10.81 -22.50
CA SER C 200 1.37 -10.55 -23.11
C SER C 200 1.46 -9.47 -24.16
N LYS C 201 2.49 -8.65 -24.14
CA LYS C 201 2.70 -7.61 -25.15
C LYS C 201 3.54 -8.03 -26.37
N HIS C 202 4.05 -9.24 -26.37
CA HIS C 202 5.04 -9.66 -27.35
C HIS C 202 4.53 -9.57 -28.80
N MET C 203 3.34 -10.11 -29.05
CA MET C 203 2.80 -10.15 -30.41
C MET C 203 2.61 -8.76 -31.00
N ASN C 204 2.08 -7.83 -30.22
CA ASN C 204 1.96 -6.45 -30.68
C ASN C 204 3.27 -5.73 -30.87
N LEU C 205 4.22 -5.93 -29.95
CA LEU C 205 5.57 -5.38 -30.14
C LEU C 205 6.21 -5.90 -31.43
N LEU C 206 6.07 -7.20 -31.67
CA LEU C 206 6.66 -7.82 -32.84
C LEU C 206 6.01 -7.28 -34.15
N ALA C 207 4.68 -7.17 -34.14
CA ALA C 207 3.92 -6.63 -35.28
C ALA C 207 4.42 -5.23 -35.61
N ASP C 208 4.58 -4.41 -34.60
CA ASP C 208 5.11 -3.07 -34.81
C ASP C 208 6.55 -3.05 -35.26
N LEU C 209 7.39 -3.94 -34.73
CA LEU C 209 8.76 -4.03 -35.19
C LEU C 209 8.78 -4.42 -36.70
N LYS C 210 7.92 -5.35 -37.11
CA LYS C 210 7.84 -5.77 -38.52
C LYS C 210 7.44 -4.58 -39.42
N THR C 211 6.47 -3.81 -38.98
CA THR C 211 6.02 -2.62 -39.71
C THR C 211 7.14 -1.59 -39.88
N MET C 212 7.93 -1.42 -38.82
CA MET C 212 9.07 -0.55 -38.89
C MET C 212 10.12 -1.07 -39.87
N VAL C 213 10.39 -2.37 -39.88
CA VAL C 213 11.33 -2.94 -40.85
C VAL C 213 10.81 -2.73 -42.30
N GLU C 214 9.53 -2.95 -42.51
CA GLU C 214 8.91 -2.73 -43.83
C GLU C 214 8.99 -1.30 -44.35
N THR C 215 9.05 -0.31 -43.45
CA THR C 215 9.09 1.12 -43.84
C THR C 215 10.39 1.78 -43.38
N LYS C 216 11.43 0.97 -43.21
CA LYS C 216 12.74 1.36 -42.68
C LYS C 216 13.34 2.44 -43.55
N LYS C 217 13.82 3.52 -42.93
CA LYS C 217 14.62 4.53 -43.58
C LYS C 217 15.98 4.56 -42.93
N VAL C 218 17.03 4.72 -43.77
CA VAL C 218 18.38 4.91 -43.24
C VAL C 218 18.93 6.26 -43.67
N THR C 219 19.79 6.84 -42.87
CA THR C 219 20.29 8.14 -43.19
C THR C 219 21.33 8.11 -44.28
N SER C 220 21.98 9.25 -44.47
CA SER C 220 23.07 9.39 -45.41
C SER C 220 24.10 8.34 -45.00
N SER C 221 24.50 8.39 -43.73
CA SER C 221 25.38 7.38 -43.14
C SER C 221 24.52 6.13 -43.00
N GLY C 222 25.03 4.92 -43.14
CA GLY C 222 24.17 3.75 -43.06
C GLY C 222 23.41 3.29 -41.80
N VAL C 223 22.91 4.20 -40.98
CA VAL C 223 22.24 3.88 -39.75
C VAL C 223 20.75 4.21 -39.79
N LEU C 224 19.99 3.62 -38.88
CA LEU C 224 18.54 3.82 -38.84
C LEU C 224 18.17 5.27 -38.58
N LEU C 225 17.16 5.77 -39.28
CA LEU C 225 16.61 7.08 -38.99
C LEU C 225 16.09 7.37 -37.58
N LEU C 226 14.83 7.05 -37.30
CA LEU C 226 14.16 7.32 -35.97
C LEU C 226 13.92 8.78 -35.46
N ASP C 227 12.93 9.42 -36.04
CA ASP C 227 12.77 10.87 -35.80
C ASP C 227 11.54 11.28 -34.98
N ASN C 228 10.92 10.32 -34.30
CA ASN C 228 9.84 10.61 -33.34
C ASN C 228 9.94 9.65 -32.14
N TYR C 229 9.36 10.05 -31.01
CA TYR C 229 9.41 9.24 -29.77
C TYR C 229 8.84 7.84 -30.00
N SER C 230 7.69 7.75 -30.67
CA SER C 230 7.07 6.47 -30.88
C SER C 230 8.02 5.44 -31.49
N ASP C 231 8.79 5.85 -32.49
CA ASP C 231 9.72 4.95 -33.16
C ASP C 231 10.96 4.69 -32.31
N ARG C 232 11.45 5.73 -31.67
CA ARG C 232 12.64 5.59 -30.84
C ARG C 232 12.37 4.63 -29.65
N ILE C 233 11.24 4.81 -28.99
CA ILE C 233 10.90 3.99 -27.81
C ILE C 233 10.53 2.57 -28.24
N GLN C 234 9.88 2.41 -29.40
CA GLN C 234 9.60 1.08 -29.94
C GLN C 234 10.88 0.28 -30.15
N VAL C 235 11.92 0.92 -30.69
CA VAL C 235 13.18 0.23 -30.89
C VAL C 235 13.81 -0.14 -29.54
N LEU C 236 13.81 0.79 -28.58
CA LEU C 236 14.36 0.48 -27.25
C LEU C 236 13.56 -0.63 -26.55
N GLN C 237 12.25 -0.58 -26.64
CA GLN C 237 11.38 -1.62 -26.10
C GLN C 237 11.71 -2.98 -26.68
N ASN C 238 11.80 -3.05 -28.01
CA ASN C 238 12.17 -4.30 -28.67
C ASN C 238 13.57 -4.75 -28.36
N MET C 239 14.48 -3.80 -28.22
CA MET C 239 15.86 -4.10 -27.86
C MET C 239 15.95 -4.81 -26.51
N VAL C 240 15.32 -4.24 -25.48
CA VAL C 240 15.37 -4.82 -24.14
C VAL C 240 14.59 -6.14 -24.12
N HIS C 241 13.49 -6.19 -24.84
CA HIS C 241 12.72 -7.44 -25.02
C HIS C 241 13.57 -8.54 -25.70
N CYS C 242 14.35 -8.18 -26.72
CA CYS C 242 15.34 -9.10 -27.32
C CYS C 242 16.35 -9.56 -26.29
N ALA C 243 16.85 -8.63 -25.47
CA ALA C 243 17.79 -8.97 -24.41
C ALA C 243 17.19 -9.97 -23.41
N ASP C 244 15.95 -9.72 -23.05
CA ASP C 244 15.21 -10.60 -22.15
C ASP C 244 15.01 -12.01 -22.75
N LEU C 245 14.84 -12.04 -24.08
CA LEU C 245 14.67 -13.28 -24.83
C LEU C 245 15.99 -13.70 -25.56
N SER C 246 17.14 -13.38 -24.97
CA SER C 246 18.42 -13.62 -25.63
C SER C 246 19.06 -14.96 -25.29
N ASN C 247 18.52 -15.71 -24.31
CA ASN C 247 19.23 -16.90 -23.82
C ASN C 247 19.56 -17.88 -24.97
N PRO C 248 18.59 -18.16 -25.85
CA PRO C 248 18.88 -19.17 -26.89
C PRO C 248 19.84 -18.72 -27.97
N THR C 249 20.18 -17.43 -27.98
CA THR C 249 21.14 -16.85 -28.92
C THR C 249 22.57 -16.83 -28.39
N LYS C 250 22.77 -17.27 -27.17
CA LYS C 250 24.07 -17.22 -26.55
C LYS C 250 24.86 -18.52 -26.83
N PRO C 251 26.19 -18.49 -26.63
CA PRO C 251 26.94 -19.73 -26.59
C PRO C 251 26.26 -20.79 -25.77
N LEU C 252 26.33 -22.03 -26.27
CA LEU C 252 25.53 -23.09 -25.71
C LEU C 252 25.79 -23.35 -24.24
N GLN C 253 27.00 -23.18 -23.75
CA GLN C 253 27.26 -23.42 -22.34
C GLN C 253 26.45 -22.47 -21.45
N LEU C 254 26.18 -21.28 -21.95
CA LEU C 254 25.42 -20.31 -21.20
C LEU C 254 23.94 -20.66 -21.33
N TYR C 255 23.50 -20.87 -22.57
CA TYR C 255 22.13 -21.21 -22.87
C TYR C 255 21.62 -22.37 -22.04
N ARG C 256 22.40 -23.45 -21.97
CA ARG C 256 21.99 -24.60 -21.18
C ARG C 256 21.73 -24.33 -19.70
N GLN C 257 22.53 -23.46 -19.15
CA GLN C 257 22.38 -23.05 -17.78
C GLN C 257 21.06 -22.25 -17.62
N TRP C 258 20.75 -21.40 -18.58
CA TRP C 258 19.48 -20.64 -18.55
C TRP C 258 18.28 -21.55 -18.64
N THR C 259 18.41 -22.57 -19.50
CA THR C 259 17.34 -23.57 -19.64
C THR C 259 17.15 -24.34 -18.35
N ASP C 260 18.23 -24.81 -17.73
CA ASP C 260 18.09 -25.50 -16.45
C ASP C 260 17.39 -24.64 -15.42
N ARG C 261 17.75 -23.36 -15.38
CA ARG C 261 17.20 -22.42 -14.41
C ARG C 261 15.72 -22.12 -14.62
N ILE C 262 15.31 -21.82 -15.83
CA ILE C 262 13.90 -21.52 -16.09
C ILE C 262 13.04 -22.74 -15.81
N MET C 263 13.54 -23.93 -16.13
CA MET C 263 12.79 -25.14 -15.87
C MET C 263 12.64 -25.43 -14.39
N GLU C 264 13.71 -25.21 -13.61
CA GLU C 264 13.63 -25.34 -12.17
C GLU C 264 12.59 -24.36 -11.60
N GLU C 265 12.59 -23.13 -12.08
CA GLU C 265 11.63 -22.13 -11.60
C GLU C 265 10.21 -22.47 -11.99
N PHE C 266 9.99 -22.87 -13.24
CA PHE C 266 8.67 -23.29 -13.70
C PHE C 266 8.20 -24.52 -12.92
N PHE C 267 9.07 -25.52 -12.74
CA PHE C 267 8.68 -26.73 -11.99
C PHE C 267 8.31 -26.40 -10.55
N ARG C 268 9.02 -25.46 -9.93
CA ARG C 268 8.65 -25.03 -8.59
C ARG C 268 7.29 -24.36 -8.57
N GLN C 269 6.99 -23.57 -9.57
CA GLN C 269 5.66 -22.97 -9.68
C GLN C 269 4.63 -24.09 -9.82
N GLY C 270 4.91 -25.09 -10.66
CA GLY C 270 3.99 -26.18 -10.84
C GLY C 270 3.77 -27.00 -9.57
N ASP C 271 4.81 -27.20 -8.77
CA ASP C 271 4.71 -27.83 -7.46
C ASP C 271 3.81 -27.03 -6.51
N ARG C 272 3.89 -25.70 -6.57
CA ARG C 272 3.01 -24.84 -5.79
C ARG C 272 1.57 -24.89 -6.28
N GLU C 273 1.39 -24.90 -7.60
CA GLU C 273 0.05 -25.07 -8.18
C GLU C 273 -0.56 -26.44 -7.78
N ARG C 274 0.21 -27.49 -7.91
CA ARG C 274 -0.22 -28.84 -7.55
C ARG C 274 -0.60 -28.95 -6.06
N GLU C 275 0.26 -28.47 -5.17
CA GLU C 275 -0.01 -28.40 -3.69
C GLU C 275 -1.34 -27.75 -3.38
N ARG C 276 -1.66 -26.72 -4.17
CA ARG C 276 -2.84 -25.89 -3.95
C ARG C 276 -4.05 -26.38 -4.69
N GLY C 277 -3.94 -27.46 -5.47
CA GLY C 277 -5.09 -27.92 -6.26
C GLY C 277 -5.40 -27.08 -7.48
N MET C 278 -4.45 -26.28 -7.94
CA MET C 278 -4.68 -25.43 -9.13
C MET C 278 -4.27 -26.23 -10.35
N GLU C 279 -4.79 -25.83 -11.49
CA GLU C 279 -4.31 -26.36 -12.77
C GLU C 279 -2.82 -26.00 -12.93
N ILE C 280 -2.00 -26.95 -13.37
CA ILE C 280 -0.58 -26.71 -13.55
C ILE C 280 -0.33 -25.98 -14.86
N SER C 281 0.42 -24.88 -14.82
CA SER C 281 0.64 -24.03 -15.99
C SER C 281 1.49 -24.76 -17.05
N PRO C 282 1.41 -24.31 -18.31
CA PRO C 282 2.26 -24.91 -19.34
C PRO C 282 3.75 -24.92 -18.95
N MET C 283 4.40 -26.06 -19.18
CA MET C 283 5.82 -26.32 -18.92
C MET C 283 6.18 -26.42 -17.45
N CYS C 284 5.19 -26.39 -16.55
CA CYS C 284 5.46 -26.35 -15.12
C CYS C 284 5.27 -27.69 -14.40
N ASP C 285 4.85 -28.73 -15.12
CA ASP C 285 4.65 -30.04 -14.51
C ASP C 285 5.87 -30.90 -14.71
N LYS C 286 6.64 -31.08 -13.65
CA LYS C 286 7.84 -31.89 -13.70
C LYS C 286 7.59 -33.37 -14.04
N HIS C 287 6.36 -33.84 -13.87
CA HIS C 287 6.01 -35.23 -14.19
C HIS C 287 5.55 -35.40 -15.64
N ASN C 288 5.29 -34.30 -16.34
CA ASN C 288 4.82 -34.32 -17.73
C ASN C 288 5.48 -33.20 -18.53
N ALA C 289 6.80 -33.19 -18.56
CA ALA C 289 7.57 -32.14 -19.20
C ALA C 289 8.38 -32.72 -20.33
N SER C 290 8.66 -31.90 -21.32
CA SER C 290 9.68 -32.20 -22.30
C SER C 290 10.55 -30.96 -22.43
N VAL C 291 11.62 -30.91 -21.68
CA VAL C 291 12.46 -29.73 -21.62
C VAL C 291 12.97 -29.34 -23.00
N GLU C 292 13.43 -30.33 -23.77
CA GLU C 292 14.08 -30.07 -25.07
C GLU C 292 13.03 -29.67 -26.10
N LYS C 293 11.91 -30.35 -26.13
CA LYS C 293 10.82 -29.98 -27.04
C LYS C 293 10.31 -28.55 -26.74
N SER C 294 10.23 -28.24 -25.46
CA SER C 294 9.85 -26.91 -25.02
C SER C 294 10.84 -25.83 -25.49
N GLN C 295 12.15 -26.11 -25.41
CA GLN C 295 13.11 -25.16 -25.98
C GLN C 295 12.94 -24.96 -27.45
N VAL C 296 12.73 -26.06 -28.20
CA VAL C 296 12.60 -25.95 -29.63
C VAL C 296 11.34 -25.15 -29.95
N GLY C 297 10.25 -25.41 -29.22
CA GLY C 297 9.03 -24.61 -29.39
C GLY C 297 9.16 -23.13 -29.04
N PHE C 298 9.86 -22.86 -27.96
CA PHE C 298 10.15 -21.48 -27.53
C PHE C 298 10.92 -20.74 -28.62
N ILE C 299 11.93 -21.41 -29.19
CA ILE C 299 12.68 -20.81 -30.31
C ILE C 299 11.79 -20.61 -31.52
N ASP C 300 11.11 -21.66 -31.95
CA ASP C 300 10.31 -21.59 -33.19
C ASP C 300 9.18 -20.56 -33.13
N TYR C 301 8.50 -20.48 -31.98
CA TYR C 301 7.29 -19.65 -31.89
C TYR C 301 7.50 -18.25 -31.36
N ILE C 302 8.55 -18.04 -30.56
CA ILE C 302 8.80 -16.73 -29.91
C ILE C 302 10.16 -16.10 -30.29
N VAL C 303 11.23 -16.83 -30.00
CA VAL C 303 12.57 -16.22 -30.01
C VAL C 303 13.06 -16.02 -31.46
N HIS C 304 12.87 -17.01 -32.33
CA HIS C 304 13.35 -16.86 -33.73
C HIS C 304 12.55 -15.83 -34.53
N PRO C 305 11.21 -15.81 -34.40
CA PRO C 305 10.52 -14.73 -35.09
C PRO C 305 10.95 -13.32 -34.67
N LEU C 306 11.18 -13.13 -33.38
CA LEU C 306 11.62 -11.82 -32.89
C LEU C 306 13.02 -11.48 -33.42
N TRP C 307 13.97 -12.40 -33.21
CA TRP C 307 15.37 -12.11 -33.57
C TRP C 307 15.58 -12.02 -35.10
N GLU C 308 14.81 -12.76 -35.86
CA GLU C 308 14.82 -12.64 -37.33
C GLU C 308 14.39 -11.25 -37.73
N THR C 309 13.39 -10.71 -37.04
CA THR C 309 12.92 -9.36 -37.35
C THR C 309 13.90 -8.29 -36.88
N TRP C 310 14.44 -8.43 -35.67
CA TRP C 310 15.50 -7.55 -35.21
C TRP C 310 16.69 -7.56 -36.21
N ALA C 311 17.10 -8.77 -36.65
CA ALA C 311 18.23 -8.93 -37.57
C ALA C 311 17.99 -8.19 -38.89
N ASP C 312 16.76 -8.21 -39.39
CA ASP C 312 16.39 -7.40 -40.55
C ASP C 312 16.54 -5.92 -40.27
N LEU C 313 16.07 -5.47 -39.11
CA LEU C 313 16.21 -4.06 -38.75
C LEU C 313 17.65 -3.58 -38.77
N VAL C 314 18.57 -4.37 -38.22
CA VAL C 314 19.96 -3.93 -38.10
C VAL C 314 20.89 -4.62 -39.12
N HIS C 315 20.31 -5.14 -40.19
CA HIS C 315 21.03 -6.01 -41.15
C HIS C 315 22.36 -5.36 -41.62
N PRO C 316 23.49 -6.06 -41.62
CA PRO C 316 23.66 -7.47 -41.25
C PRO C 316 24.23 -7.68 -39.84
N ASP C 317 24.08 -6.70 -38.96
CA ASP C 317 24.83 -6.71 -37.68
C ASP C 317 24.56 -7.93 -36.79
N ALA C 318 23.35 -8.47 -36.88
CA ALA C 318 22.94 -9.57 -35.99
C ALA C 318 23.05 -10.96 -36.62
N GLN C 319 23.73 -11.08 -37.77
CA GLN C 319 23.85 -12.36 -38.44
C GLN C 319 24.46 -13.46 -37.59
N ASP C 320 25.53 -13.18 -36.87
CA ASP C 320 26.16 -14.23 -36.04
C ASP C 320 25.28 -14.62 -34.85
N ILE C 321 24.49 -13.67 -34.33
CA ILE C 321 23.54 -13.98 -33.26
C ILE C 321 22.46 -14.93 -33.79
N LEU C 322 21.90 -14.61 -34.95
CA LEU C 322 20.90 -15.46 -35.58
C LEU C 322 21.44 -16.85 -35.95
N ASP C 323 22.70 -16.92 -36.41
CA ASP C 323 23.34 -18.21 -36.70
C ASP C 323 23.51 -19.04 -35.45
N THR C 324 23.90 -18.42 -34.34
CA THR C 324 24.05 -19.13 -33.09
C THR C 324 22.70 -19.68 -32.63
N LEU C 325 21.67 -18.86 -32.76
CA LEU C 325 20.30 -19.27 -32.39
C LEU C 325 19.88 -20.52 -33.18
N GLU C 326 20.12 -20.48 -34.48
CA GLU C 326 19.76 -21.61 -35.38
C GLU C 326 20.58 -22.85 -35.05
N ASP C 327 21.87 -22.70 -34.76
CA ASP C 327 22.68 -23.83 -34.28
C ASP C 327 22.20 -24.42 -32.96
N ASN C 328 21.82 -23.55 -32.01
CA ASN C 328 21.34 -24.03 -30.71
C ASN C 328 20.01 -24.73 -30.84
N ARG C 329 19.16 -24.25 -31.73
CA ARG C 329 17.89 -24.90 -31.98
C ARG C 329 18.10 -26.34 -32.45
N GLU C 330 19.02 -26.50 -33.39
CA GLU C 330 19.40 -27.84 -33.90
C GLU C 330 19.98 -28.70 -32.83
N TRP C 331 20.80 -28.12 -31.97
CA TRP C 331 21.33 -28.89 -30.86
C TRP C 331 20.22 -29.44 -29.98
N TYR C 332 19.27 -28.59 -29.55
CA TYR C 332 18.19 -29.07 -28.68
C TYR C 332 17.29 -30.07 -29.42
N GLN C 333 16.96 -29.80 -30.68
CA GLN C 333 16.19 -30.75 -31.52
C GLN C 333 16.85 -32.16 -31.51
N SER C 334 18.16 -32.18 -31.63
CA SER C 334 18.91 -33.45 -31.70
C SER C 334 18.92 -34.22 -30.38
N THR C 335 18.57 -33.58 -29.28
CA THR C 335 18.49 -34.23 -27.97
C THR C 335 17.07 -34.65 -27.57
N ILE C 336 16.07 -34.38 -28.40
CA ILE C 336 14.70 -34.87 -28.13
C ILE C 336 14.66 -36.39 -28.39
N PRO C 337 14.26 -37.20 -27.38
CA PRO C 337 14.05 -38.64 -27.68
C PRO C 337 12.63 -38.88 -28.19
N GLN D 14 -40.27 11.22 3.49
CA GLN D 14 -41.21 10.10 3.80
C GLN D 14 -40.85 8.84 2.95
N GLU D 15 -40.92 7.71 3.64
CA GLU D 15 -40.57 6.41 3.03
C GLU D 15 -41.56 6.01 1.94
N ASP D 16 -42.83 6.37 2.08
CA ASP D 16 -43.82 6.16 1.02
C ASP D 16 -43.52 7.00 -0.21
N VAL D 17 -43.16 8.26 -0.02
CA VAL D 17 -42.84 9.15 -1.13
C VAL D 17 -41.58 8.61 -1.88
N LEU D 18 -40.59 8.14 -1.13
CA LEU D 18 -39.39 7.53 -1.69
C LEU D 18 -39.74 6.29 -2.51
N ALA D 19 -40.56 5.42 -1.94
CA ALA D 19 -40.96 4.19 -2.62
C ALA D 19 -41.68 4.48 -3.93
N LYS D 20 -42.49 5.53 -3.94
CA LYS D 20 -43.17 5.94 -5.15
C LYS D 20 -42.20 6.46 -6.23
N GLU D 21 -41.22 7.28 -5.84
CA GLU D 21 -40.20 7.74 -6.81
C GLU D 21 -39.43 6.55 -7.38
N LEU D 22 -39.15 5.55 -6.55
CA LEU D 22 -38.37 4.39 -6.97
C LEU D 22 -39.12 3.47 -7.96
N GLU D 23 -40.44 3.63 -8.07
CA GLU D 23 -41.17 2.96 -9.14
C GLU D 23 -40.74 3.42 -10.54
N ASP D 24 -40.14 4.60 -10.66
CA ASP D 24 -39.60 5.05 -11.94
C ASP D 24 -38.17 4.52 -12.25
N VAL D 25 -37.68 3.54 -11.50
CA VAL D 25 -36.33 3.00 -11.67
C VAL D 25 -36.05 2.45 -13.07
N ASN D 26 -37.09 2.03 -13.78
CA ASN D 26 -36.89 1.51 -15.13
C ASN D 26 -37.06 2.60 -16.18
N LYS D 27 -37.22 3.84 -15.77
CA LYS D 27 -37.40 4.94 -16.69
C LYS D 27 -36.22 5.89 -16.90
N TRP D 28 -35.99 6.30 -18.13
CA TRP D 28 -34.98 7.28 -18.43
C TRP D 28 -35.58 8.56 -17.87
N GLY D 29 -34.89 9.24 -17.02
CA GLY D 29 -35.48 10.44 -16.48
C GLY D 29 -36.00 10.35 -15.08
N LEU D 30 -35.61 9.29 -14.35
CA LEU D 30 -35.79 9.15 -12.91
C LEU D 30 -35.39 10.42 -12.19
N HIS D 31 -36.15 10.85 -11.18
N HIS D 31 -36.14 10.79 -11.17
CA HIS D 31 -35.72 12.10 -10.46
CA HIS D 31 -35.88 11.99 -10.38
C HIS D 31 -34.73 11.69 -9.37
C HIS D 31 -34.76 11.67 -9.37
N VAL D 32 -33.51 11.49 -9.84
CA VAL D 32 -32.43 10.99 -8.99
C VAL D 32 -32.04 11.99 -7.90
N PHE D 33 -32.13 13.29 -8.15
CA PHE D 33 -31.81 14.28 -7.11
C PHE D 33 -32.84 14.22 -5.97
N ARG D 34 -34.12 14.06 -6.34
CA ARG D 34 -35.19 13.93 -5.36
C ARG D 34 -34.99 12.63 -4.54
N ILE D 35 -34.60 11.54 -5.20
CA ILE D 35 -34.26 10.31 -4.50
C ILE D 35 -33.13 10.50 -3.51
N ALA D 36 -32.10 11.24 -3.93
CA ALA D 36 -30.99 11.55 -3.03
C ALA D 36 -31.48 12.27 -1.76
N GLU D 37 -32.34 13.27 -1.93
CA GLU D 37 -32.92 14.01 -0.77
C GLU D 37 -33.76 13.10 0.10
N LEU D 38 -34.68 12.38 -0.51
CA LEU D 38 -35.64 11.53 0.22
C LEU D 38 -34.99 10.38 0.96
N SER D 39 -33.86 9.87 0.43
CA SER D 39 -33.18 8.76 1.03
C SER D 39 -32.14 9.16 2.11
N GLY D 40 -32.03 10.44 2.44
CA GLY D 40 -31.00 10.90 3.37
C GLY D 40 -29.59 10.78 2.78
N ASN D 41 -29.47 11.15 1.51
CA ASN D 41 -28.21 11.06 0.74
C ASN D 41 -27.72 9.61 0.59
N ARG D 42 -28.66 8.70 0.34
CA ARG D 42 -28.34 7.32 -0.02
C ARG D 42 -28.87 6.90 -1.40
N PRO D 43 -28.76 7.78 -2.41
CA PRO D 43 -29.30 7.39 -3.71
C PRO D 43 -28.64 6.13 -4.29
N LEU D 44 -27.33 5.98 -4.10
CA LEU D 44 -26.65 4.82 -4.67
C LEU D 44 -27.12 3.52 -3.99
N THR D 45 -27.23 3.56 -2.67
CA THR D 45 -27.65 2.38 -1.92
C THR D 45 -29.08 1.98 -2.28
N VAL D 46 -30.00 2.95 -2.27
CA VAL D 46 -31.42 2.61 -2.51
C VAL D 46 -31.67 2.25 -3.98
N ILE D 47 -31.02 2.93 -4.91
CA ILE D 47 -31.17 2.59 -6.32
C ILE D 47 -30.57 1.23 -6.64
N MET D 48 -29.36 0.95 -6.14
CA MET D 48 -28.76 -0.37 -6.34
C MET D 48 -29.61 -1.50 -5.73
N HIS D 49 -30.10 -1.26 -4.52
CA HIS D 49 -30.90 -2.29 -3.86
C HIS D 49 -32.17 -2.56 -4.65
N THR D 50 -32.83 -1.51 -5.09
CA THR D 50 -34.05 -1.65 -5.92
C THR D 50 -33.77 -2.44 -7.20
N ILE D 51 -32.66 -2.12 -7.88
CA ILE D 51 -32.26 -2.81 -9.09
C ILE D 51 -31.93 -4.27 -8.84
N PHE D 52 -31.20 -4.54 -7.77
CA PHE D 52 -30.86 -5.93 -7.47
C PHE D 52 -32.14 -6.77 -7.18
N GLN D 53 -33.08 -6.21 -6.44
CA GLN D 53 -34.36 -6.89 -6.16
C GLN D 53 -35.14 -7.07 -7.47
N GLU D 54 -35.24 -6.01 -8.26
CA GLU D 54 -35.98 -6.05 -9.54
C GLU D 54 -35.43 -7.12 -10.49
N ARG D 55 -34.11 -7.29 -10.57
CA ARG D 55 -33.49 -8.25 -11.45
C ARG D 55 -33.28 -9.62 -10.76
N ASP D 56 -33.75 -9.75 -9.53
CA ASP D 56 -33.64 -10.98 -8.74
C ASP D 56 -32.18 -11.44 -8.53
N LEU D 57 -31.25 -10.47 -8.47
CA LEU D 57 -29.85 -10.79 -8.35
C LEU D 57 -29.42 -11.38 -7.01
N LEU D 58 -30.12 -11.05 -5.94
CA LEU D 58 -29.78 -11.59 -4.62
C LEU D 58 -30.00 -13.09 -4.59
N LYS D 59 -31.15 -13.53 -5.11
CA LYS D 59 -31.44 -14.95 -5.21
C LYS D 59 -30.50 -15.65 -6.18
N THR D 60 -30.31 -15.09 -7.37
CA THR D 60 -29.49 -15.75 -8.38
C THR D 60 -28.05 -15.97 -7.92
N PHE D 61 -27.47 -14.98 -7.24
CA PHE D 61 -26.09 -15.04 -6.83
C PHE D 61 -25.91 -15.28 -5.34
N LYS D 62 -27.01 -15.60 -4.66
CA LYS D 62 -27.01 -15.95 -3.25
C LYS D 62 -26.32 -14.87 -2.42
N ILE D 63 -26.72 -13.65 -2.67
CA ILE D 63 -26.13 -12.50 -1.99
C ILE D 63 -26.95 -12.24 -0.74
N PRO D 64 -26.33 -12.36 0.47
CA PRO D 64 -27.09 -11.99 1.65
C PRO D 64 -27.51 -10.52 1.64
N VAL D 65 -28.76 -10.24 2.01
CA VAL D 65 -29.28 -8.89 1.88
C VAL D 65 -28.52 -7.89 2.78
N ASP D 66 -28.20 -8.29 3.99
CA ASP D 66 -27.38 -7.45 4.90
C ASP D 66 -25.97 -7.15 4.33
N THR D 67 -25.35 -8.14 3.71
CA THR D 67 -24.08 -7.97 3.06
C THR D 67 -24.18 -6.97 1.91
N LEU D 68 -25.23 -7.08 1.10
CA LEU D 68 -25.43 -6.16 0.01
C LEU D 68 -25.58 -4.74 0.52
N ILE D 69 -26.43 -4.54 1.51
CA ILE D 69 -26.66 -3.20 2.04
C ILE D 69 -25.40 -2.63 2.70
N THR D 70 -24.65 -3.46 3.42
CA THR D 70 -23.41 -3.01 4.03
C THR D 70 -22.38 -2.58 2.99
N TYR D 71 -22.19 -3.41 1.97
CA TYR D 71 -21.30 -3.05 0.85
C TYR D 71 -21.75 -1.78 0.18
N LEU D 72 -23.03 -1.66 -0.12
CA LEU D 72 -23.52 -0.47 -0.83
C LEU D 72 -23.31 0.80 -0.03
N MET D 73 -23.61 0.77 1.25
CA MET D 73 -23.36 1.93 2.10
C MET D 73 -21.90 2.28 2.15
N THR D 74 -21.06 1.26 2.27
CA THR D 74 -19.60 1.42 2.27
C THR D 74 -19.12 2.05 0.96
N LEU D 75 -19.58 1.49 -0.17
CA LEU D 75 -19.21 2.04 -1.48
C LEU D 75 -19.66 3.50 -1.58
N GLU D 76 -20.90 3.76 -1.22
CA GLU D 76 -21.42 5.13 -1.30
C GLU D 76 -20.62 6.10 -0.42
N ASP D 77 -20.20 5.63 0.73
CA ASP D 77 -19.43 6.39 1.68
C ASP D 77 -18.06 6.78 1.12
N HIS D 78 -17.53 6.03 0.17
CA HIS D 78 -16.25 6.33 -0.48
C HIS D 78 -16.32 7.20 -1.71
N TYR D 79 -17.52 7.64 -2.06
CA TYR D 79 -17.71 8.78 -2.95
C TYR D 79 -17.65 10.03 -2.10
N HIS D 80 -16.99 11.08 -2.60
CA HIS D 80 -16.75 12.28 -1.77
C HIS D 80 -17.92 13.25 -1.83
N ALA D 81 -18.48 13.58 -0.66
CA ALA D 81 -19.61 14.50 -0.60
C ALA D 81 -19.21 15.94 -0.92
N ASP D 82 -17.93 16.27 -0.85
CA ASP D 82 -17.50 17.63 -1.20
C ASP D 82 -17.16 17.82 -2.67
N VAL D 83 -17.37 16.81 -3.50
CA VAL D 83 -17.08 16.90 -4.96
C VAL D 83 -18.43 17.16 -5.63
N ALA D 84 -18.63 18.05 -6.52
CA ALA D 84 -19.92 18.48 -7.01
C ALA D 84 -20.56 17.63 -8.01
N TYR D 85 -19.74 17.04 -8.85
CA TYR D 85 -20.20 16.14 -9.88
C TYR D 85 -19.88 14.68 -9.60
N HIS D 86 -18.62 14.34 -9.47
CA HIS D 86 -18.17 12.97 -9.21
C HIS D 86 -18.36 12.41 -7.80
N ASN D 87 -19.63 12.35 -7.41
CA ASN D 87 -20.07 11.89 -6.15
C ASN D 87 -21.12 10.77 -6.29
N ASN D 88 -21.68 10.42 -5.16
CA ASN D 88 -22.64 9.31 -5.10
C ASN D 88 -23.90 9.47 -5.98
N ILE D 89 -24.30 10.70 -6.24
CA ILE D 89 -25.49 10.95 -7.07
C ILE D 89 -25.15 10.60 -8.51
N HIS D 90 -23.98 11.00 -8.98
CA HIS D 90 -23.50 10.61 -10.30
C HIS D 90 -23.39 9.07 -10.41
N ALA D 91 -22.84 8.41 -9.39
CA ALA D 91 -22.73 6.97 -9.41
C ALA D 91 -24.14 6.33 -9.52
N ALA D 92 -25.06 6.81 -8.70
CA ALA D 92 -26.43 6.28 -8.75
C ALA D 92 -27.08 6.47 -10.12
N ASP D 93 -26.84 7.64 -10.73
CA ASP D 93 -27.35 7.97 -12.03
C ASP D 93 -26.79 7.05 -13.11
N VAL D 94 -25.50 6.78 -13.09
CA VAL D 94 -24.90 5.90 -14.07
C VAL D 94 -25.37 4.44 -13.89
N VAL D 95 -25.51 3.99 -12.64
CA VAL D 95 -26.10 2.70 -12.34
C VAL D 95 -27.48 2.57 -12.99
N GLN D 96 -28.33 3.55 -12.70
CA GLN D 96 -29.72 3.47 -13.15
C GLN D 96 -29.85 3.60 -14.66
N SER D 97 -28.99 4.42 -15.28
CA SER D 97 -28.98 4.61 -16.71
C SER D 97 -28.49 3.32 -17.40
N THR D 98 -27.47 2.67 -16.84
CA THR D 98 -27.04 1.35 -17.33
C THR D 98 -28.18 0.33 -17.22
N HIS D 99 -28.89 0.36 -16.12
CA HIS D 99 -30.00 -0.52 -15.84
C HIS D 99 -31.05 -0.38 -16.95
N VAL D 100 -31.35 0.85 -17.30
CA VAL D 100 -32.31 1.10 -18.37
C VAL D 100 -31.79 0.60 -19.73
N LEU D 101 -30.56 0.93 -20.08
CA LEU D 101 -29.97 0.49 -21.34
C LEU D 101 -29.92 -1.04 -21.47
N LEU D 102 -29.65 -1.74 -20.37
CA LEU D 102 -29.64 -3.19 -20.33
C LEU D 102 -31.00 -3.82 -20.65
N SER D 103 -32.06 -3.13 -20.26
CA SER D 103 -33.44 -3.51 -20.50
C SER D 103 -33.97 -3.19 -21.91
N THR D 104 -33.15 -2.59 -22.75
CA THR D 104 -33.58 -2.25 -24.10
C THR D 104 -34.08 -3.50 -24.89
N PRO D 105 -35.23 -3.40 -25.58
CA PRO D 105 -35.76 -4.54 -26.32
C PRO D 105 -34.75 -5.20 -27.23
N ALA D 106 -33.95 -4.42 -27.93
CA ALA D 106 -32.92 -5.03 -28.79
C ALA D 106 -31.87 -5.92 -28.11
N LEU D 107 -31.77 -5.84 -26.78
CA LEU D 107 -30.79 -6.65 -26.04
C LEU D 107 -31.47 -7.70 -25.19
N GLU D 108 -32.77 -7.91 -25.38
CA GLU D 108 -33.50 -8.80 -24.49
C GLU D 108 -32.90 -10.21 -24.55
N ALA D 109 -32.60 -10.77 -23.38
CA ALA D 109 -31.95 -12.08 -23.24
C ALA D 109 -30.59 -12.25 -23.92
N VAL D 110 -29.94 -11.17 -24.36
CA VAL D 110 -28.64 -11.28 -24.97
C VAL D 110 -27.54 -11.60 -23.92
N PHE D 111 -27.58 -10.90 -22.79
CA PHE D 111 -26.55 -11.01 -21.77
C PHE D 111 -26.92 -11.99 -20.66
N THR D 112 -25.91 -12.69 -20.14
CA THR D 112 -26.12 -13.56 -18.98
C THR D 112 -26.31 -12.78 -17.72
N ASP D 113 -26.84 -13.44 -16.71
CA ASP D 113 -26.97 -12.83 -15.36
C ASP D 113 -25.61 -12.32 -14.82
N LEU D 114 -24.53 -13.06 -15.08
CA LEU D 114 -23.20 -12.63 -14.63
C LEU D 114 -22.73 -11.36 -15.35
N GLU D 115 -22.99 -11.27 -16.65
CA GLU D 115 -22.68 -10.08 -17.43
C GLU D 115 -23.49 -8.87 -16.98
N ILE D 116 -24.75 -9.09 -16.65
CA ILE D 116 -25.63 -8.05 -16.11
C ILE D 116 -25.07 -7.57 -14.76
N LEU D 117 -24.78 -8.49 -13.89
CA LEU D 117 -24.15 -8.18 -12.59
C LEU D 117 -22.87 -7.36 -12.76
N ALA D 118 -22.01 -7.78 -13.70
CA ALA D 118 -20.80 -7.09 -13.99
C ALA D 118 -21.04 -5.63 -14.44
N ALA D 119 -21.97 -5.44 -15.36
CA ALA D 119 -22.25 -4.11 -15.88
C ALA D 119 -22.79 -3.17 -14.79
N ILE D 120 -23.69 -3.68 -13.96
CA ILE D 120 -24.27 -2.89 -12.90
C ILE D 120 -23.24 -2.57 -11.78
N PHE D 121 -22.46 -3.60 -11.39
CA PHE D 121 -21.42 -3.39 -10.38
C PHE D 121 -20.38 -2.40 -10.90
N ALA D 122 -19.92 -2.58 -12.13
CA ALA D 122 -18.98 -1.65 -12.76
C ALA D 122 -19.48 -0.22 -12.73
N SER D 123 -20.77 -0.03 -13.07
CA SER D 123 -21.38 1.29 -13.01
C SER D 123 -21.34 1.88 -11.58
N ALA D 124 -21.65 1.07 -10.59
CA ALA D 124 -21.69 1.52 -9.20
C ALA D 124 -20.32 2.00 -8.71
N ILE D 125 -19.26 1.27 -9.08
CA ILE D 125 -17.90 1.58 -8.58
C ILE D 125 -17.11 2.52 -9.50
N HIS D 126 -17.65 2.89 -10.66
CA HIS D 126 -16.80 3.36 -11.74
C HIS D 126 -16.08 4.71 -11.47
N ASP D 127 -16.57 5.51 -10.53
CA ASP D 127 -15.93 6.74 -10.08
C ASP D 127 -15.64 6.83 -8.55
N VAL D 128 -15.59 5.71 -7.87
CA VAL D 128 -15.46 5.72 -6.43
C VAL D 128 -14.12 6.34 -6.00
N ASP D 129 -14.19 7.15 -4.97
CA ASP D 129 -13.05 7.90 -4.41
C ASP D 129 -12.45 8.90 -5.39
N HIS D 130 -13.28 9.46 -6.26
CA HIS D 130 -12.84 10.47 -7.21
C HIS D 130 -12.51 11.74 -6.42
N PRO D 131 -11.34 12.34 -6.63
CA PRO D 131 -10.99 13.58 -5.91
C PRO D 131 -11.51 14.89 -6.52
N GLY D 132 -12.23 14.85 -7.64
CA GLY D 132 -12.76 16.04 -8.26
C GLY D 132 -11.79 16.82 -9.12
N VAL D 133 -10.70 16.17 -9.50
CA VAL D 133 -9.73 16.72 -10.44
C VAL D 133 -9.37 15.65 -11.48
N SER D 134 -8.90 16.11 -12.62
CA SER D 134 -8.68 15.26 -13.77
C SER D 134 -7.39 14.46 -13.68
N ASN D 135 -7.28 13.45 -14.53
CA ASN D 135 -6.06 12.68 -14.64
C ASN D 135 -4.87 13.61 -14.91
N GLN D 136 -5.02 14.57 -15.81
CA GLN D 136 -3.89 15.46 -16.14
C GLN D 136 -3.45 16.27 -14.93
N PHE D 137 -4.38 16.73 -14.12
CA PHE D 137 -4.03 17.42 -12.87
C PHE D 137 -3.23 16.53 -11.94
N LEU D 138 -3.65 15.29 -11.78
CA LEU D 138 -2.94 14.32 -10.92
C LEU D 138 -1.54 14.02 -11.45
N ILE D 139 -1.41 13.95 -12.77
CA ILE D 139 -0.13 13.71 -13.42
C ILE D 139 0.80 14.94 -13.18
N ASN D 140 0.27 16.13 -13.46
CA ASN D 140 1.07 17.35 -13.41
C ASN D 140 1.51 17.73 -12.00
N THR D 141 0.79 17.30 -10.96
CA THR D 141 1.20 17.52 -9.58
C THR D 141 2.11 16.44 -9.03
N ASN D 142 2.46 15.44 -9.81
CA ASN D 142 3.28 14.31 -9.35
C ASN D 142 2.61 13.58 -8.18
N SER D 143 1.30 13.44 -8.26
CA SER D 143 0.57 12.81 -7.17
C SER D 143 0.96 11.35 -7.07
N GLU D 144 0.80 10.83 -5.87
CA GLU D 144 1.07 9.42 -5.61
C GLU D 144 0.23 8.47 -6.51
N LEU D 145 -1.03 8.82 -6.77
CA LEU D 145 -1.83 7.99 -7.68
C LEU D 145 -1.26 7.93 -9.06
N ALA D 146 -0.81 9.06 -9.60
CA ALA D 146 -0.23 9.08 -10.94
C ALA D 146 1.04 8.24 -11.02
N LEU D 147 1.84 8.27 -9.97
CA LEU D 147 3.02 7.40 -9.86
C LEU D 147 2.66 5.94 -9.79
N MET D 148 1.64 5.61 -9.03
CA MET D 148 1.20 4.21 -8.90
C MET D 148 0.76 3.61 -10.23
N TYR D 149 0.08 4.43 -11.04
CA TYR D 149 -0.51 3.95 -12.27
C TYR D 149 0.16 4.41 -13.55
N ASN D 150 1.38 4.90 -13.44
CA ASN D 150 2.17 5.30 -14.59
C ASN D 150 1.50 6.28 -15.50
N ASP D 151 0.84 7.27 -14.93
CA ASP D 151 0.15 8.30 -15.67
C ASP D 151 -0.97 7.79 -16.64
N SER D 152 -1.36 6.52 -16.56
CA SER D 152 -2.27 5.89 -17.52
C SER D 152 -3.56 5.47 -16.87
N SER D 153 -4.65 6.05 -17.33
CA SER D 153 -5.98 5.86 -16.71
C SER D 153 -5.86 5.87 -15.20
N VAL D 154 -5.24 6.93 -14.68
CA VAL D 154 -4.89 6.96 -13.26
C VAL D 154 -6.16 6.80 -12.38
N LEU D 155 -7.14 7.66 -12.63
CA LEU D 155 -8.34 7.65 -11.82
C LEU D 155 -9.09 6.32 -11.98
N GLU D 156 -9.21 5.87 -13.22
CA GLU D 156 -9.99 4.67 -13.53
C GLU D 156 -9.39 3.39 -12.90
N ASN D 157 -8.06 3.28 -12.94
CA ASN D 157 -7.37 2.21 -12.20
C ASN D 157 -7.68 2.31 -10.69
N HIS D 158 -7.67 3.53 -10.16
CA HIS D 158 -7.93 3.72 -8.75
C HIS D 158 -9.39 3.34 -8.37
N HIS D 159 -10.36 3.75 -9.20
CA HIS D 159 -11.76 3.40 -8.91
C HIS D 159 -11.93 1.89 -8.81
N LEU D 160 -11.32 1.16 -9.73
CA LEU D 160 -11.37 -0.29 -9.68
C LEU D 160 -10.76 -0.88 -8.40
N ALA D 161 -9.56 -0.42 -8.09
CA ALA D 161 -8.87 -0.93 -6.90
C ALA D 161 -9.68 -0.69 -5.61
N VAL D 162 -10.27 0.49 -5.49
CA VAL D 162 -11.09 0.80 -4.31
C VAL D 162 -12.38 -0.01 -4.32
N GLY D 163 -13.10 -0.03 -5.45
CA GLY D 163 -14.35 -0.79 -5.52
C GLY D 163 -14.18 -2.26 -5.12
N PHE D 164 -13.09 -2.90 -5.58
CA PHE D 164 -12.80 -4.26 -5.17
C PHE D 164 -12.28 -4.38 -3.72
N LYS D 165 -11.40 -3.46 -3.32
CA LYS D 165 -10.86 -3.52 -1.95
C LYS D 165 -11.96 -3.40 -0.89
N LEU D 166 -13.01 -2.62 -1.20
CA LEU D 166 -14.09 -2.44 -0.23
C LEU D 166 -14.84 -3.71 0.05
N LEU D 167 -14.77 -4.70 -0.86
CA LEU D 167 -15.41 -6.00 -0.61
C LEU D 167 -14.82 -6.74 0.62
N GLN D 168 -13.63 -6.32 1.06
CA GLN D 168 -12.94 -6.94 2.18
C GLN D 168 -13.29 -6.35 3.53
N GLU D 169 -14.08 -5.27 3.56
CA GLU D 169 -14.54 -4.70 4.82
C GLU D 169 -15.56 -5.66 5.47
N GLU D 170 -15.85 -5.41 6.74
CA GLU D 170 -16.72 -6.26 7.51
C GLU D 170 -18.07 -6.50 6.86
N ASN D 171 -18.43 -7.75 6.64
CA ASN D 171 -19.67 -8.16 5.96
C ASN D 171 -19.97 -7.44 4.65
N CYS D 172 -18.92 -7.27 3.83
CA CYS D 172 -19.02 -6.51 2.55
C CYS D 172 -18.88 -7.40 1.30
N ASP D 173 -18.54 -8.69 1.46
CA ASP D 173 -18.22 -9.47 0.27
C ASP D 173 -19.49 -10.02 -0.40
N ILE D 174 -20.06 -9.19 -1.25
CA ILE D 174 -21.27 -9.54 -1.97
C ILE D 174 -21.10 -10.71 -2.97
N PHE D 175 -19.87 -11.03 -3.34
CA PHE D 175 -19.61 -12.13 -4.23
C PHE D 175 -19.15 -13.40 -3.54
N GLN D 176 -19.38 -13.48 -2.23
CA GLN D 176 -18.88 -14.60 -1.43
C GLN D 176 -19.41 -15.96 -1.89
N ASN D 177 -20.60 -16.00 -2.49
CA ASN D 177 -21.20 -17.27 -2.95
C ASN D 177 -21.05 -17.56 -4.45
N LEU D 178 -20.29 -16.74 -5.18
CA LEU D 178 -19.98 -17.03 -6.58
C LEU D 178 -18.86 -18.07 -6.62
N THR D 179 -18.85 -18.91 -7.64
CA THR D 179 -17.73 -19.84 -7.81
C THR D 179 -16.49 -19.06 -8.21
N LYS D 180 -15.33 -19.70 -8.09
CA LYS D 180 -14.10 -19.09 -8.58
C LYS D 180 -14.18 -18.67 -10.06
N LYS D 181 -14.78 -19.53 -10.87
CA LYS D 181 -14.91 -19.26 -12.29
C LYS D 181 -15.82 -18.01 -12.53
N GLN D 182 -16.92 -17.92 -11.80
CA GLN D 182 -17.80 -16.76 -11.87
C GLN D 182 -17.07 -15.50 -11.44
N ARG D 183 -16.32 -15.58 -10.34
CA ARG D 183 -15.59 -14.43 -9.79
C ARG D 183 -14.52 -13.94 -10.75
N GLN D 184 -13.77 -14.85 -11.38
CA GLN D 184 -12.73 -14.44 -12.30
C GLN D 184 -13.33 -13.78 -13.56
N SER D 185 -14.40 -14.33 -14.07
CA SER D 185 -15.05 -13.77 -15.23
C SER D 185 -15.66 -12.37 -14.89
N LEU D 186 -16.35 -12.25 -13.77
CA LEU D 186 -16.90 -10.96 -13.33
C LEU D 186 -15.83 -9.91 -13.16
N ARG D 187 -14.74 -10.28 -12.48
CA ARG D 187 -13.64 -9.37 -12.28
C ARG D 187 -13.06 -8.85 -13.58
N LYS D 188 -12.80 -9.74 -14.51
CA LYS D 188 -12.24 -9.32 -15.79
C LYS D 188 -13.19 -8.37 -16.52
N MET D 189 -14.47 -8.69 -16.54
CA MET D 189 -15.44 -7.82 -17.22
C MET D 189 -15.52 -6.45 -16.57
N VAL D 190 -15.54 -6.43 -15.24
CA VAL D 190 -15.63 -5.15 -14.51
C VAL D 190 -14.42 -4.29 -14.82
N ILE D 191 -13.23 -4.88 -14.81
CA ILE D 191 -12.02 -4.14 -15.16
C ILE D 191 -12.09 -3.57 -16.57
N ASP D 192 -12.47 -4.42 -17.52
CA ASP D 192 -12.60 -3.98 -18.92
C ASP D 192 -13.61 -2.85 -19.07
N ILE D 193 -14.72 -2.93 -18.32
CA ILE D 193 -15.73 -1.86 -18.41
C ILE D 193 -15.24 -0.53 -17.79
N VAL D 194 -14.73 -0.57 -16.57
CA VAL D 194 -14.33 0.69 -15.93
C VAL D 194 -13.17 1.37 -16.64
N LEU D 195 -12.19 0.60 -17.12
CA LEU D 195 -11.08 1.22 -17.87
C LEU D 195 -11.56 1.95 -19.14
N ALA D 196 -12.65 1.47 -19.70
CA ALA D 196 -13.22 2.05 -20.89
C ALA D 196 -13.95 3.38 -20.64
N THR D 197 -14.09 3.77 -19.37
CA THR D 197 -14.73 5.03 -19.01
C THR D 197 -13.75 6.20 -19.06
N ASP D 198 -12.48 5.91 -19.24
CA ASP D 198 -11.49 6.96 -19.39
C ASP D 198 -11.78 7.59 -20.74
N MET D 199 -12.01 8.88 -20.80
CA MET D 199 -12.30 9.54 -22.07
C MET D 199 -11.20 9.42 -23.18
N SER D 200 -9.94 9.18 -22.81
CA SER D 200 -8.91 8.98 -23.78
C SER D 200 -9.21 7.74 -24.63
N LYS D 201 -10.07 6.86 -24.16
CA LYS D 201 -10.47 5.70 -24.92
C LYS D 201 -11.69 5.88 -25.82
N HIS D 202 -12.33 7.03 -25.73
CA HIS D 202 -13.61 7.26 -26.38
C HIS D 202 -13.59 7.04 -27.90
N MET D 203 -12.61 7.63 -28.58
CA MET D 203 -12.56 7.55 -30.06
C MET D 203 -12.43 6.13 -30.54
N ASN D 204 -11.57 5.33 -29.91
CA ASN D 204 -11.44 3.93 -30.27
C ASN D 204 -12.64 3.08 -29.95
N LEU D 205 -13.27 3.33 -28.79
CA LEU D 205 -14.52 2.67 -28.46
C LEU D 205 -15.60 2.98 -29.50
N LEU D 206 -15.69 4.24 -29.88
CA LEU D 206 -16.73 4.68 -30.84
C LEU D 206 -16.48 4.05 -32.22
N ALA D 207 -15.22 4.03 -32.66
CA ALA D 207 -14.83 3.41 -33.93
C ALA D 207 -15.26 1.97 -33.95
N ASP D 208 -15.00 1.24 -32.89
CA ASP D 208 -15.42 -0.14 -32.80
C ASP D 208 -16.92 -0.32 -32.73
N LEU D 209 -17.62 0.58 -32.02
CA LEU D 209 -19.06 0.51 -32.01
C LEU D 209 -19.62 0.71 -33.44
N LYS D 210 -19.05 1.67 -34.19
CA LYS D 210 -19.49 1.93 -35.57
C LYS D 210 -19.28 0.68 -36.46
N THR D 211 -18.15 0.02 -36.31
CA THR D 211 -17.85 -1.21 -37.04
C THR D 211 -18.88 -2.32 -36.75
N MET D 212 -19.23 -2.43 -35.49
CA MET D 212 -20.26 -3.36 -35.11
C MET D 212 -21.63 -3.01 -35.71
N VAL D 213 -21.99 -1.73 -35.72
CA VAL D 213 -23.25 -1.31 -36.37
C VAL D 213 -23.23 -1.64 -37.88
N GLU D 214 -22.11 -1.38 -38.54
CA GLU D 214 -21.95 -1.69 -39.96
C GLU D 214 -22.08 -3.18 -40.29
N THR D 215 -21.76 -4.08 -39.36
CA THR D 215 -21.82 -5.51 -39.58
C THR D 215 -22.85 -6.21 -38.65
N LYS D 216 -23.82 -5.43 -38.21
CA LYS D 216 -24.81 -5.83 -37.17
C LYS D 216 -25.61 -7.05 -37.65
N LYS D 217 -25.72 -8.07 -36.82
CA LYS D 217 -26.60 -9.19 -37.07
C LYS D 217 -27.66 -9.25 -35.96
N VAL D 218 -28.90 -9.60 -36.32
CA VAL D 218 -29.91 -9.93 -35.34
C VAL D 218 -30.40 -11.36 -35.48
N THR D 219 -30.82 -11.94 -34.36
CA THR D 219 -31.34 -13.32 -34.36
C THR D 219 -32.77 -13.34 -34.91
N SER D 220 -33.36 -14.53 -35.01
CA SER D 220 -34.76 -14.61 -35.47
C SER D 220 -35.77 -13.98 -34.47
N SER D 221 -35.41 -13.88 -33.19
CA SER D 221 -36.16 -13.18 -32.18
C SER D 221 -35.96 -11.64 -32.12
N GLY D 222 -35.11 -11.10 -32.98
CA GLY D 222 -34.98 -9.70 -33.23
C GLY D 222 -34.05 -9.00 -32.27
N VAL D 223 -33.20 -9.74 -31.58
CA VAL D 223 -32.23 -9.18 -30.66
C VAL D 223 -30.84 -9.28 -31.28
N LEU D 224 -29.92 -8.50 -30.76
CA LEU D 224 -28.53 -8.49 -31.26
C LEU D 224 -27.90 -9.84 -31.08
N LEU D 225 -27.16 -10.29 -32.10
CA LEU D 225 -26.34 -11.48 -32.05
C LEU D 225 -24.89 -11.03 -31.68
N LEU D 226 -24.39 -11.49 -30.55
CA LEU D 226 -23.07 -11.21 -30.08
C LEU D 226 -22.46 -12.54 -29.68
N ASP D 227 -21.58 -13.11 -30.51
CA ASP D 227 -21.20 -14.53 -30.25
C ASP D 227 -19.75 -14.74 -29.84
N ASN D 228 -19.07 -13.67 -29.44
CA ASN D 228 -17.70 -13.77 -28.89
C ASN D 228 -17.50 -12.71 -27.78
N TYR D 229 -16.55 -12.94 -26.88
CA TYR D 229 -16.27 -12.02 -25.76
C TYR D 229 -15.95 -10.62 -26.25
N SER D 230 -15.12 -10.50 -27.28
CA SER D 230 -14.74 -9.22 -27.78
C SER D 230 -15.94 -8.33 -28.11
N ASP D 231 -16.93 -8.89 -28.76
CA ASP D 231 -18.14 -8.13 -29.13
C ASP D 231 -19.04 -7.91 -27.92
N ARG D 232 -19.18 -8.91 -27.06
CA ARG D 232 -20.01 -8.78 -25.90
C ARG D 232 -19.47 -7.70 -24.95
N ILE D 233 -18.17 -7.70 -24.71
CA ILE D 233 -17.56 -6.72 -23.80
C ILE D 233 -17.53 -5.34 -24.42
N GLN D 234 -17.38 -5.23 -25.73
CA GLN D 234 -17.41 -3.97 -26.41
C GLN D 234 -18.78 -3.32 -26.23
N VAL D 235 -19.83 -4.09 -26.37
CA VAL D 235 -21.17 -3.55 -26.18
C VAL D 235 -21.37 -3.10 -24.72
N LEU D 236 -20.92 -3.91 -23.76
CA LEU D 236 -21.05 -3.50 -22.34
C LEU D 236 -20.23 -2.26 -22.02
N GLN D 237 -19.04 -2.19 -22.58
CA GLN D 237 -18.16 -1.07 -22.41
C GLN D 237 -18.83 0.17 -22.96
N ASN D 238 -19.33 0.12 -24.17
CA ASN D 238 -20.01 1.27 -24.76
C ASN D 238 -21.29 1.64 -24.00
N MET D 239 -21.99 0.63 -23.53
CA MET D 239 -23.19 0.84 -22.80
C MET D 239 -22.94 1.69 -21.54
N VAL D 240 -21.97 1.30 -20.71
CA VAL D 240 -21.67 2.03 -19.51
C VAL D 240 -21.10 3.40 -19.84
N HIS D 241 -20.30 3.47 -20.90
CA HIS D 241 -19.78 4.74 -21.42
C HIS D 241 -20.92 5.69 -21.86
N CYS D 242 -21.94 5.15 -22.52
CA CYS D 242 -23.16 5.91 -22.86
C CYS D 242 -23.84 6.41 -21.60
N ALA D 243 -23.93 5.57 -20.59
CA ALA D 243 -24.54 5.93 -19.32
C ALA D 243 -23.76 7.08 -18.65
N ASP D 244 -22.46 7.01 -18.71
CA ASP D 244 -21.59 8.01 -18.16
C ASP D 244 -21.75 9.38 -18.90
N LEU D 245 -21.98 9.29 -20.20
CA LEU D 245 -22.17 10.40 -21.11
C LEU D 245 -23.67 10.70 -21.39
N SER D 246 -24.53 10.30 -20.46
CA SER D 246 -25.96 10.44 -20.64
C SER D 246 -26.63 11.75 -20.22
N ASN D 247 -25.96 12.58 -19.43
CA ASN D 247 -26.56 13.82 -18.93
C ASN D 247 -27.33 14.66 -19.97
N PRO D 248 -26.74 14.91 -21.14
CA PRO D 248 -27.42 15.75 -22.15
C PRO D 248 -28.60 15.09 -22.81
N THR D 249 -28.79 13.78 -22.59
CA THR D 249 -29.92 13.05 -23.11
C THR D 249 -31.12 12.98 -22.17
N LYS D 250 -30.97 13.54 -20.99
CA LYS D 250 -32.00 13.46 -19.99
C LYS D 250 -32.94 14.67 -20.11
N PRO D 251 -34.14 14.60 -19.52
CA PRO D 251 -34.98 15.80 -19.41
C PRO D 251 -34.18 17.00 -18.98
N LEU D 252 -34.43 18.12 -19.63
CA LEU D 252 -33.67 19.33 -19.41
C LEU D 252 -33.44 19.78 -18.00
N GLN D 253 -34.41 19.62 -17.14
CA GLN D 253 -34.19 20.05 -15.76
C GLN D 253 -33.12 19.22 -15.03
N LEU D 254 -32.99 17.97 -15.43
CA LEU D 254 -31.96 17.13 -14.89
C LEU D 254 -30.63 17.54 -15.50
N TYR D 255 -30.60 17.60 -16.81
CA TYR D 255 -29.42 17.98 -17.56
C TYR D 255 -28.80 19.28 -17.02
N ARG D 256 -29.60 20.32 -16.84
CA ARG D 256 -29.10 21.56 -16.27
C ARG D 256 -28.41 21.41 -14.91
N GLN D 257 -28.94 20.57 -14.05
CA GLN D 257 -28.33 20.32 -12.77
C GLN D 257 -26.95 19.67 -12.96
N TRP D 258 -26.85 18.71 -13.88
CA TRP D 258 -25.60 18.06 -14.17
C TRP D 258 -24.57 19.08 -14.69
N THR D 259 -25.01 19.98 -15.54
CA THR D 259 -24.16 21.01 -16.09
C THR D 259 -23.64 21.92 -14.99
N ASP D 260 -24.50 22.34 -14.08
CA ASP D 260 -24.05 23.18 -13.00
C ASP D 260 -22.98 22.46 -12.16
N ARG D 261 -23.22 21.20 -11.88
CA ARG D 261 -22.30 20.42 -11.11
C ARG D 261 -20.94 20.24 -11.76
N ILE D 262 -20.90 19.84 -13.01
CA ILE D 262 -19.64 19.64 -13.68
C ILE D 262 -18.84 20.93 -13.79
N MET D 263 -19.51 22.03 -14.06
CA MET D 263 -18.85 23.30 -14.18
C MET D 263 -18.31 23.75 -12.83
N GLU D 264 -19.03 23.47 -11.77
CA GLU D 264 -18.57 23.80 -10.43
C GLU D 264 -17.30 23.00 -10.17
N GLU D 265 -17.31 21.73 -10.49
CA GLU D 265 -16.15 20.89 -10.29
C GLU D 265 -14.97 21.37 -11.14
N PHE D 266 -15.21 21.61 -12.41
CA PHE D 266 -14.19 22.11 -13.32
C PHE D 266 -13.62 23.46 -12.85
N PHE D 267 -14.48 24.39 -12.48
CA PHE D 267 -14.02 25.70 -12.01
C PHE D 267 -13.15 25.59 -10.76
N ARG D 268 -13.49 24.68 -9.88
CA ARG D 268 -12.73 24.47 -8.68
C ARG D 268 -11.35 23.99 -9.09
N GLN D 269 -11.28 23.07 -10.03
CA GLN D 269 -9.99 22.61 -10.51
C GLN D 269 -9.21 23.78 -11.12
N GLY D 270 -9.86 24.61 -11.90
CA GLY D 270 -9.17 25.74 -12.49
C GLY D 270 -8.67 26.76 -11.47
N ASP D 271 -9.42 26.97 -10.41
CA ASP D 271 -8.96 27.79 -9.28
C ASP D 271 -7.71 27.23 -8.62
N ARG D 272 -7.63 25.90 -8.50
CA ARG D 272 -6.45 25.23 -7.96
C ARG D 272 -5.29 25.34 -8.92
N GLU D 273 -5.53 25.16 -10.22
CA GLU D 273 -4.50 25.35 -11.25
C GLU D 273 -3.95 26.80 -11.23
N ARG D 274 -4.85 27.78 -11.20
CA ARG D 274 -4.47 29.19 -11.16
C ARG D 274 -3.63 29.53 -9.92
N GLU D 275 -4.09 29.12 -8.73
CA GLU D 275 -3.35 29.29 -7.44
C GLU D 275 -1.93 28.78 -7.52
N ARG D 276 -1.77 27.68 -8.23
CA ARG D 276 -0.50 26.97 -8.32
C ARG D 276 0.35 27.40 -9.49
N GLY D 277 -0.13 28.35 -10.31
CA GLY D 277 0.64 28.77 -11.48
C GLY D 277 0.62 27.82 -12.63
N MET D 278 -0.33 26.88 -12.67
CA MET D 278 -0.41 25.90 -13.75
C MET D 278 -1.27 26.47 -14.84
N GLU D 279 -1.10 25.95 -16.04
CA GLU D 279 -2.02 26.24 -17.14
C GLU D 279 -3.43 25.78 -16.75
N ILE D 280 -4.45 26.61 -16.97
CA ILE D 280 -5.80 26.26 -16.61
C ILE D 280 -6.39 25.36 -17.70
N SER D 281 -6.96 24.21 -17.29
CA SER D 281 -7.45 23.23 -18.25
C SER D 281 -8.67 23.75 -19.02
N PRO D 282 -8.97 23.16 -20.14
CA PRO D 282 -10.14 23.49 -20.93
C PRO D 282 -11.42 23.45 -20.08
N MET D 283 -12.21 24.50 -20.18
CA MET D 283 -13.46 24.71 -19.45
C MET D 283 -13.36 24.94 -17.94
N CYS D 284 -12.17 25.11 -17.41
CA CYS D 284 -11.92 25.28 -16.01
C CYS D 284 -11.67 26.70 -15.54
N ASP D 285 -11.65 27.65 -16.45
CA ASP D 285 -11.40 29.04 -16.05
C ASP D 285 -12.72 29.79 -15.90
N LYS D 286 -13.13 30.01 -14.67
CA LYS D 286 -14.37 30.71 -14.39
C LYS D 286 -14.38 32.17 -14.89
N HIS D 287 -13.21 32.74 -15.16
CA HIS D 287 -13.13 34.12 -15.69
C HIS D 287 -13.16 34.17 -17.21
N ASN D 288 -13.01 33.02 -17.88
CA ASN D 288 -12.99 32.94 -19.33
C ASN D 288 -13.73 31.68 -19.78
N ALA D 289 -14.99 31.59 -19.40
CA ALA D 289 -15.80 30.40 -19.67
C ALA D 289 -16.92 30.72 -20.57
N SER D 290 -17.32 29.72 -21.34
CA SER D 290 -18.58 29.78 -22.04
C SER D 290 -19.31 28.48 -21.76
N VAL D 291 -20.07 28.43 -20.70
CA VAL D 291 -20.73 27.21 -20.25
C VAL D 291 -21.62 26.66 -21.35
N GLU D 292 -22.45 27.51 -21.93
CA GLU D 292 -23.40 27.13 -22.97
C GLU D 292 -22.74 26.63 -24.26
N LYS D 293 -21.76 27.39 -24.70
CA LYS D 293 -21.00 27.01 -25.87
C LYS D 293 -20.30 25.67 -25.61
N SER D 294 -19.73 25.50 -24.44
CA SER D 294 -19.12 24.26 -24.06
C SER D 294 -20.09 23.07 -24.11
N GLN D 295 -21.32 23.25 -23.67
CA GLN D 295 -22.29 22.16 -23.76
C GLN D 295 -22.61 21.79 -25.21
N VAL D 296 -22.75 22.80 -26.04
CA VAL D 296 -23.01 22.60 -27.44
C VAL D 296 -21.87 21.83 -28.08
N GLY D 297 -20.63 22.16 -27.74
CA GLY D 297 -19.47 21.47 -28.24
C GLY D 297 -19.37 20.05 -27.74
N PHE D 298 -19.68 19.85 -26.47
CA PHE D 298 -19.67 18.53 -25.86
C PHE D 298 -20.67 17.64 -26.60
N ILE D 299 -21.85 18.14 -26.88
CA ILE D 299 -22.84 17.41 -27.59
C ILE D 299 -22.40 17.12 -29.02
N ASP D 300 -22.03 18.17 -29.73
CA ASP D 300 -21.65 18.05 -31.14
C ASP D 300 -20.49 17.11 -31.39
N TYR D 301 -19.47 17.21 -30.55
CA TYR D 301 -18.25 16.46 -30.71
C TYR D 301 -18.08 15.13 -30.02
N ILE D 302 -18.79 14.93 -28.94
CA ILE D 302 -18.67 13.71 -28.15
C ILE D 302 -19.99 12.94 -27.95
N VAL D 303 -20.95 13.61 -27.36
CA VAL D 303 -22.20 12.98 -27.00
C VAL D 303 -23.09 12.52 -28.14
N HIS D 304 -23.32 13.40 -29.09
CA HIS D 304 -24.22 13.05 -30.22
C HIS D 304 -23.63 11.99 -31.13
N PRO D 305 -22.34 12.08 -31.47
CA PRO D 305 -21.79 10.97 -32.26
C PRO D 305 -21.92 9.60 -31.59
N LEU D 306 -21.69 9.54 -30.28
CA LEU D 306 -21.82 8.28 -29.57
C LEU D 306 -23.27 7.78 -29.54
N TRP D 307 -24.17 8.65 -29.10
CA TRP D 307 -25.58 8.24 -28.95
C TRP D 307 -26.29 7.95 -30.28
N GLU D 308 -25.89 8.65 -31.34
CA GLU D 308 -26.38 8.34 -32.68
C GLU D 308 -25.97 6.96 -33.07
N THR D 309 -24.74 6.57 -32.74
CA THR D 309 -24.27 5.24 -33.07
C THR D 309 -24.91 4.16 -32.20
N TRP D 310 -25.03 4.40 -30.89
CA TRP D 310 -25.78 3.50 -30.03
C TRP D 310 -27.22 3.31 -30.54
N ALA D 311 -27.87 4.43 -30.90
CA ALA D 311 -29.27 4.38 -31.40
C ALA D 311 -29.41 3.50 -32.63
N ASP D 312 -28.43 3.56 -33.52
CA ASP D 312 -28.38 2.65 -34.68
C ASP D 312 -28.26 1.21 -34.23
N LEU D 313 -27.38 0.94 -33.27
CA LEU D 313 -27.23 -0.42 -32.76
C LEU D 313 -28.54 -1.02 -32.22
N VAL D 314 -29.29 -0.23 -31.47
CA VAL D 314 -30.52 -0.75 -30.83
C VAL D 314 -31.80 -0.25 -31.51
N HIS D 315 -31.67 0.17 -32.78
CA HIS D 315 -32.76 0.84 -33.51
C HIS D 315 -34.08 0.05 -33.41
N PRO D 316 -35.23 0.70 -33.10
CA PRO D 316 -35.40 2.10 -32.84
C PRO D 316 -35.50 2.45 -31.34
N ASP D 317 -34.97 1.58 -30.47
CA ASP D 317 -35.23 1.71 -29.03
C ASP D 317 -34.82 3.05 -28.42
N ALA D 318 -33.78 3.68 -28.95
CA ALA D 318 -33.23 4.89 -28.34
C ALA D 318 -33.67 6.20 -29.03
N GLN D 319 -34.69 6.13 -29.89
CA GLN D 319 -35.14 7.32 -30.61
C GLN D 319 -35.54 8.48 -29.70
N ASP D 320 -36.27 8.21 -28.61
CA ASP D 320 -36.70 9.29 -27.72
C ASP D 320 -35.52 9.95 -26.99
N ILE D 321 -34.51 9.15 -26.70
CA ILE D 321 -33.30 9.65 -26.03
C ILE D 321 -32.57 10.58 -27.01
N LEU D 322 -32.40 10.16 -28.25
CA LEU D 322 -31.78 10.98 -29.26
C LEU D 322 -32.54 12.28 -29.54
N ASP D 323 -33.88 12.20 -29.57
CA ASP D 323 -34.70 13.39 -29.75
C ASP D 323 -34.51 14.38 -28.61
N THR D 324 -34.46 13.87 -27.37
CA THR D 324 -34.27 14.73 -26.21
C THR D 324 -32.91 15.43 -26.30
N LEU D 325 -31.88 14.66 -26.67
CA LEU D 325 -30.53 15.20 -26.84
C LEU D 325 -30.52 16.39 -27.83
N GLU D 326 -31.19 16.18 -28.96
CA GLU D 326 -31.25 17.22 -30.00
C GLU D 326 -32.01 18.46 -29.53
N ASP D 327 -33.12 18.25 -28.81
CA ASP D 327 -33.84 19.37 -28.19
C ASP D 327 -32.99 20.16 -27.16
N ASN D 328 -32.25 19.41 -26.34
CA ASN D 328 -31.44 20.03 -25.31
C ASN D 328 -30.29 20.84 -25.92
N ARG D 329 -29.72 20.32 -27.00
CA ARG D 329 -28.66 21.01 -27.68
C ARG D 329 -29.14 22.38 -28.18
N GLU D 330 -30.35 22.39 -28.76
CA GLU D 330 -30.97 23.65 -29.23
C GLU D 330 -31.23 24.60 -28.09
N TRP D 331 -31.66 24.07 -26.96
CA TRP D 331 -31.85 24.92 -25.82
C TRP D 331 -30.54 25.61 -25.40
N TYR D 332 -29.46 24.85 -25.26
CA TYR D 332 -28.18 25.46 -24.86
C TYR D 332 -27.66 26.47 -25.94
N GLN D 333 -27.77 26.08 -27.22
CA GLN D 333 -27.40 26.98 -28.34
C GLN D 333 -28.14 28.35 -28.20
N SER D 334 -29.41 28.30 -27.86
CA SER D 334 -30.22 29.50 -27.77
C SER D 334 -29.85 30.41 -26.60
N THR D 335 -29.09 29.90 -25.62
CA THR D 335 -28.68 30.68 -24.48
C THR D 335 -27.23 31.12 -24.54
N ILE D 336 -26.53 30.89 -25.66
CA ILE D 336 -25.14 31.33 -25.78
C ILE D 336 -25.07 32.90 -25.87
N PRO D 337 -24.36 33.58 -24.93
CA PRO D 337 -24.41 35.08 -24.87
C PRO D 337 -24.08 35.82 -26.16
ZN ZN E . 11.40 -14.46 15.82
MG MG F . 10.88 -10.76 15.15
C1 EDO G . 22.16 -7.13 15.82
O1 EDO G . 22.72 -5.98 16.50
C2 EDO G . 21.25 -6.62 14.70
O2 EDO G . 20.20 -5.89 15.34
C1 EDO H . 0.82 -16.64 -3.17
O1 EDO H . 0.83 -15.97 -1.91
C2 EDO H . 0.87 -15.48 -4.18
O2 EDO H . 2.09 -14.77 -3.89
C1 EDO I . 6.63 -0.93 -4.02
O1 EDO I . 7.73 -1.18 -3.13
C2 EDO I . 5.73 0.18 -3.47
O2 EDO I . 6.50 1.37 -3.22
C1 EDO J . 8.65 -31.24 26.69
O1 EDO J . 9.80 -32.05 26.42
C2 EDO J . 7.89 -31.59 27.96
O2 EDO J . 6.99 -32.65 27.64
C1 EDO K . -12.85 -18.41 -1.64
O1 EDO K . -13.86 -18.56 -0.63
C2 EDO K . -12.45 -16.92 -1.69
O2 EDO K . -11.24 -16.68 -0.95
C1 EDO L . -17.83 -24.99 19.18
O1 EDO L . -16.71 -24.13 19.42
C2 EDO L . -18.65 -24.25 18.14
O2 EDO L . -17.90 -24.15 16.88
C1 EDO M . -11.16 -9.22 24.56
O1 EDO M . -10.62 -10.53 24.58
C2 EDO M . -10.06 -8.35 24.01
O2 EDO M . -8.86 -8.89 24.54
C1 EDO N . -0.10 -15.24 38.68
O1 EDO N . -0.85 -16.12 39.52
C2 EDO N . -0.29 -13.78 39.08
O2 EDO N . -1.30 -13.59 40.06
C1 EDO O . 12.59 -40.08 15.37
O1 EDO O . 13.28 -38.92 15.84
C2 EDO O . 11.91 -40.78 16.53
O2 EDO O . 10.80 -39.99 16.97
C1 EDO P . 18.28 -28.20 6.77
O1 EDO P . 19.06 -27.40 7.69
C2 EDO P . 16.84 -27.69 6.67
O2 EDO P . 16.57 -27.12 5.37
C1 PEG Q . 16.81 -6.10 2.10
O1 PEG Q . 18.22 -5.95 2.16
C2 PEG Q . 16.37 -7.05 0.97
O2 PEG Q . 15.69 -8.22 1.48
C3 PEG Q . 16.46 -9.42 1.33
C4 PEG Q . 15.85 -10.65 2.01
O4 PEG Q . 15.27 -11.62 1.12
C1 D5T R . 21.06 -17.89 18.67
O1 D5T R . 21.49 -16.65 19.23
C2 D5T R . 20.70 -15.57 19.01
C3 D5T R . 19.40 -15.62 18.57
C4 D5T R . 18.67 -14.45 18.37
C5 D5T R . 19.25 -13.21 18.62
C6 D5T R . 18.46 -11.97 18.41
N1 D5T R . 19.08 -10.85 18.54
N2 D5T R . 18.30 -9.75 18.68
C7 D5T R . 18.85 -8.71 19.59
C8 D5T R . 18.93 -9.21 21.02
C9 D5T R . 19.56 -8.16 21.93
N3 D5T R . 20.85 -7.73 21.40
C10 D5T R . 22.01 -7.83 22.11
O2 D5T R . 23.10 -7.82 21.56
C11 D5T R . 21.92 -7.95 23.62
N4 D5T R . 23.22 -8.36 24.20
C12 D5T R . 23.86 -7.48 25.04
O3 D5T R . 23.23 -6.60 25.61
C13 D5T R . 25.34 -7.64 25.21
C14 D5T R . 26.01 -8.51 24.13
C15 D5T R . 27.45 -8.84 24.54
C16 D5T R . 26.03 -7.76 22.80
C17 D5T R . 25.19 -9.81 23.99
C18 D5T R . 23.72 -9.59 23.85
O4 D5T R . 22.97 -10.48 23.44
C19 D5T R . 20.78 -7.17 20.04
C20 D5T R . 20.20 -8.19 19.09
C21 D5T R . 17.10 -9.56 18.07
O5 D5T R . 16.49 -8.51 18.14
C22 D5T R . 16.62 -10.77 17.32
C23 D5T R . 15.11 -10.67 16.99
C24 D5T R . 14.26 -11.13 18.11
C25 D5T R . 14.72 -11.84 19.12
C26 D5T R . 16.16 -12.11 19.34
C27 D5T R . 16.99 -12.07 18.06
C28 D5T R . 20.57 -13.15 19.07
C29 D5T R . 21.29 -14.31 19.27
O6 D5T R . 22.59 -14.33 19.71
C30 D5T R . 23.27 -13.08 19.80
C1 EDO S . 7.26 -26.70 30.39
O1 EDO S . 7.73 -27.43 29.25
C2 EDO S . 8.05 -25.42 30.52
O2 EDO S . 7.27 -24.27 30.92
C1 EDO T . 14.87 -22.65 4.68
O1 EDO T . 16.17 -22.13 5.05
C2 EDO T . 14.26 -21.48 3.97
O2 EDO T . 12.94 -21.72 3.49
C1 EDO U . -16.71 -26.37 8.91
O1 EDO U . -15.82 -26.79 9.95
C2 EDO U . -15.94 -26.64 7.64
O2 EDO U . -16.85 -26.39 6.58
C1 EDO V . -13.78 -24.84 0.43
O1 EDO V . -13.58 -24.19 1.69
C2 EDO V . -14.14 -26.32 0.62
O2 EDO V . -14.19 -26.68 2.03
C1 EDO W . -9.74 -12.32 12.55
O1 EDO W . -10.55 -12.29 11.37
C2 EDO W . -8.36 -12.00 12.08
O2 EDO W . -8.22 -10.59 12.13
C1 EDO X . 11.06 -1.31 -2.06
O1 EDO X . 11.19 -0.67 -0.79
C2 EDO X . 10.60 -2.75 -1.89
O2 EDO X . 11.40 -3.39 -0.90
C1 EDO Y . -3.61 -3.38 20.35
O1 EDO Y . -4.09 -3.86 21.59
C2 EDO Y . -4.54 -3.47 19.15
O2 EDO Y . -5.95 -3.50 19.44
C1 EDO Z . 11.39 -0.11 18.60
O1 EDO Z . 11.47 -0.80 17.35
C2 EDO Z . 11.29 1.40 18.42
O2 EDO Z . 9.91 1.72 18.15
C1 EDO AA . 3.79 -3.98 24.78
O1 EDO AA . 4.89 -4.49 25.53
C2 EDO AA . 3.90 -4.44 23.33
O2 EDO AA . 2.63 -4.99 22.89
C1 EDO BA . 9.23 -21.47 2.65
O1 EDO BA . 8.59 -22.40 1.73
C2 EDO BA . 9.68 -20.15 2.10
O2 EDO BA . 9.12 -19.68 0.86
C1 EDO CA . 9.95 -16.97 -0.39
O1 EDO CA . 11.37 -17.30 -0.33
C2 EDO CA . 9.80 -15.50 -0.79
O2 EDO CA . 9.16 -14.68 0.21
ZN ZN DA . -6.96 17.61 15.96
MG MG EA . -6.42 13.79 15.51
C1 EDO FA . -16.83 10.04 20.05
O1 EDO FA . -17.22 8.99 20.93
C2 EDO FA . -16.50 9.42 18.70
O2 EDO FA . -15.31 8.65 18.92
C1 EDO GA . -20.41 26.45 13.71
O1 EDO GA . -21.38 27.01 14.61
C2 EDO GA . -20.01 27.45 12.62
O2 EDO GA . -18.58 27.72 12.61
C1 EDO HA . 1.72 20.90 -7.78
O1 EDO HA . 2.54 20.38 -6.77
C2 EDO HA . 1.72 22.39 -7.71
O2 EDO HA . 0.91 22.98 -8.72
C1 EDO IA . -25.56 25.15 23.79
O1 EDO IA . -25.37 23.73 23.74
C2 EDO IA . -26.18 25.58 25.13
O2 EDO IA . -27.57 25.88 24.93
C1 EDO JA . 9.76 7.91 15.67
O1 EDO JA . 11.17 8.08 15.44
C2 EDO JA . 9.55 7.12 16.95
O2 EDO JA . 10.22 7.90 17.97
C1 EDO KA . -27.54 -4.62 7.92
O1 EDO KA . -28.09 -4.25 6.66
C2 EDO KA . -26.97 -3.36 8.53
O2 EDO KA . -27.00 -2.49 7.42
C1 PEG LA . -9.19 18.82 37.84
O1 PEG LA . -8.53 19.58 36.81
C2 PEG LA . -10.55 18.25 37.36
O2 PEG LA . -11.36 19.21 36.63
C3 PEG LA . -12.27 20.00 37.44
C4 PEG LA . -12.57 21.42 36.93
O4 PEG LA . -13.17 21.53 35.59
N1 EPE MA . 14.15 24.20 -9.79
C2 EPE MA . 12.80 24.75 -9.79
C3 EPE MA . 12.62 25.73 -8.64
N4 EPE MA . 12.83 25.00 -7.37
C5 EPE MA . 14.21 24.52 -7.35
C6 EPE MA . 14.46 23.58 -8.50
C7 EPE MA . 12.48 25.72 -6.13
C8 EPE MA . 12.10 27.17 -6.25
O8 EPE MA . 11.06 27.40 -7.18
C9 EPE MA . 14.24 23.16 -10.84
C10 EPE MA . 15.65 22.70 -11.01
S EPE MA . 15.93 21.88 -12.44
O1S EPE MA . 17.11 22.44 -13.04
O2S EPE MA . 14.87 22.05 -13.39
O3S EPE MA . 16.08 20.49 -12.15
C1 EDO NA . -5.65 -0.35 -2.78
O1 EDO NA . -5.97 -1.37 -1.82
C2 EDO NA . -6.95 0.38 -3.09
O2 EDO NA . -7.12 1.31 -2.03
C1 D5T OA . -15.45 21.09 21.33
O1 D5T OA . -15.62 19.88 22.05
C2 D5T OA . -14.80 18.83 21.73
C3 D5T OA . -13.67 18.90 20.92
C4 D5T OA . -12.93 17.76 20.65
C5 D5T OA . -13.30 16.53 21.20
C6 D5T OA . -12.51 15.30 21.01
N1 D5T OA . -12.88 14.23 21.63
N2 D5T OA . -12.06 13.12 21.51
C7 D5T OA . -12.28 12.09 22.56
C8 D5T OA . -12.14 12.68 23.96
C9 D5T OA . -12.29 11.58 24.98
N3 D5T OA . -13.64 10.99 24.87
C10 D5T OA . -14.52 10.97 25.92
O2 D5T OA . -15.60 10.39 25.81
C11 D5T OA . -14.21 11.70 27.21
N4 D5T OA . -15.44 12.18 27.91
C12 D5T OA . -15.95 11.46 28.96
O3 D5T OA . -15.23 10.94 29.78
C13 D5T OA . -17.44 11.32 29.02
C14 D5T OA . -18.26 12.58 28.68
C15 D5T OA . -19.01 13.05 29.93
C16 D5T OA . -19.29 12.25 27.60
C17 D5T OA . -17.33 13.71 28.19
C18 D5T OA . -16.10 13.28 27.43
O4 D5T OA . -15.71 13.87 26.43
C19 D5T OA . -13.90 10.43 23.55
C20 D5T OA . -13.63 11.41 22.40
C21 D5T OA . -11.20 12.86 20.50
O5 D5T OA . -10.60 11.79 20.40
C22 D5T OA . -11.10 13.96 19.50
C23 D5T OA . -9.84 13.90 18.63
C24 D5T OA . -8.65 14.52 19.30
C25 D5T OA . -8.71 15.19 20.42
C26 D5T OA . -9.99 15.61 21.07
C27 D5T OA . -11.25 15.33 20.19
C28 D5T OA . -14.43 16.46 22.02
C29 D5T OA . -15.17 17.59 22.30
O6 D5T OA . -16.33 17.63 23.04
C30 D5T OA . -16.70 16.48 23.81
C1 EDO PA . -0.08 30.38 27.66
O1 EDO PA . 1.12 29.63 27.50
C2 EDO PA . -0.19 31.51 26.68
O2 EDO PA . 1.14 31.83 26.31
C1 EDO QA . -31.96 9.46 11.44
O1 EDO QA . -32.34 10.75 11.06
C2 EDO QA . -32.94 9.01 12.49
O2 EDO QA . -32.31 7.99 13.19
C1 EDO RA . -14.90 34.10 14.93
O1 EDO RA . -13.97 34.19 13.86
C2 EDO RA . -16.27 34.61 14.53
O2 EDO RA . -16.81 33.88 13.41
C1 EDO SA . -13.87 24.44 5.73
O1 EDO SA . -13.32 23.47 4.84
C2 EDO SA . -14.81 23.70 6.63
O2 EDO SA . -15.73 23.01 5.80
H11 EDO SA . -13.07 24.92 6.31
H12 EDO SA . -14.40 25.21 5.16
HO1 EDO SA . -13.39 22.59 5.23
H21 EDO SA . -14.25 22.99 7.26
H22 EDO SA . -15.33 24.41 7.28
HO2 EDO SA . -15.77 23.44 4.94
C1 EDO TA . 1.98 -9.70 -0.16
O1 EDO TA . 3.02 -9.82 0.82
C2 EDO TA . 0.63 -9.66 0.52
O2 EDO TA . 0.80 -9.33 1.90
C1 EDO UA . 0.52 -5.99 3.79
O1 EDO UA . 1.37 -5.89 2.67
C2 EDO UA . -0.35 -4.75 3.81
O2 EDO UA . 0.46 -3.77 4.45
C1 EDO VA . 14.98 15.25 -21.80
O1 EDO VA . 14.19 15.46 -22.97
C2 EDO VA . 16.21 16.12 -21.81
O2 EDO VA . 15.79 17.48 -21.85
ZN ZN WA . 13.45 -10.81 -17.48
MG MG XA . 9.89 -10.01 -16.39
C1 EDO YA . 20.96 -11.59 -4.76
O1 EDO YA . 20.46 -11.01 -3.58
C2 EDO YA . 22.32 -10.95 -4.80
O2 EDO YA . 23.25 -11.64 -3.96
C1 EDO ZA . 4.90 -20.80 -17.64
O1 EDO ZA . 3.71 -21.31 -18.27
C2 EDO ZA . 4.59 -20.13 -16.28
O2 EDO ZA . 4.18 -18.80 -16.62
C1 EDO AB . 12.68 9.56 -12.40
O1 EDO AB . 11.65 9.18 -11.48
C2 EDO AB . 14.04 9.33 -11.79
O2 EDO AB . 14.17 10.15 -10.62
C1 EDO BB . 27.77 11.15 -2.29
O1 EDO BB . 28.08 10.97 -0.92
C2 EDO BB . 26.44 11.85 -2.35
O2 EDO BB . 26.64 13.23 -2.67
C1 EDO CB . 24.56 -6.91 -33.03
O1 EDO CB . 25.49 -6.12 -32.29
C2 EDO CB . 23.21 -6.80 -32.38
O2 EDO CB . 22.18 -6.17 -33.16
C1 EDO DB . 5.48 -10.22 -3.69
O1 EDO DB . 4.73 -11.39 -4.06
C2 EDO DB . 6.60 -10.01 -4.74
O2 EDO DB . 7.84 -10.66 -4.38
N1 EPE EB . 30.43 -21.57 -14.67
C2 EPE EB . 29.72 -22.79 -14.34
C3 EPE EB . 30.17 -23.47 -13.07
N4 EPE EB . 31.62 -23.61 -12.93
C5 EPE EB . 32.29 -22.36 -13.28
C6 EPE EB . 31.84 -21.90 -14.66
C7 EPE EB . 31.82 -24.06 -11.57
C8 EPE EB . 33.16 -23.66 -10.99
O8 EPE EB . 33.11 -23.90 -9.58
C9 EPE EB . 29.84 -21.14 -15.94
C10 EPE EB . 30.75 -20.46 -16.96
S EPE EB . 29.93 -19.36 -17.86
O1S EPE EB . 29.80 -18.16 -17.11
O2S EPE EB . 28.67 -19.88 -18.26
O3S EPE EB . 30.60 -19.20 -19.13
C1 D5T FB . 15.72 -20.38 -21.45
O1 D5T FB . 14.37 -20.71 -21.76
C2 D5T FB . 13.41 -19.81 -21.41
C3 D5T FB . 13.64 -18.54 -20.91
C4 D5T FB . 12.59 -17.69 -20.61
C5 D5T FB . 11.27 -18.10 -20.81
C6 D5T FB . 10.11 -17.21 -20.56
N1 D5T FB . 8.94 -17.65 -20.84
N2 D5T FB . 7.86 -16.84 -20.65
C7 D5T FB . 6.62 -17.22 -21.39
C8 D5T FB . 6.03 -18.51 -20.84
C9 D5T FB . 4.81 -18.97 -21.65
N3 D5T FB . 5.09 -18.99 -23.10
C10 D5T FB . 4.93 -20.08 -23.89
O2 D5T FB . 4.42 -21.12 -23.47
C11 D5T FB . 5.46 -20.10 -25.32
N4 D5T FB . 5.66 -21.50 -25.83
C12 D5T FB . 6.82 -22.15 -25.44
O3 D5T FB . 7.64 -21.60 -24.75
C13 D5T FB . 6.99 -23.60 -25.85
C14 D5T FB . 5.68 -24.36 -26.07
C15 D5T FB . 4.93 -24.55 -24.74
C16 D5T FB . 5.97 -25.73 -26.68
C17 D5T FB . 4.84 -23.50 -27.05
C18 D5T FB . 4.65 -22.08 -26.61
O4 D5T FB . 3.64 -21.45 -26.88
C19 D5T FB . 5.56 -17.68 -23.57
C20 D5T FB . 6.87 -17.34 -22.89
C21 D5T FB . 7.82 -15.78 -19.80
O5 D5T FB . 6.82 -15.10 -19.68
C22 D5T FB . 9.12 -15.51 -19.07
C23 D5T FB . 9.23 -14.10 -18.51
C24 D5T FB . 9.54 -13.10 -19.56
C25 D5T FB . 10.07 -13.40 -20.72
C26 D5T FB . 10.36 -14.80 -21.15
C27 D5T FB . 10.31 -15.81 -20.01
C28 D5T FB . 11.04 -19.37 -21.32
C29 D5T FB . 12.08 -20.22 -21.65
O6 D5T FB . 11.94 -21.48 -22.14
C30 D5T FB . 10.62 -22.02 -22.34
C1 EDO GB . 21.78 -15.93 -7.63
O1 EDO GB . 21.65 -15.00 -6.55
C2 EDO GB . 21.13 -17.23 -7.23
O2 EDO GB . 21.65 -18.29 -8.06
C1 EDO HB . 3.34 -15.38 -25.63
O1 EDO HB . 2.60 -15.78 -24.48
C2 EDO HB . 2.33 -14.91 -26.64
O2 EDO HB . 3.02 -14.39 -27.75
C1 EDO IB . -2.06 -7.27 -19.22
O1 EDO IB . -1.64 -6.82 -20.52
C2 EDO IB . -1.60 -8.72 -18.93
O2 EDO IB . -0.43 -8.90 -18.07
C1 EDO JB . -1.13 -13.29 -17.62
O1 EDO JB . -0.02 -13.56 -18.46
C2 EDO JB . -1.41 -11.83 -17.79
O2 EDO JB . -2.84 -11.80 -17.86
C1 EDO KB . 26.49 -22.73 -29.36
O1 EDO KB . 27.60 -21.85 -29.17
C2 EDO KB . 26.09 -22.99 -30.82
O2 EDO KB . 25.57 -24.33 -30.99
C1 EDO LB . -14.64 6.32 4.43
O1 EDO LB . -15.81 5.76 5.02
C2 EDO LB . -14.88 7.35 3.38
O2 EDO LB . -15.90 8.14 3.91
C1 EDO MB . -38.45 -16.68 -32.58
O1 EDO MB . -37.05 -16.67 -32.80
C2 EDO MB . -39.24 -17.06 -33.82
O2 EDO MB . -38.56 -17.71 -34.93
ZN ZN NB . -18.48 8.92 -14.33
MG MG OB . -14.65 8.46 -14.41
C1 EDO PB . -39.04 -1.27 -29.39
O1 EDO PB . -38.14 -0.24 -29.05
C2 EDO PB . -40.42 -0.99 -28.84
O2 EDO PB . -40.51 -1.32 -27.49
C1 EDO QB . -14.86 -13.26 -19.25
O1 EDO QB . -15.73 -14.36 -19.10
C2 EDO QB . -13.50 -13.85 -19.42
O2 EDO QB . -13.49 -14.61 -20.62
C1 EDO RB . -11.06 18.88 -16.93
O1 EDO RB . -10.25 17.89 -17.44
C2 EDO RB . -11.68 19.58 -18.11
O2 EDO RB . -10.73 19.92 -19.06
C1 EDO SB . -15.32 -11.24 -7.13
O1 EDO SB . -14.70 -11.96 -6.12
C2 EDO SB . -14.50 -10.05 -7.53
O2 EDO SB . -13.13 -10.36 -7.50
C1 PEG TB . -22.44 9.40 1.27
O1 PEG TB . -22.44 8.07 1.76
C2 PEG TB . -21.23 9.67 0.40
O2 PEG TB . -20.50 10.67 1.03
C3 PEG TB . -19.48 10.33 1.96
C4 PEG TB . -18.09 10.84 1.57
O4 PEG TB . -17.83 12.19 1.87
C1 PEG UB . -16.53 10.92 -34.55
O1 PEG UB . -16.54 11.57 -33.29
C2 PEG UB . -15.08 10.57 -34.89
O2 PEG UB . -14.95 9.15 -35.00
C3 PEG UB . -14.24 8.51 -33.93
C4 PEG UB . -14.26 7.00 -34.10
O4 PEG UB . -15.06 6.63 -35.23
C1 PEG VB . -16.80 -12.90 7.72
O1 PEG VB . -16.09 -13.80 8.54
C2 PEG VB . -15.98 -11.64 7.55
O2 PEG VB . -16.79 -10.51 7.31
C3 PEG VB . -16.23 -9.50 6.58
C4 PEG VB . -14.74 -9.60 6.52
O4 PEG VB . -13.88 -8.47 6.47
C1 D5T WB . -22.78 17.86 -18.13
O1 D5T WB . -21.76 18.08 -19.09
C2 D5T WB . -20.61 17.34 -18.98
C3 D5T WB . -20.54 16.11 -18.35
C4 D5T WB . -19.33 15.43 -18.28
C5 D5T WB . -18.19 15.97 -18.84
C6 D5T WB . -16.90 15.23 -18.76
N1 D5T WB . -15.86 15.81 -19.25
N2 D5T WB . -14.80 15.00 -19.48
C7 D5T WB . -13.99 15.35 -20.69
C8 D5T WB . -14.82 15.21 -21.96
C9 D5T WB . -14.02 15.62 -23.18
N3 D5T WB . -13.50 16.98 -23.01
C10 D5T WB . -13.77 17.99 -23.85
O2 D5T WB . -13.52 19.16 -23.57
C11 D5T WB . -14.42 17.67 -25.20
N4 D5T WB . -14.99 18.87 -25.82
C12 D5T WB . -14.42 19.33 -26.99
O3 D5T WB . -13.76 18.60 -27.69
C13 D5T WB . -14.64 20.77 -27.34
C14 D5T WB . -15.13 21.64 -26.17
C15 D5T WB . -14.01 21.83 -25.15
C16 D5T WB . -15.58 23.01 -26.68
C17 D5T WB . -16.32 20.92 -25.52
C18 D5T WB . -16.07 19.47 -25.20
O4 D5T WB . -16.77 18.84 -24.43
C19 D5T WB . -12.64 17.12 -21.82
C20 D5T WB . -13.40 16.75 -20.57
C21 D5T WB . -14.43 13.94 -18.71
O5 D5T WB . -13.39 13.31 -18.90
C22 D5T WB . -15.42 13.62 -17.63
C23 D5T WB . -15.20 12.22 -17.04
C24 D5T WB . -15.88 11.17 -17.85
C25 D5T WB . -16.81 11.42 -18.75
C26 D5T WB . -17.16 12.80 -19.17
C27 D5T WB . -16.86 13.87 -18.12
C28 D5T WB . -18.25 17.21 -19.47
C29 D5T WB . -19.45 17.89 -19.55
O6 D5T WB . -19.59 19.12 -20.15
C30 D5T WB . -18.46 19.64 -20.86
C1 EDO XB . -41.24 -10.10 -24.28
O1 EDO XB . -40.36 -9.03 -24.45
C2 EDO XB . -41.06 -10.70 -22.93
O2 EDO XB . -40.10 -11.69 -23.12
C1 EDO YB . -14.78 2.71 7.02
O1 EDO YB . -14.13 3.74 6.23
C2 EDO YB . -16.18 2.49 6.47
O2 EDO YB . -15.99 2.23 5.08
C1 EDO ZB . -7.53 -7.91 -16.87
O1 EDO ZB . -7.94 -9.23 -16.91
C2 EDO ZB . -8.46 -7.03 -17.71
O2 EDO ZB . -8.82 -7.59 -18.96
C1 EDO AC . -33.75 2.46 -24.70
O1 EDO AC . -34.17 2.79 -23.42
C2 EDO AC . -32.26 2.50 -24.68
O2 EDO AC . -31.67 1.71 -25.68
C1 EDO BC . -41.07 9.66 -14.87
O1 EDO BC . -40.70 10.86 -14.24
C2 EDO BC . -39.88 9.18 -15.60
O2 EDO BC . -40.03 9.65 -16.90
O1 PG4 CC . 9.48 7.68 -9.61
C1 PG4 CC . 8.23 7.42 -10.26
C2 PG4 CC . 8.47 6.35 -11.31
O2 PG4 CC . 7.30 5.58 -11.68
C3 PG4 CC . 7.47 4.19 -11.30
C4 PG4 CC . 6.24 3.36 -10.95
O3 PG4 CC . 5.82 2.40 -12.01
C5 PG4 CC . 5.03 1.26 -11.51
C6 PG4 CC . 3.73 1.65 -10.82
O4 PG4 CC . 3.88 2.30 -9.53
C7 PG4 CC . 3.28 1.58 -8.38
C8 PG4 CC . 3.48 2.13 -6.93
O5 PG4 CC . 3.97 3.51 -6.84
C1 EDO DC . -28.09 20.90 -8.16
O1 EDO DC . -28.26 19.54 -8.45
C2 EDO DC . -27.39 21.67 -9.28
O2 EDO DC . -28.16 22.80 -9.66
H11 EDO DC . -29.07 21.36 -7.98
H12 EDO DC . -27.51 21.00 -7.24
HO1 EDO DC . -28.06 19.01 -7.66
H21 EDO DC . -26.40 21.99 -8.93
H22 EDO DC . -27.24 21.01 -10.14
HO2 EDO DC . -28.27 23.39 -8.90
C1 EDO EC . -23.13 13.29 -1.80
O1 EDO EC . -22.44 12.95 -0.65
C2 EDO EC . -23.16 14.75 -2.09
O2 EDO EC . -24.30 14.89 -2.89
H11 EDO EC . -22.67 12.77 -2.65
H12 EDO EC . -24.16 12.92 -1.72
HO1 EDO EC . -22.68 12.05 -0.38
H21 EDO EC . -23.26 15.33 -1.17
H22 EDO EC . -22.27 15.06 -2.64
HO2 EDO EC . -24.07 15.34 -3.71
#